data_8ONK
#
_entry.id   8ONK
#
_cell.length_a   278.900
_cell.length_b   52.326
_cell.length_c   179.504
_cell.angle_alpha   90.000
_cell.angle_beta   101.140
_cell.angle_gamma   90.000
#
_symmetry.space_group_name_H-M   'C 1 2 1'
#
loop_
_entity.id
_entity.type
_entity.pdbx_description
1 polymer 'Heavy chain of analytical antibody S1 Fab'
2 polymer 'Light chain of analytical antibody S1 Fab'
3 polymer 'Insulin A chain'
4 polymer 'Insulin B chain'
5 polymer 'Light chain of analytical antibody HUI-001 Fab'
6 polymer 'Heavy chain of analytical antibody HUI-001 Fab'
#
loop_
_entity_poly.entity_id
_entity_poly.type
_entity_poly.pdbx_seq_one_letter_code
_entity_poly.pdbx_strand_id
1 'polypeptide(L)'
;EVRLQQSGPELVKPGASLKISCKASGYTFTDYNIHWLRQSHSKSLEWIGSIYPYNGRPGYNQKFKNKTTLTVDNSSSTAY
MELRGLTSDDSAVYFCARSRSYYNGSRDYWGQGTSLTVSSAKTTPPSVYPLAPGSAAQTNSMVTLGCLVKGYFPEPVTVT
WNSGSLSSGVHTFPAVLQSDLYTLSSSVTVPSSTWPSETVTCNVAHPASSTKVDKKIVPRDCG
;
H,C
2 'polypeptide(L)'
;QIVLTQSPAIMSASPGEKVTMTCSASSSVNYMYWYQQKPGSSPRLLIYDTSNLASGVPVRFSGSGSGTSFSLTISRMEAE
DAATYFCQQWSSYPLTFGAGTNLELKRADAAPTVSIFPPSSEQLTSGGASVVCFLNNFYPKDINVKWKIDGSERQNGVLN
SWTDQDSKDSTYSMSSTLTLTKDEYERHNSYTCEATHKTSTSPIVKSFNRNEC
;
L,E
3 'polypeptide(L)' GIVEQCCTSICSLYQLENYCN I,D
4 'polypeptide(L)' FVNQHLCGSHLVEALYLVCGERGFFYTPKT B,A
5 'polypeptide(L)'
;QIVLTQSPAIMSASLGERVTMTCTATSSVSSSYFHWFQQKPGSSPKLWIYSTSNLASGVPTRFSGSGSGTSYSLTISGME
AEDAATYYCHQYHRSPPTFGAGTKLELKRADAAPTVSIFPPSSEQLTSGGASVVCFLNNFYPKDINVKWKIDGSERQNGV
LNSWTDQDSKDSTYSMSSTLTLTKDEYERHNSYTCEATHKTSTSPIVKSFNRNEC
;
F,J
6 'polypeptide(L)'
;QIQLVQSGPELKKPGETVKISCKASGYTFTDYSMHWVKQAPGKGLKWIGWINTETGAPTYADDFKGRFALSLETSASSAF
LQINNLKNEDTATYFCASGIRHAMDYWGQGTSVTVSAAKTTPPSVYPLAPGSAAQTNSMVTLGCLVKGYFPEPVTVTWNS
GSLSSGVHTFPAVLQSDLYTLSSSVTVPSSTWPSETVTCNVAHPASSTKVDKKIVPRDCG
;
G,K
#
# COMPACT_ATOMS: atom_id res chain seq x y z
N GLU A 1 -14.45 -10.08 46.42
CA GLU A 1 -14.09 -10.11 45.01
C GLU A 1 -13.44 -8.80 44.58
N VAL A 2 -12.19 -8.88 44.12
CA VAL A 2 -11.45 -7.70 43.71
C VAL A 2 -11.88 -7.31 42.29
N ARG A 3 -12.36 -6.07 42.15
CA ARG A 3 -12.83 -5.56 40.86
C ARG A 3 -12.21 -4.19 40.61
N LEU A 4 -11.64 -4.01 39.42
CA LEU A 4 -11.08 -2.73 39.01
C LEU A 4 -11.99 -2.14 37.95
N GLN A 5 -12.54 -0.96 38.23
CA GLN A 5 -13.45 -0.27 37.34
C GLN A 5 -12.79 0.99 36.80
N GLN A 6 -12.76 1.12 35.48
CA GLN A 6 -12.17 2.28 34.81
C GLN A 6 -13.28 3.17 34.25
N SER A 7 -12.86 4.24 33.58
CA SER A 7 -13.81 5.17 32.98
C SER A 7 -14.25 4.67 31.61
N GLY A 8 -15.26 5.34 31.06
CA GLY A 8 -15.79 4.98 29.76
C GLY A 8 -14.88 5.41 28.64
N PRO A 9 -15.32 5.14 27.41
CA PRO A 9 -14.52 5.54 26.24
C PRO A 9 -14.40 7.05 26.15
N GLU A 10 -13.21 7.51 25.78
CA GLU A 10 -12.89 8.93 25.72
C GLU A 10 -12.47 9.31 24.31
N LEU A 11 -12.97 10.45 23.85
CA LEU A 11 -12.61 10.99 22.53
C LEU A 11 -12.23 12.45 22.72
N VAL A 12 -10.95 12.76 22.54
CA VAL A 12 -10.43 14.10 22.77
C VAL A 12 -9.65 14.54 21.53
N LYS A 13 -9.40 15.86 21.44
CA LYS A 13 -8.68 16.49 20.34
C LYS A 13 -7.17 16.52 20.63
N PRO A 14 -6.35 16.55 19.58
CA PRO A 14 -4.90 16.57 19.81
C PRO A 14 -4.47 17.82 20.56
N GLY A 15 -3.39 17.67 21.33
CA GLY A 15 -2.86 18.75 22.14
C GLY A 15 -3.52 18.93 23.49
N ALA A 16 -4.72 18.38 23.69
CA ALA A 16 -5.42 18.52 24.95
C ALA A 16 -4.92 17.49 25.95
N SER A 17 -5.42 17.57 27.18
CA SER A 17 -5.07 16.65 28.25
C SER A 17 -6.30 15.85 28.68
N LEU A 18 -6.04 14.80 29.44
CA LEU A 18 -7.11 13.92 29.89
C LEU A 18 -6.59 13.06 31.05
N LYS A 19 -7.46 12.82 32.03
CA LYS A 19 -7.15 11.98 33.17
C LYS A 19 -8.08 10.78 33.18
N ILE A 20 -7.53 9.60 33.50
CA ILE A 20 -8.26 8.34 33.50
C ILE A 20 -8.25 7.79 34.91
N SER A 21 -9.42 7.39 35.40
CA SER A 21 -9.57 6.84 36.74
C SER A 21 -9.63 5.32 36.70
N CYS A 22 -9.38 4.71 37.87
CA CYS A 22 -9.42 3.26 38.01
C CYS A 22 -9.86 2.95 39.43
N LYS A 23 -11.15 2.68 39.61
CA LYS A 23 -11.71 2.44 40.94
C LYS A 23 -11.44 1.01 41.37
N ALA A 24 -10.95 0.85 42.60
CA ALA A 24 -10.61 -0.44 43.17
C ALA A 24 -11.56 -0.79 44.29
N SER A 25 -11.72 -2.09 44.54
CA SER A 25 -12.59 -2.59 45.59
C SER A 25 -12.27 -4.06 45.83
N GLY A 26 -12.68 -4.55 46.99
CA GLY A 26 -12.49 -5.95 47.34
C GLY A 26 -11.16 -6.27 47.98
N TYR A 27 -10.31 -5.28 48.23
CA TYR A 27 -9.00 -5.52 48.83
C TYR A 27 -8.51 -4.23 49.46
N THR A 28 -7.44 -4.34 50.25
CA THR A 28 -6.81 -3.18 50.85
C THR A 28 -6.07 -2.40 49.76
N PHE A 29 -6.64 -1.26 49.37
CA PHE A 29 -6.09 -0.49 48.25
C PHE A 29 -4.68 0.00 48.54
N THR A 30 -4.35 0.21 49.82
CA THR A 30 -3.04 0.75 50.20
C THR A 30 -1.93 -0.28 50.09
N ASP A 31 -2.25 -1.58 50.11
CA ASP A 31 -1.21 -2.59 50.18
C ASP A 31 -0.62 -2.92 48.81
N TYR A 32 -1.46 -3.02 47.78
CA TYR A 32 -1.04 -3.53 46.49
C TYR A 32 -0.75 -2.41 45.51
N ASN A 33 0.21 -2.65 44.61
CA ASN A 33 0.56 -1.70 43.59
C ASN A 33 -0.55 -1.58 42.56
N ILE A 34 -0.53 -0.49 41.80
CA ILE A 34 -1.46 -0.24 40.71
C ILE A 34 -0.65 0.03 39.46
N HIS A 35 -0.65 -0.92 38.53
CA HIS A 35 0.06 -0.78 37.27
C HIS A 35 -0.87 -0.24 36.18
N TRP A 36 -0.29 0.46 35.22
CA TRP A 36 -1.02 1.00 34.08
C TRP A 36 -0.39 0.49 32.80
N LEU A 37 -1.23 0.07 31.85
CA LEU A 37 -0.77 -0.49 30.60
C LEU A 37 -1.51 0.15 29.43
N ARG A 38 -0.91 0.07 28.25
CA ARG A 38 -1.46 0.64 27.03
C ARG A 38 -1.52 -0.43 25.96
N GLN A 39 -2.71 -0.65 25.42
CA GLN A 39 -2.95 -1.61 24.34
C GLN A 39 -3.25 -0.82 23.07
N SER A 40 -2.25 -0.71 22.19
CA SER A 40 -2.46 0.02 20.95
C SER A 40 -3.08 -0.89 19.90
N HIS A 41 -2.27 -1.42 18.99
CA HIS A 41 -2.77 -2.45 18.09
C HIS A 41 -2.93 -3.76 18.86
N SER A 42 -3.88 -4.57 18.41
CA SER A 42 -4.34 -5.78 19.12
C SER A 42 -3.23 -6.70 19.61
N LYS A 43 -2.00 -6.52 19.10
CA LYS A 43 -0.89 -7.41 19.46
C LYS A 43 0.28 -6.66 20.09
N SER A 44 0.02 -5.61 20.87
CA SER A 44 1.08 -4.88 21.57
C SER A 44 0.67 -4.53 22.99
N LEU A 45 1.61 -4.64 23.92
CA LEU A 45 1.36 -4.32 25.32
C LEU A 45 2.57 -3.57 25.88
N GLU A 46 2.38 -2.30 26.25
CA GLU A 46 3.44 -1.46 26.79
C GLU A 46 3.12 -1.10 28.23
N TRP A 47 4.10 -1.26 29.11
CA TRP A 47 3.93 -0.94 30.53
C TRP A 47 4.17 0.55 30.76
N ILE A 48 3.13 1.27 31.19
CA ILE A 48 3.24 2.70 31.42
C ILE A 48 4.02 2.98 32.70
N GLY A 49 3.50 2.52 33.84
CA GLY A 49 4.16 2.75 35.11
C GLY A 49 3.34 2.17 36.24
N SER A 50 3.91 2.27 37.44
CA SER A 50 3.28 1.77 38.65
C SER A 50 3.21 2.88 39.69
N ILE A 51 2.48 2.61 40.78
CA ILE A 51 2.33 3.57 41.85
C ILE A 51 2.02 2.81 43.13
N TYR A 52 2.61 3.27 44.23
CA TYR A 52 2.34 2.68 45.54
C TYR A 52 1.30 3.53 46.24
N PRO A 53 0.05 3.07 46.39
CA PRO A 53 -1.00 3.92 46.96
C PRO A 53 -0.78 4.30 48.41
N TYR A 54 0.17 3.67 49.11
CA TYR A 54 0.41 4.00 50.51
C TYR A 54 0.96 5.41 50.66
N ASN A 55 2.04 5.72 49.94
CA ASN A 55 2.65 7.04 49.99
C ASN A 55 2.51 7.82 48.69
N GLY A 56 2.02 7.20 47.62
CA GLY A 56 1.86 7.88 46.36
C GLY A 56 3.11 7.96 45.51
N ARG A 57 4.12 7.15 45.79
CA ARG A 57 5.36 7.18 45.02
C ARG A 57 5.18 6.40 43.72
N PRO A 58 5.33 7.03 42.56
CA PRO A 58 5.16 6.30 41.30
C PRO A 58 6.47 5.93 40.64
N GLY A 59 6.43 4.96 39.73
CA GLY A 59 7.58 4.57 38.94
C GLY A 59 7.25 4.54 37.46
N TYR A 60 7.83 5.45 36.69
CA TYR A 60 7.46 5.64 35.30
C TYR A 60 8.47 4.97 34.37
N ASN A 61 7.99 4.58 33.19
CA ASN A 61 8.84 4.13 32.12
C ASN A 61 9.42 5.33 31.39
N GLN A 62 10.67 5.20 30.94
CA GLN A 62 11.35 6.31 30.29
C GLN A 62 10.64 6.75 29.01
N LYS A 63 9.89 5.84 28.37
CA LYS A 63 9.19 6.21 27.14
C LYS A 63 7.98 7.09 27.43
N PHE A 64 7.28 6.83 28.52
CA PHE A 64 6.08 7.57 28.89
C PHE A 64 6.31 8.50 30.08
N LYS A 65 7.55 8.67 30.51
CA LYS A 65 7.83 9.51 31.67
C LYS A 65 7.46 10.97 31.44
N ASN A 66 7.61 11.44 30.20
CA ASN A 66 7.42 12.86 29.92
C ASN A 66 5.95 13.26 29.89
N LYS A 67 5.08 12.39 29.36
CA LYS A 67 3.69 12.74 29.09
C LYS A 67 2.72 11.85 29.85
N THR A 68 3.04 11.53 31.10
CA THR A 68 2.15 10.74 31.95
C THR A 68 2.36 11.12 33.40
N THR A 69 1.26 11.26 34.13
CA THR A 69 1.28 11.59 35.56
C THR A 69 0.35 10.64 36.29
N LEU A 70 0.90 9.92 37.28
CA LEU A 70 0.14 8.96 38.06
C LEU A 70 -0.16 9.56 39.42
N THR A 71 -1.44 9.78 39.71
CA THR A 71 -1.90 10.23 41.01
C THR A 71 -2.75 9.14 41.66
N VAL A 72 -3.05 9.33 42.94
CA VAL A 72 -3.80 8.35 43.71
C VAL A 72 -4.63 9.08 44.76
N ASP A 73 -5.71 8.43 45.18
CA ASP A 73 -6.61 8.98 46.19
C ASP A 73 -6.83 7.91 47.26
N ASN A 74 -6.28 8.14 48.45
CA ASN A 74 -6.41 7.16 49.53
C ASN A 74 -7.82 7.10 50.09
N SER A 75 -8.55 8.22 50.04
CA SER A 75 -9.89 8.26 50.63
C SER A 75 -10.89 7.48 49.79
N SER A 76 -10.87 7.67 48.48
CA SER A 76 -11.80 7.00 47.58
C SER A 76 -11.28 5.68 47.06
N SER A 77 -10.07 5.28 47.43
CA SER A 77 -9.47 4.02 46.99
C SER A 77 -9.46 3.92 45.47
N THR A 78 -9.04 5.01 44.83
CA THR A 78 -9.05 5.11 43.37
C THR A 78 -7.68 5.58 42.88
N ALA A 79 -7.21 4.96 41.80
CA ALA A 79 -5.99 5.37 41.14
C ALA A 79 -6.31 6.14 39.87
N TYR A 80 -5.45 7.10 39.54
CA TYR A 80 -5.68 7.99 38.40
C TYR A 80 -4.43 8.07 37.55
N MET A 81 -4.64 8.29 36.25
CA MET A 81 -3.55 8.49 35.29
C MET A 81 -3.94 9.60 34.34
N GLU A 82 -3.14 10.66 34.31
CA GLU A 82 -3.38 11.82 33.46
C GLU A 82 -2.33 11.86 32.36
N LEU A 83 -2.79 11.98 31.11
CA LEU A 83 -1.92 12.04 29.94
C LEU A 83 -1.96 13.44 29.35
N ARG A 84 -0.79 14.04 29.16
CA ARG A 84 -0.67 15.37 28.61
C ARG A 84 -0.06 15.32 27.22
N GLY A 85 -0.47 16.25 26.37
CA GLY A 85 0.02 16.30 25.00
C GLY A 85 -0.40 15.08 24.20
N LEU A 86 -1.70 14.83 24.13
CA LEU A 86 -2.21 13.66 23.45
C LEU A 86 -2.16 13.85 21.94
N THR A 87 -1.57 12.90 21.24
CA THR A 87 -1.50 12.88 19.79
C THR A 87 -2.23 11.65 19.26
N SER A 88 -2.33 11.55 17.93
CA SER A 88 -2.96 10.39 17.33
C SER A 88 -2.21 9.10 17.61
N ASP A 89 -0.92 9.19 17.96
CA ASP A 89 -0.16 8.01 18.36
C ASP A 89 -0.53 7.52 19.75
N ASP A 90 -1.22 8.33 20.55
CA ASP A 90 -1.65 7.93 21.88
C ASP A 90 -3.05 7.30 21.90
N SER A 91 -3.75 7.31 20.77
CA SER A 91 -5.08 6.70 20.68
C SER A 91 -4.96 5.20 20.86
N ALA A 92 -5.39 4.70 22.01
CA ALA A 92 -5.28 3.28 22.32
C ALA A 92 -6.24 2.95 23.45
N VAL A 93 -6.26 1.68 23.84
CA VAL A 93 -7.05 1.22 24.98
C VAL A 93 -6.11 1.01 26.16
N TYR A 94 -6.42 1.63 27.28
CA TYR A 94 -5.56 1.63 28.45
C TYR A 94 -6.17 0.78 29.56
N PHE A 95 -5.31 0.05 30.27
CA PHE A 95 -5.72 -0.85 31.34
C PHE A 95 -5.00 -0.48 32.63
N CYS A 96 -5.69 -0.69 33.75
CA CYS A 96 -5.09 -0.62 35.07
C CYS A 96 -5.10 -2.01 35.68
N ALA A 97 -3.93 -2.45 36.18
CA ALA A 97 -3.78 -3.81 36.67
C ALA A 97 -3.26 -3.80 38.09
N ARG A 98 -3.75 -4.73 38.90
CA ARG A 98 -3.30 -4.93 40.26
C ARG A 98 -2.44 -6.19 40.33
N SER A 99 -1.37 -6.13 41.12
CA SER A 99 -0.49 -7.27 41.27
C SER A 99 -1.22 -8.44 41.92
N ARG A 100 -0.71 -9.64 41.69
CA ARG A 100 -1.29 -10.82 42.30
C ARG A 100 -1.14 -10.77 43.82
N SER A 101 -1.98 -11.54 44.50
CA SER A 101 -1.96 -11.57 45.96
C SER A 101 -0.65 -12.16 46.46
N TYR A 102 -0.32 -11.82 47.71
CA TYR A 102 0.95 -12.23 48.29
C TYR A 102 0.90 -13.69 48.72
N TYR A 103 2.06 -14.35 48.62
CA TYR A 103 2.22 -15.76 48.97
C TYR A 103 1.30 -16.65 48.13
N ASN A 104 0.14 -17.00 48.69
CA ASN A 104 -0.81 -17.87 47.99
C ASN A 104 -1.71 -17.12 47.03
N GLY A 105 -1.14 -16.21 46.23
CA GLY A 105 -1.91 -15.46 45.26
C GLY A 105 -1.68 -15.92 43.83
N SER A 106 -2.72 -16.49 43.22
CA SER A 106 -2.62 -17.03 41.87
C SER A 106 -3.63 -16.37 40.93
N ARG A 107 -3.90 -15.08 41.14
CA ARG A 107 -4.85 -14.36 40.29
C ARG A 107 -4.58 -12.88 40.42
N ASP A 108 -4.27 -12.23 39.30
CA ASP A 108 -4.20 -10.78 39.25
C ASP A 108 -5.55 -10.23 38.81
N TYR A 109 -5.64 -8.91 38.68
CA TYR A 109 -6.90 -8.27 38.33
C TYR A 109 -6.63 -7.13 37.36
N TRP A 110 -7.36 -7.13 36.25
CA TRP A 110 -7.24 -6.11 35.22
C TRP A 110 -8.57 -5.37 35.06
N GLY A 111 -8.49 -4.12 34.64
CA GLY A 111 -9.67 -3.32 34.40
C GLY A 111 -10.40 -3.77 33.14
N GLN A 112 -11.55 -3.15 32.91
CA GLN A 112 -12.35 -3.44 31.73
C GLN A 112 -11.85 -2.74 30.48
N GLY A 113 -10.93 -1.77 30.63
CA GLY A 113 -10.38 -1.07 29.49
C GLY A 113 -10.97 0.31 29.29
N THR A 114 -10.13 1.27 28.92
CA THR A 114 -10.55 2.64 28.62
C THR A 114 -10.13 2.96 27.20
N SER A 115 -11.10 3.00 26.29
CA SER A 115 -10.83 3.29 24.88
C SER A 115 -10.59 4.79 24.70
N LEU A 116 -9.38 5.14 24.28
CA LEU A 116 -9.00 6.54 24.08
C LEU A 116 -8.76 6.77 22.60
N THR A 117 -9.34 7.84 22.06
CA THR A 117 -9.20 8.18 20.65
C THR A 117 -8.89 9.67 20.53
N VAL A 118 -7.71 9.98 20.00
CA VAL A 118 -7.29 11.36 19.78
C VAL A 118 -7.52 11.68 18.30
N SER A 119 -8.49 12.55 18.03
CA SER A 119 -8.80 12.93 16.66
C SER A 119 -9.48 14.29 16.68
N SER A 120 -9.09 15.14 15.73
CA SER A 120 -9.67 16.47 15.61
C SER A 120 -10.89 16.51 14.70
N ALA A 121 -11.39 15.34 14.29
CA ALA A 121 -12.56 15.28 13.43
C ALA A 121 -13.84 15.50 14.24
N LYS A 122 -14.91 15.85 13.53
CA LYS A 122 -16.21 16.09 14.12
C LYS A 122 -17.15 14.93 13.79
N THR A 123 -18.34 14.98 14.37
CA THR A 123 -19.34 13.95 14.13
C THR A 123 -19.85 14.05 12.71
N THR A 124 -19.78 12.93 11.98
CA THR A 124 -20.20 12.88 10.59
C THR A 124 -21.09 11.66 10.37
N PRO A 125 -22.28 11.83 9.80
CA PRO A 125 -23.14 10.68 9.58
C PRO A 125 -22.61 9.82 8.44
N PRO A 126 -22.86 8.52 8.45
CA PRO A 126 -22.33 7.64 7.41
C PRO A 126 -23.10 7.76 6.11
N SER A 127 -22.36 7.63 5.01
CA SER A 127 -22.94 7.60 3.67
C SER A 127 -23.05 6.16 3.22
N VAL A 128 -24.27 5.73 2.90
CA VAL A 128 -24.56 4.34 2.58
C VAL A 128 -24.68 4.18 1.07
N TYR A 129 -23.99 3.19 0.52
CA TYR A 129 -24.03 2.91 -0.90
C TYR A 129 -24.30 1.42 -1.10
N PRO A 130 -25.28 1.05 -1.91
CA PRO A 130 -25.57 -0.38 -2.13
C PRO A 130 -24.55 -1.01 -3.07
N LEU A 131 -24.26 -2.29 -2.80
CA LEU A 131 -23.32 -3.07 -3.59
C LEU A 131 -24.08 -4.20 -4.25
N ALA A 132 -24.15 -4.18 -5.59
CA ALA A 132 -24.85 -5.20 -6.36
C ALA A 132 -24.07 -5.48 -7.64
N PRO A 133 -23.99 -6.75 -8.06
CA PRO A 133 -23.29 -7.12 -9.29
C PRO A 133 -24.03 -6.69 -10.55
N SER A 141 -26.73 -19.76 -8.09
CA SER A 141 -26.52 -20.49 -6.85
C SER A 141 -26.69 -19.57 -5.64
N MET A 142 -25.57 -19.07 -5.13
CA MET A 142 -25.56 -18.16 -3.98
C MET A 142 -25.09 -16.79 -4.46
N VAL A 143 -25.95 -15.78 -4.31
CA VAL A 143 -25.65 -14.42 -4.72
C VAL A 143 -25.21 -13.63 -3.50
N THR A 144 -23.96 -13.18 -3.51
CA THR A 144 -23.41 -12.40 -2.41
C THR A 144 -23.64 -10.92 -2.69
N LEU A 145 -24.22 -10.20 -1.74
CA LEU A 145 -24.48 -8.78 -1.84
C LEU A 145 -23.53 -8.03 -0.90
N GLY A 146 -23.85 -6.76 -0.65
CA GLY A 146 -23.00 -5.95 0.22
C GLY A 146 -23.67 -4.63 0.54
N CYS A 147 -23.02 -3.89 1.43
CA CYS A 147 -23.50 -2.58 1.84
C CYS A 147 -22.29 -1.75 2.26
N LEU A 148 -22.09 -0.62 1.58
CA LEU A 148 -20.90 0.22 1.79
C LEU A 148 -21.23 1.33 2.79
N VAL A 149 -20.43 1.40 3.85
CA VAL A 149 -20.54 2.46 4.85
C VAL A 149 -19.24 3.26 4.79
N LYS A 150 -19.32 4.47 4.25
CA LYS A 150 -18.13 5.29 4.02
C LYS A 150 -18.33 6.69 4.59
N GLY A 151 -17.28 7.21 5.22
CA GLY A 151 -17.27 8.59 5.68
C GLY A 151 -18.14 8.83 6.90
N TYR A 152 -17.72 8.34 8.05
CA TYR A 152 -18.43 8.56 9.30
C TYR A 152 -17.43 8.68 10.44
N PHE A 153 -17.82 9.40 11.48
CA PHE A 153 -16.96 9.58 12.65
C PHE A 153 -17.84 9.94 13.84
N PRO A 154 -17.56 9.38 15.03
CA PRO A 154 -16.52 8.40 15.34
C PRO A 154 -17.03 6.97 15.34
N GLU A 155 -16.19 6.03 15.77
CA GLU A 155 -16.58 4.64 15.89
C GLU A 155 -17.55 4.45 17.05
N PRO A 156 -18.38 3.40 17.03
CA PRO A 156 -18.54 2.41 15.95
C PRO A 156 -19.87 2.57 15.22
N VAL A 157 -20.26 1.56 14.44
CA VAL A 157 -21.53 1.56 13.73
C VAL A 157 -21.98 0.11 13.59
N THR A 158 -23.27 -0.12 13.85
CA THR A 158 -23.86 -1.44 13.73
C THR A 158 -24.57 -1.58 12.39
N VAL A 159 -24.46 -2.77 11.79
CA VAL A 159 -25.05 -3.07 10.49
C VAL A 159 -25.88 -4.34 10.61
N THR A 160 -27.14 -4.27 10.20
CA THR A 160 -28.03 -5.42 10.21
C THR A 160 -28.66 -5.58 8.82
N TRP A 161 -29.15 -6.78 8.55
CA TRP A 161 -29.76 -7.12 7.27
C TRP A 161 -31.21 -7.53 7.51
N ASN A 162 -32.13 -6.83 6.87
CA ASN A 162 -33.57 -7.10 7.00
C ASN A 162 -34.02 -7.03 8.45
N SER A 163 -33.56 -6.01 9.16
CA SER A 163 -33.90 -5.76 10.57
C SER A 163 -33.52 -6.92 11.48
N GLY A 164 -32.56 -7.75 11.06
CA GLY A 164 -32.06 -8.84 11.87
C GLY A 164 -32.52 -10.22 11.46
N SER A 165 -33.50 -10.32 10.55
CA SER A 165 -33.98 -11.64 10.14
C SER A 165 -32.95 -12.36 9.29
N LEU A 166 -32.08 -11.62 8.60
CA LEU A 166 -31.00 -12.20 7.80
C LEU A 166 -29.74 -12.15 8.65
N SER A 167 -29.49 -13.21 9.41
CA SER A 167 -28.37 -13.28 10.32
C SER A 167 -27.30 -14.27 9.91
N SER A 168 -27.68 -15.37 9.26
CA SER A 168 -26.71 -16.39 8.86
C SER A 168 -26.08 -16.02 7.52
N GLY A 169 -24.75 -16.13 7.45
CA GLY A 169 -24.05 -15.83 6.22
C GLY A 169 -23.73 -14.37 6.00
N VAL A 170 -23.48 -13.62 7.06
CA VAL A 170 -23.13 -12.21 6.96
C VAL A 170 -21.70 -12.01 7.46
N HIS A 171 -21.04 -10.98 6.93
CA HIS A 171 -19.66 -10.68 7.31
C HIS A 171 -19.50 -9.16 7.29
N THR A 172 -19.51 -8.55 8.47
CA THR A 172 -19.25 -7.12 8.61
C THR A 172 -17.78 -6.91 8.93
N PHE A 173 -17.09 -6.18 8.05
CA PHE A 173 -15.65 -6.00 8.15
C PHE A 173 -15.31 -4.82 9.05
N PRO A 174 -14.16 -4.87 9.73
CA PRO A 174 -13.75 -3.74 10.56
C PRO A 174 -13.53 -2.48 9.74
N ALA A 175 -13.70 -1.33 10.38
CA ALA A 175 -13.51 -0.05 9.72
C ALA A 175 -12.03 0.25 9.56
N VAL A 176 -11.74 1.20 8.65
CA VAL A 176 -10.37 1.63 8.39
C VAL A 176 -10.35 3.14 8.35
N LEU A 177 -9.22 3.71 8.78
CA LEU A 177 -9.05 5.16 8.84
C LEU A 177 -8.71 5.67 7.44
N GLN A 178 -9.72 6.20 6.75
CA GLN A 178 -9.57 6.71 5.39
C GLN A 178 -9.81 8.22 5.41
N SER A 179 -8.73 8.99 5.28
CA SER A 179 -8.79 10.45 5.27
C SER A 179 -9.45 10.99 6.53
N ASP A 180 -8.90 10.57 7.68
CA ASP A 180 -9.39 10.97 9.00
C ASP A 180 -10.85 10.59 9.24
N LEU A 181 -11.35 9.59 8.51
CA LEU A 181 -12.70 9.11 8.68
C LEU A 181 -12.70 7.59 8.62
N TYR A 182 -13.77 6.99 9.12
CA TYR A 182 -13.91 5.54 9.17
C TYR A 182 -14.76 5.05 8.00
N THR A 183 -14.48 3.83 7.56
CA THR A 183 -15.19 3.24 6.43
C THR A 183 -15.10 1.72 6.52
N LEU A 184 -16.25 1.05 6.40
CA LEU A 184 -16.31 -0.40 6.44
C LEU A 184 -17.37 -0.88 5.47
N SER A 185 -17.36 -2.20 5.23
CA SER A 185 -18.34 -2.85 4.37
C SER A 185 -18.91 -4.07 5.09
N SER A 186 -20.12 -4.45 4.69
CA SER A 186 -20.81 -5.60 5.25
C SER A 186 -21.39 -6.44 4.13
N SER A 187 -21.08 -7.74 4.14
CA SER A 187 -21.50 -8.66 3.10
C SER A 187 -22.61 -9.57 3.62
N VAL A 188 -23.33 -10.17 2.68
CA VAL A 188 -24.41 -11.11 3.00
C VAL A 188 -24.56 -12.07 1.82
N THR A 189 -24.83 -13.34 2.14
CA THR A 189 -24.97 -14.39 1.14
C THR A 189 -26.37 -14.99 1.27
N VAL A 190 -27.21 -14.75 0.27
CA VAL A 190 -28.56 -15.28 0.25
C VAL A 190 -28.73 -16.12 -1.01
N PRO A 191 -29.64 -17.09 -1.03
CA PRO A 191 -29.83 -17.90 -2.23
C PRO A 191 -30.33 -17.06 -3.40
N SER A 192 -30.06 -17.56 -4.61
CA SER A 192 -30.46 -16.85 -5.82
C SER A 192 -31.97 -16.75 -5.96
N SER A 193 -32.73 -17.65 -5.34
CA SER A 193 -34.18 -17.57 -5.37
C SER A 193 -34.73 -16.49 -4.45
N THR A 194 -33.91 -15.92 -3.58
CA THR A 194 -34.35 -14.86 -2.67
C THR A 194 -34.18 -13.48 -3.27
N TRP A 195 -33.09 -13.27 -4.01
CA TRP A 195 -32.79 -11.98 -4.61
C TRP A 195 -32.63 -12.11 -6.12
N PRO A 196 -33.21 -11.19 -6.90
CA PRO A 196 -34.00 -10.03 -6.48
C PRO A 196 -35.49 -10.33 -6.37
N SER A 197 -35.87 -11.58 -6.09
CA SER A 197 -37.29 -11.90 -5.96
C SER A 197 -37.88 -11.34 -4.68
N GLU A 198 -37.07 -11.15 -3.65
CA GLU A 198 -37.52 -10.59 -2.39
C GLU A 198 -36.63 -9.41 -2.00
N THR A 199 -37.10 -8.63 -1.05
CA THR A 199 -36.41 -7.41 -0.65
C THR A 199 -35.30 -7.73 0.35
N VAL A 200 -34.08 -7.31 0.03
CA VAL A 200 -32.93 -7.45 0.91
C VAL A 200 -32.39 -6.05 1.19
N THR A 201 -32.45 -5.63 2.45
CA THR A 201 -32.08 -4.27 2.82
C THR A 201 -31.07 -4.31 3.96
N CYS A 202 -30.02 -3.51 3.84
CA CYS A 202 -29.02 -3.36 4.90
C CYS A 202 -29.37 -2.16 5.76
N ASN A 203 -29.34 -2.35 7.07
CA ASN A 203 -29.71 -1.31 8.03
C ASN A 203 -28.49 -0.93 8.86
N VAL A 204 -28.07 0.32 8.76
CA VAL A 204 -26.94 0.84 9.54
C VAL A 204 -27.47 1.84 10.54
N ALA A 205 -26.73 2.02 11.64
CA ALA A 205 -27.13 2.93 12.70
C ALA A 205 -25.89 3.58 13.29
N HIS A 206 -25.84 4.91 13.24
CA HIS A 206 -24.75 5.67 13.83
C HIS A 206 -25.27 6.41 15.06
N PRO A 207 -25.12 5.86 16.27
CA PRO A 207 -25.66 6.53 17.45
C PRO A 207 -25.00 7.85 17.77
N ALA A 208 -23.77 8.08 17.31
CA ALA A 208 -23.09 9.34 17.57
C ALA A 208 -23.75 10.52 16.86
N SER A 209 -24.47 10.27 15.77
CA SER A 209 -25.16 11.31 15.03
C SER A 209 -26.66 11.04 14.88
N SER A 210 -27.18 10.01 15.55
CA SER A 210 -28.58 9.64 15.48
C SER A 210 -29.02 9.40 14.04
N THR A 211 -28.21 8.63 13.31
CA THR A 211 -28.44 8.33 11.90
C THR A 211 -28.90 6.88 11.77
N LYS A 212 -30.07 6.69 11.16
CA LYS A 212 -30.63 5.36 10.88
C LYS A 212 -31.06 5.37 9.42
N VAL A 213 -30.18 4.89 8.54
CA VAL A 213 -30.40 4.91 7.10
C VAL A 213 -30.47 3.48 6.60
N ASP A 214 -31.49 3.18 5.81
CA ASP A 214 -31.65 1.88 5.17
C ASP A 214 -31.47 2.02 3.66
N LYS A 215 -30.84 1.03 3.05
CA LYS A 215 -30.55 1.04 1.62
C LYS A 215 -30.92 -0.31 1.02
N LYS A 216 -31.90 -0.33 0.13
CA LYS A 216 -32.31 -1.55 -0.53
C LYS A 216 -31.36 -1.87 -1.68
N ILE A 217 -31.02 -3.16 -1.82
CA ILE A 217 -30.13 -3.62 -2.87
C ILE A 217 -30.95 -3.97 -4.10
N VAL A 218 -30.72 -3.23 -5.19
CA VAL A 218 -31.44 -3.46 -6.44
C VAL A 218 -30.44 -3.86 -7.52
N PRO A 219 -30.84 -4.66 -8.50
CA PRO A 219 -29.90 -5.02 -9.57
C PRO A 219 -29.66 -3.87 -10.52
N ARG A 220 -28.49 -3.88 -11.14
CA ARG A 220 -28.09 -2.85 -12.09
C ARG A 220 -28.21 -3.37 -13.52
N ASP A 221 -28.00 -2.47 -14.47
CA ASP A 221 -28.08 -2.81 -15.88
C ASP A 221 -26.72 -2.70 -16.56
N GLN B 1 14.04 -2.68 28.36
CA GLN B 1 15.19 -2.85 27.50
C GLN B 1 15.27 -4.29 26.97
N ILE B 2 14.80 -5.25 27.76
CA ILE B 2 14.79 -6.63 27.34
C ILE B 2 13.75 -6.84 26.25
N VAL B 3 14.16 -7.42 25.14
CA VAL B 3 13.29 -7.64 24.00
C VAL B 3 12.75 -9.07 24.08
N LEU B 4 11.42 -9.21 24.11
CA LEU B 4 10.78 -10.52 24.15
C LEU B 4 10.33 -10.89 22.74
N THR B 5 11.01 -11.86 22.14
CA THR B 5 10.72 -12.31 20.79
C THR B 5 9.94 -13.62 20.86
N GLN B 6 8.64 -13.57 20.58
CA GLN B 6 7.80 -14.75 20.59
C GLN B 6 7.83 -15.42 19.22
N SER B 7 7.89 -16.75 19.22
CA SER B 7 7.95 -17.52 18.00
C SER B 7 7.19 -18.82 18.19
N PRO B 8 6.30 -19.19 17.26
CA PRO B 8 5.94 -18.46 16.04
C PRO B 8 4.90 -17.37 16.30
N ALA B 9 4.82 -16.37 15.42
CA ALA B 9 3.81 -15.33 15.59
C ALA B 9 2.41 -15.86 15.35
N ILE B 10 2.25 -16.76 14.38
CA ILE B 10 0.97 -17.38 14.06
C ILE B 10 1.18 -18.88 13.95
N MET B 11 0.23 -19.65 14.49
CA MET B 11 0.27 -21.10 14.43
C MET B 11 -1.14 -21.64 14.52
N SER B 12 -1.37 -22.78 13.87
CA SER B 12 -2.67 -23.43 13.84
C SER B 12 -2.60 -24.80 14.48
N ALA B 13 -3.72 -25.24 15.04
CA ALA B 13 -3.82 -26.53 15.68
C ALA B 13 -5.28 -26.91 15.83
N SER B 14 -5.59 -28.18 15.63
CA SER B 14 -6.97 -28.65 15.77
C SER B 14 -7.28 -28.95 17.23
N PRO B 15 -8.55 -28.80 17.63
CA PRO B 15 -8.92 -29.07 19.04
C PRO B 15 -8.60 -30.49 19.46
N GLY B 16 -7.37 -30.71 19.90
CA GLY B 16 -6.94 -32.01 20.37
C GLY B 16 -5.45 -32.23 20.25
N GLU B 17 -4.77 -31.30 19.57
CA GLU B 17 -3.33 -31.41 19.37
C GLU B 17 -2.58 -30.94 20.62
N LYS B 18 -1.25 -30.90 20.52
CA LYS B 18 -0.38 -30.45 21.60
C LYS B 18 0.32 -29.18 21.12
N VAL B 19 -0.08 -28.04 21.69
CA VAL B 19 0.42 -26.74 21.28
C VAL B 19 1.61 -26.36 22.14
N THR B 20 2.65 -25.82 21.51
CA THR B 20 3.86 -25.39 22.21
C THR B 20 4.36 -24.09 21.59
N MET B 21 4.35 -23.02 22.38
CA MET B 21 4.85 -21.72 21.96
C MET B 21 6.15 -21.40 22.70
N THR B 22 6.87 -20.40 22.20
CA THR B 22 8.17 -20.05 22.75
C THR B 22 8.29 -18.54 22.86
N CYS B 23 8.91 -18.08 23.95
CA CYS B 23 9.18 -16.67 24.18
C CYS B 23 10.64 -16.54 24.63
N SER B 24 11.47 -15.89 23.80
CA SER B 24 12.88 -15.69 24.09
C SER B 24 13.14 -14.24 24.45
N ALA B 25 14.10 -14.04 25.35
CA ALA B 25 14.47 -12.71 25.83
C ALA B 25 15.87 -12.35 25.38
N SER B 26 16.13 -11.04 25.32
CA SER B 26 17.44 -10.56 24.91
C SER B 26 18.49 -10.80 25.99
N SER B 27 18.10 -10.74 27.26
CA SER B 27 19.00 -10.97 28.39
C SER B 27 18.37 -12.02 29.29
N SER B 28 19.06 -12.31 30.40
CA SER B 28 18.58 -13.32 31.34
C SER B 28 17.36 -12.80 32.09
N VAL B 29 16.34 -13.65 32.20
CA VAL B 29 15.09 -13.32 32.86
C VAL B 29 14.82 -14.38 33.93
N ASN B 30 14.51 -13.94 35.15
CA ASN B 30 14.26 -14.85 36.26
C ASN B 30 12.80 -15.27 36.34
N TYR B 31 11.88 -14.31 36.30
CA TYR B 31 10.45 -14.57 36.39
C TYR B 31 9.77 -14.15 35.11
N MET B 32 8.96 -15.05 34.54
CA MET B 32 8.26 -14.83 33.30
C MET B 32 6.76 -15.04 33.50
N TYR B 33 5.95 -14.20 32.86
CA TYR B 33 4.51 -14.28 32.93
C TYR B 33 3.93 -14.68 31.58
N TRP B 34 2.66 -15.09 31.60
CA TRP B 34 1.96 -15.51 30.39
C TRP B 34 0.51 -15.09 30.49
N TYR B 35 0.04 -14.36 29.48
CA TYR B 35 -1.33 -13.85 29.46
C TYR B 35 -2.05 -14.38 28.22
N GLN B 36 -3.37 -14.54 28.35
CA GLN B 36 -4.23 -14.95 27.25
C GLN B 36 -5.27 -13.86 27.01
N GLN B 37 -5.29 -13.32 25.80
CA GLN B 37 -6.20 -12.24 25.44
C GLN B 37 -7.01 -12.62 24.21
N LYS B 38 -8.33 -12.48 24.32
CA LYS B 38 -9.27 -12.64 23.23
C LYS B 38 -9.77 -11.27 22.76
N PRO B 39 -10.17 -11.14 21.50
CA PRO B 39 -10.66 -9.84 21.01
C PRO B 39 -11.87 -9.38 21.81
N GLY B 40 -11.74 -8.22 22.43
CA GLY B 40 -12.80 -7.67 23.26
C GLY B 40 -12.77 -8.06 24.71
N SER B 41 -11.64 -8.59 25.20
CA SER B 41 -11.53 -9.01 26.58
C SER B 41 -10.15 -8.66 27.13
N SER B 42 -10.09 -8.48 28.44
CA SER B 42 -8.83 -8.15 29.10
C SER B 42 -7.94 -9.40 29.14
N PRO B 43 -6.61 -9.21 29.16
CA PRO B 43 -5.70 -10.37 29.25
C PRO B 43 -5.87 -11.10 30.57
N ARG B 44 -5.99 -12.41 30.51
CA ARG B 44 -6.13 -13.25 31.68
C ARG B 44 -4.80 -13.90 32.02
N LEU B 45 -4.43 -13.86 33.30
CA LEU B 45 -3.18 -14.48 33.73
C LEU B 45 -3.28 -15.99 33.62
N LEU B 46 -2.29 -16.60 32.96
CA LEU B 46 -2.21 -18.05 32.81
C LEU B 46 -1.06 -18.66 33.60
N ILE B 47 0.12 -18.06 33.52
CA ILE B 47 1.29 -18.56 34.24
C ILE B 47 2.03 -17.37 34.82
N TYR B 48 2.22 -17.36 36.14
CA TYR B 48 2.99 -16.35 36.83
C TYR B 48 4.25 -16.98 37.41
N ASP B 49 5.34 -16.22 37.41
CA ASP B 49 6.64 -16.68 37.90
C ASP B 49 7.06 -17.98 37.19
N THR B 50 7.14 -17.88 35.86
CA THR B 50 7.70 -18.91 35.00
C THR B 50 6.89 -20.20 34.94
N SER B 51 6.55 -20.80 36.08
CA SER B 51 5.97 -22.14 36.08
C SER B 51 4.74 -22.31 36.96
N ASN B 52 4.26 -21.26 37.63
CA ASN B 52 3.12 -21.38 38.52
C ASN B 52 1.82 -21.12 37.78
N LEU B 53 0.88 -22.05 37.87
CA LEU B 53 -0.40 -21.91 37.20
C LEU B 53 -1.32 -20.97 37.97
N ALA B 54 -2.17 -20.25 37.24
CA ALA B 54 -3.08 -19.29 37.83
C ALA B 54 -4.34 -19.97 38.34
N SER B 55 -5.26 -19.17 38.87
CA SER B 55 -6.54 -19.67 39.38
C SER B 55 -7.62 -19.56 38.31
N GLY B 56 -8.44 -20.61 38.20
CA GLY B 56 -9.54 -20.62 37.28
C GLY B 56 -9.20 -21.24 35.95
N VAL B 57 -7.92 -21.20 35.59
CA VAL B 57 -7.42 -21.73 34.32
C VAL B 57 -7.39 -23.25 34.41
N PRO B 58 -7.76 -23.95 33.35
CA PRO B 58 -7.70 -25.42 33.38
C PRO B 58 -6.26 -25.90 33.47
N VAL B 59 -6.11 -27.12 33.99
CA VAL B 59 -4.79 -27.69 34.24
C VAL B 59 -4.06 -28.10 32.97
N ARG B 60 -4.68 -27.97 31.79
CA ARG B 60 -4.03 -28.33 30.55
C ARG B 60 -2.91 -27.36 30.17
N PHE B 61 -2.88 -26.18 30.76
CA PHE B 61 -1.84 -25.21 30.49
C PHE B 61 -0.63 -25.47 31.37
N SER B 62 0.56 -25.20 30.83
CA SER B 62 1.80 -25.44 31.55
C SER B 62 2.88 -24.50 31.02
N GLY B 63 3.61 -23.87 31.94
CA GLY B 63 4.70 -22.98 31.60
C GLY B 63 6.03 -23.58 32.02
N SER B 64 7.08 -23.24 31.28
CA SER B 64 8.41 -23.77 31.55
C SER B 64 9.45 -22.79 31.00
N GLY B 65 10.72 -23.12 31.22
CA GLY B 65 11.81 -22.29 30.73
C GLY B 65 12.68 -21.73 31.84
N SER B 66 13.88 -21.30 31.49
CA SER B 66 14.82 -20.74 32.47
C SER B 66 15.87 -19.93 31.75
N GLY B 67 16.42 -18.94 32.44
CA GLY B 67 17.47 -18.11 31.89
C GLY B 67 17.00 -17.16 30.81
N THR B 68 17.22 -17.51 29.55
CA THR B 68 16.86 -16.66 28.43
C THR B 68 15.80 -17.26 27.52
N SER B 69 15.42 -18.53 27.71
CA SER B 69 14.44 -19.20 26.88
C SER B 69 13.28 -19.68 27.74
N PHE B 70 12.06 -19.39 27.30
CA PHE B 70 10.84 -19.81 28.00
C PHE B 70 9.88 -20.41 26.99
N SER B 71 8.81 -21.02 27.51
CA SER B 71 7.83 -21.67 26.64
C SER B 71 6.54 -21.87 27.40
N LEU B 72 5.42 -21.81 26.67
CA LEU B 72 4.10 -22.14 27.19
C LEU B 72 3.57 -23.32 26.39
N THR B 73 3.08 -24.35 27.10
CA THR B 73 2.65 -25.58 26.47
C THR B 73 1.23 -25.90 26.89
N ILE B 74 0.41 -26.28 25.91
CA ILE B 74 -0.96 -26.75 26.15
C ILE B 74 -0.98 -28.24 25.86
N SER B 75 -1.40 -29.03 26.85
CA SER B 75 -1.44 -30.48 26.71
C SER B 75 -2.44 -30.90 25.65
N ARG B 76 -3.72 -30.66 25.90
CA ARG B 76 -4.80 -31.01 24.98
C ARG B 76 -5.45 -29.72 24.48
N MET B 77 -5.28 -29.44 23.19
CA MET B 77 -5.88 -28.24 22.60
C MET B 77 -7.40 -28.33 22.64
N GLU B 78 -8.04 -27.25 23.09
CA GLU B 78 -9.49 -27.18 23.18
C GLU B 78 -9.99 -26.04 22.30
N ALA B 79 -11.31 -26.04 22.07
CA ALA B 79 -11.90 -25.04 21.19
C ALA B 79 -11.82 -23.64 21.77
N GLU B 80 -11.98 -23.52 23.09
CA GLU B 80 -11.95 -22.22 23.75
C GLU B 80 -10.55 -21.66 23.92
N ASP B 81 -9.51 -22.43 23.61
CA ASP B 81 -8.13 -21.99 23.78
C ASP B 81 -7.61 -21.22 22.57
N ALA B 82 -8.46 -20.89 21.61
CA ALA B 82 -8.04 -20.14 20.43
C ALA B 82 -8.05 -18.65 20.77
N ALA B 83 -6.87 -18.07 20.92
CA ALA B 83 -6.70 -16.66 21.26
C ALA B 83 -5.24 -16.29 20.98
N THR B 84 -4.83 -15.11 21.45
CA THR B 84 -3.46 -14.65 21.34
C THR B 84 -2.80 -14.70 22.71
N TYR B 85 -1.60 -15.24 22.78
CA TYR B 85 -0.90 -15.47 24.04
C TYR B 85 0.37 -14.63 24.07
N PHE B 86 0.52 -13.82 25.11
CA PHE B 86 1.67 -12.96 25.29
C PHE B 86 2.55 -13.48 26.42
N CYS B 87 3.81 -13.04 26.39
CA CYS B 87 4.76 -13.32 27.46
C CYS B 87 5.27 -12.00 28.02
N GLN B 88 5.46 -11.95 29.34
CA GLN B 88 5.89 -10.73 30.01
C GLN B 88 6.90 -11.09 31.09
N GLN B 89 8.04 -10.42 31.06
CA GLN B 89 9.09 -10.62 32.05
C GLN B 89 8.90 -9.67 33.21
N TRP B 90 9.25 -10.14 34.42
CA TRP B 90 9.25 -9.32 35.61
C TRP B 90 10.57 -9.41 36.34
N SER B 91 11.66 -9.63 35.58
CA SER B 91 12.99 -9.75 36.15
C SER B 91 13.68 -8.40 36.30
N SER B 92 13.67 -7.59 35.24
CA SER B 92 14.30 -6.27 35.25
C SER B 92 13.33 -5.23 34.72
N TYR B 93 13.46 -4.01 35.24
CA TYR B 93 12.61 -2.92 34.81
C TYR B 93 13.29 -2.13 33.68
N PRO B 94 12.50 -1.53 32.77
CA PRO B 94 11.03 -1.46 32.73
C PRO B 94 10.38 -2.76 32.27
N LEU B 95 9.09 -2.93 32.57
CA LEU B 95 8.38 -4.15 32.20
C LEU B 95 8.15 -4.18 30.69
N THR B 96 8.56 -5.28 30.06
CA THR B 96 8.43 -5.45 28.63
C THR B 96 7.57 -6.67 28.32
N PHE B 97 6.85 -6.59 27.20
CA PHE B 97 5.98 -7.66 26.74
C PHE B 97 6.51 -8.25 25.43
N GLY B 98 5.97 -9.41 25.07
CA GLY B 98 6.34 -10.06 23.84
C GLY B 98 5.53 -9.57 22.65
N ALA B 99 5.93 -10.03 21.46
CA ALA B 99 5.22 -9.66 20.24
C ALA B 99 3.83 -10.27 20.20
N GLY B 100 3.64 -11.43 20.84
CA GLY B 100 2.36 -12.08 20.84
C GLY B 100 2.30 -13.27 19.89
N THR B 101 1.60 -14.33 20.29
CA THR B 101 1.43 -15.53 19.48
C THR B 101 -0.06 -15.76 19.27
N ASN B 102 -0.54 -15.49 18.06
CA ASN B 102 -1.95 -15.71 17.74
C ASN B 102 -2.17 -17.20 17.49
N LEU B 103 -3.06 -17.81 18.26
CA LEU B 103 -3.38 -19.22 18.14
C LEU B 103 -4.73 -19.37 17.46
N GLU B 104 -4.75 -20.02 16.30
CA GLU B 104 -5.97 -20.26 15.56
C GLU B 104 -6.23 -21.76 15.50
N LEU B 105 -7.50 -22.12 15.36
CA LEU B 105 -7.90 -23.53 15.26
C LEU B 105 -7.80 -23.97 13.81
N LYS B 106 -7.36 -25.21 13.61
CA LYS B 106 -7.13 -25.74 12.27
C LYS B 106 -8.41 -26.35 11.72
N ARG B 107 -8.60 -26.20 10.41
CA ARG B 107 -9.76 -26.74 9.72
C ARG B 107 -9.36 -27.03 8.27
N ALA B 108 -10.30 -27.57 7.51
CA ALA B 108 -10.04 -27.87 6.11
C ALA B 108 -9.89 -26.58 5.30
N ASP B 109 -9.07 -26.65 4.26
CA ASP B 109 -8.84 -25.49 3.41
C ASP B 109 -10.08 -25.16 2.60
N ALA B 110 -10.32 -23.87 2.41
CA ALA B 110 -11.47 -23.39 1.66
C ALA B 110 -11.04 -22.26 0.74
N ALA B 111 -11.68 -22.20 -0.44
CA ALA B 111 -11.41 -21.19 -1.46
C ALA B 111 -12.24 -19.95 -1.18
N PRO B 112 -11.65 -18.76 -1.35
CA PRO B 112 -12.41 -17.53 -1.08
C PRO B 112 -13.44 -17.26 -2.15
N THR B 113 -14.62 -16.80 -1.72
CA THR B 113 -15.70 -16.43 -2.63
C THR B 113 -15.48 -14.99 -3.06
N VAL B 114 -14.86 -14.81 -4.22
CA VAL B 114 -14.51 -13.48 -4.71
C VAL B 114 -15.75 -12.84 -5.34
N SER B 115 -16.01 -11.59 -4.99
CA SER B 115 -17.15 -10.86 -5.54
C SER B 115 -16.78 -9.39 -5.63
N ILE B 116 -16.66 -8.86 -6.84
CA ILE B 116 -16.36 -7.46 -7.07
C ILE B 116 -17.66 -6.72 -7.32
N PHE B 117 -17.71 -5.46 -6.89
CA PHE B 117 -18.91 -4.64 -6.99
C PHE B 117 -18.55 -3.28 -7.57
N PRO B 118 -19.23 -2.85 -8.63
CA PRO B 118 -18.99 -1.50 -9.16
C PRO B 118 -19.53 -0.44 -8.22
N PRO B 119 -18.98 0.76 -8.27
CA PRO B 119 -19.51 1.84 -7.41
C PRO B 119 -20.93 2.21 -7.78
N SER B 120 -21.75 2.45 -6.75
CA SER B 120 -23.16 2.75 -6.97
C SER B 120 -23.33 4.11 -7.63
N SER B 121 -24.46 4.28 -8.33
CA SER B 121 -24.75 5.56 -8.97
C SER B 121 -24.97 6.66 -7.95
N GLU B 122 -25.41 6.31 -6.74
CA GLU B 122 -25.58 7.31 -5.68
C GLU B 122 -24.24 7.86 -5.22
N GLN B 123 -23.17 7.05 -5.32
CA GLN B 123 -21.85 7.53 -4.96
C GLN B 123 -21.19 8.30 -6.10
N LEU B 124 -21.45 7.89 -7.34
CA LEU B 124 -20.87 8.59 -8.49
C LEU B 124 -21.40 10.02 -8.58
N THR B 125 -22.69 10.21 -8.31
CA THR B 125 -23.27 11.55 -8.35
C THR B 125 -22.70 12.44 -7.24
N SER B 126 -22.23 11.83 -6.15
CA SER B 126 -21.64 12.59 -5.06
C SER B 126 -20.23 13.07 -5.37
N GLY B 127 -19.55 12.46 -6.33
CA GLY B 127 -18.22 12.84 -6.71
C GLY B 127 -17.12 11.82 -6.45
N GLY B 128 -17.47 10.56 -6.18
CA GLY B 128 -16.48 9.54 -5.93
C GLY B 128 -16.91 8.22 -6.53
N ALA B 129 -15.97 7.26 -6.52
CA ALA B 129 -16.24 5.94 -7.07
C ALA B 129 -15.28 4.95 -6.42
N SER B 130 -15.80 4.09 -5.55
CA SER B 130 -15.01 3.09 -4.86
C SER B 130 -15.44 1.70 -5.33
N VAL B 131 -14.47 0.89 -5.70
CA VAL B 131 -14.72 -0.47 -6.16
C VAL B 131 -14.40 -1.43 -5.02
N VAL B 132 -15.40 -2.19 -4.57
CA VAL B 132 -15.28 -3.09 -3.45
C VAL B 132 -15.23 -4.52 -3.97
N CYS B 133 -14.29 -5.31 -3.44
CA CYS B 133 -14.13 -6.71 -3.81
C CYS B 133 -14.10 -7.54 -2.54
N PHE B 134 -15.08 -8.44 -2.39
CA PHE B 134 -15.20 -9.26 -1.20
C PHE B 134 -14.48 -10.59 -1.39
N LEU B 135 -13.91 -11.09 -0.29
CA LEU B 135 -13.26 -12.40 -0.26
C LEU B 135 -13.74 -13.08 1.02
N ASN B 136 -14.86 -13.79 0.94
CA ASN B 136 -15.53 -14.33 2.10
C ASN B 136 -15.26 -15.83 2.24
N ASN B 137 -15.07 -16.26 3.49
CA ASN B 137 -14.97 -17.67 3.86
C ASN B 137 -13.83 -18.37 3.14
N PHE B 138 -12.61 -18.27 3.68
CA PHE B 138 -11.46 -18.98 3.13
C PHE B 138 -10.53 -19.37 4.27
N TYR B 139 -9.60 -20.28 3.95
CA TYR B 139 -8.63 -20.76 4.91
C TYR B 139 -7.42 -21.27 4.14
N PRO B 140 -6.19 -20.98 4.58
CA PRO B 140 -5.81 -20.22 5.77
C PRO B 140 -5.93 -18.71 5.61
N LYS B 141 -5.43 -17.95 6.58
CA LYS B 141 -5.53 -16.49 6.55
C LYS B 141 -4.64 -15.86 5.49
N ASP B 142 -3.59 -16.55 5.05
CA ASP B 142 -2.70 -16.00 4.04
C ASP B 142 -3.41 -15.90 2.70
N ILE B 143 -3.48 -14.68 2.15
CA ILE B 143 -4.16 -14.44 0.89
C ILE B 143 -3.55 -13.19 0.26
N ASN B 144 -3.71 -13.04 -1.05
CA ASN B 144 -3.19 -11.90 -1.80
C ASN B 144 -4.28 -11.35 -2.70
N VAL B 145 -4.34 -10.04 -2.81
CA VAL B 145 -5.31 -9.34 -3.65
C VAL B 145 -4.56 -8.36 -4.54
N LYS B 146 -4.81 -8.43 -5.85
CA LYS B 146 -4.19 -7.55 -6.82
C LYS B 146 -5.27 -6.85 -7.63
N TRP B 147 -5.21 -5.53 -7.69
CA TRP B 147 -6.16 -4.72 -8.44
C TRP B 147 -5.56 -4.37 -9.80
N LYS B 148 -6.20 -4.85 -10.87
CA LYS B 148 -5.74 -4.61 -12.23
C LYS B 148 -6.77 -3.74 -12.94
N ILE B 149 -6.35 -2.57 -13.39
CA ILE B 149 -7.21 -1.63 -14.11
C ILE B 149 -6.78 -1.64 -15.57
N ASP B 150 -7.65 -2.17 -16.44
CA ASP B 150 -7.39 -2.28 -17.88
C ASP B 150 -6.10 -3.05 -18.15
N GLY B 151 -5.87 -4.11 -17.36
CA GLY B 151 -4.68 -4.93 -17.49
C GLY B 151 -3.50 -4.47 -16.68
N SER B 152 -3.44 -3.19 -16.31
CA SER B 152 -2.34 -2.66 -15.53
C SER B 152 -2.68 -2.71 -14.04
N GLU B 153 -1.72 -3.13 -13.23
CA GLU B 153 -1.93 -3.25 -11.80
C GLU B 153 -1.79 -1.89 -11.13
N ARG B 154 -2.61 -1.66 -10.10
CA ARG B 154 -2.61 -0.42 -9.34
C ARG B 154 -2.56 -0.75 -7.86
N GLN B 155 -1.79 0.04 -7.10
CA GLN B 155 -1.62 -0.17 -5.68
C GLN B 155 -2.12 0.98 -4.81
N ASN B 156 -2.15 2.21 -5.34
CA ASN B 156 -2.58 3.36 -4.56
C ASN B 156 -4.10 3.39 -4.46
N GLY B 157 -4.60 3.61 -3.24
CA GLY B 157 -6.03 3.67 -3.01
C GLY B 157 -6.67 2.38 -2.57
N VAL B 158 -5.90 1.32 -2.35
CA VAL B 158 -6.44 0.03 -1.94
C VAL B 158 -6.45 -0.04 -0.42
N LEU B 159 -7.61 -0.36 0.15
CA LEU B 159 -7.78 -0.50 1.58
C LEU B 159 -8.27 -1.90 1.90
N ASN B 160 -7.54 -2.59 2.77
CA ASN B 160 -7.87 -3.95 3.16
C ASN B 160 -8.29 -4.00 4.63
N SER B 161 -9.23 -4.89 4.92
CA SER B 161 -9.76 -5.03 6.28
C SER B 161 -10.12 -6.50 6.49
N TRP B 162 -9.35 -7.19 7.35
CA TRP B 162 -9.61 -8.58 7.66
C TRP B 162 -10.47 -8.72 8.90
N THR B 163 -11.29 -9.77 8.92
CA THR B 163 -12.09 -10.13 10.08
C THR B 163 -11.39 -11.24 10.86
N ASP B 164 -11.75 -11.34 12.14
CA ASP B 164 -11.23 -12.42 12.96
C ASP B 164 -11.81 -13.76 12.51
N GLN B 165 -11.18 -14.83 12.96
CA GLN B 165 -11.66 -16.17 12.63
C GLN B 165 -13.05 -16.39 13.20
N ASP B 166 -13.95 -16.89 12.35
CA ASP B 166 -15.34 -17.06 12.75
C ASP B 166 -15.45 -18.12 13.85
N SER B 167 -16.46 -17.95 14.70
CA SER B 167 -16.67 -18.87 15.81
C SER B 167 -17.43 -20.14 15.42
N LYS B 168 -17.99 -20.20 14.22
CA LYS B 168 -18.75 -21.35 13.77
C LYS B 168 -17.96 -22.17 12.74
N ASP B 169 -17.82 -21.67 11.52
CA ASP B 169 -17.09 -22.40 10.48
C ASP B 169 -15.59 -22.12 10.50
N SER B 170 -15.14 -21.20 11.34
CA SER B 170 -13.71 -20.90 11.51
C SER B 170 -13.06 -20.45 10.20
N THR B 171 -13.81 -19.70 9.40
CA THR B 171 -13.33 -19.19 8.13
C THR B 171 -13.06 -17.70 8.23
N TYR B 172 -12.17 -17.21 7.38
CA TYR B 172 -11.78 -15.80 7.35
C TYR B 172 -12.47 -15.08 6.20
N SER B 173 -12.57 -13.76 6.35
CA SER B 173 -13.17 -12.91 5.32
C SER B 173 -12.42 -11.58 5.29
N MET B 174 -12.20 -11.07 4.09
CA MET B 174 -11.46 -9.83 3.89
C MET B 174 -12.09 -9.04 2.77
N SER B 175 -12.12 -7.71 2.92
CA SER B 175 -12.68 -6.82 1.93
C SER B 175 -11.61 -5.85 1.45
N SER B 176 -11.40 -5.79 0.13
CA SER B 176 -10.44 -4.88 -0.48
C SER B 176 -11.22 -3.79 -1.18
N THR B 177 -10.98 -2.53 -0.80
CA THR B 177 -11.69 -1.39 -1.32
C THR B 177 -10.72 -0.48 -2.06
N LEU B 178 -10.97 -0.25 -3.34
CA LEU B 178 -10.17 0.65 -4.16
C LEU B 178 -10.93 1.95 -4.34
N THR B 179 -10.45 3.01 -3.70
CA THR B 179 -11.12 4.30 -3.71
C THR B 179 -10.51 5.19 -4.79
N LEU B 180 -11.30 5.53 -5.80
CA LEU B 180 -10.90 6.41 -6.88
C LEU B 180 -11.91 7.55 -7.00
N THR B 181 -11.52 8.59 -7.73
CA THR B 181 -12.41 9.70 -8.01
C THR B 181 -13.29 9.37 -9.22
N LYS B 182 -14.30 10.21 -9.45
CA LYS B 182 -15.20 9.99 -10.58
C LYS B 182 -14.45 10.13 -11.90
N ASP B 183 -13.49 11.05 -11.98
CA ASP B 183 -12.75 11.25 -13.21
C ASP B 183 -11.81 10.08 -13.48
N GLU B 184 -11.09 9.60 -12.45
CA GLU B 184 -10.18 8.49 -12.64
C GLU B 184 -10.93 7.19 -12.93
N TYR B 185 -12.15 7.05 -12.39
CA TYR B 185 -12.92 5.83 -12.64
C TYR B 185 -13.48 5.82 -14.05
N GLU B 186 -13.83 6.98 -14.60
CA GLU B 186 -14.38 7.07 -15.95
C GLU B 186 -13.29 7.09 -17.02
N ARG B 187 -12.02 7.10 -16.64
CA ARG B 187 -10.93 7.07 -17.61
C ARG B 187 -10.58 5.66 -18.09
N HIS B 188 -11.20 4.63 -17.51
CA HIS B 188 -10.88 3.25 -17.85
C HIS B 188 -12.18 2.46 -17.98
N ASN B 189 -12.05 1.21 -18.42
CA ASN B 189 -13.20 0.36 -18.68
C ASN B 189 -13.17 -0.94 -17.89
N SER B 190 -12.10 -1.71 -18.00
CA SER B 190 -12.03 -3.02 -17.34
C SER B 190 -11.38 -2.87 -15.97
N TYR B 191 -12.05 -3.45 -14.96
CA TYR B 191 -11.56 -3.44 -13.58
C TYR B 191 -11.53 -4.88 -13.09
N THR B 192 -10.34 -5.37 -12.75
CA THR B 192 -10.13 -6.76 -12.37
C THR B 192 -9.69 -6.87 -10.93
N CYS B 193 -10.29 -7.81 -10.19
CA CYS B 193 -9.93 -8.11 -8.81
C CYS B 193 -9.32 -9.51 -8.78
N GLU B 194 -8.00 -9.59 -8.69
CA GLU B 194 -7.30 -10.86 -8.66
C GLU B 194 -7.07 -11.31 -7.22
N ALA B 195 -7.29 -12.59 -6.97
CA ALA B 195 -7.15 -13.18 -5.64
C ALA B 195 -6.25 -14.40 -5.74
N THR B 196 -5.07 -14.32 -5.14
CA THR B 196 -4.11 -15.41 -5.13
C THR B 196 -4.17 -16.14 -3.79
N HIS B 197 -4.41 -17.46 -3.84
CA HIS B 197 -4.52 -18.26 -2.64
C HIS B 197 -3.77 -19.56 -2.84
N LYS B 198 -3.50 -20.26 -1.72
CA LYS B 198 -2.83 -21.55 -1.78
C LYS B 198 -3.75 -22.66 -2.23
N THR B 199 -5.07 -22.47 -2.12
CA THR B 199 -6.03 -23.52 -2.46
C THR B 199 -6.11 -23.80 -3.95
N SER B 200 -5.52 -22.94 -4.79
CA SER B 200 -5.57 -23.14 -6.23
C SER B 200 -4.39 -22.42 -6.87
N THR B 201 -3.72 -23.09 -7.81
CA THR B 201 -2.61 -22.48 -8.51
C THR B 201 -3.07 -21.37 -9.46
N SER B 202 -4.33 -21.38 -9.87
CA SER B 202 -4.88 -20.34 -10.71
C SER B 202 -5.60 -19.31 -9.85
N PRO B 203 -5.25 -18.03 -9.92
CA PRO B 203 -5.90 -17.04 -9.06
C PRO B 203 -7.34 -16.80 -9.48
N ILE B 204 -8.23 -16.74 -8.48
CA ILE B 204 -9.64 -16.47 -8.75
C ILE B 204 -9.79 -15.01 -9.18
N VAL B 205 -10.42 -14.80 -10.33
CA VAL B 205 -10.56 -13.48 -10.93
C VAL B 205 -12.03 -13.13 -11.07
N LYS B 206 -12.40 -11.92 -10.65
CA LYS B 206 -13.74 -11.39 -10.83
C LYS B 206 -13.63 -9.98 -11.37
N SER B 207 -14.22 -9.74 -12.54
CA SER B 207 -14.08 -8.47 -13.24
C SER B 207 -15.45 -7.96 -13.67
N PHE B 208 -15.46 -6.71 -14.13
CA PHE B 208 -16.66 -6.09 -14.67
C PHE B 208 -16.24 -4.95 -15.59
N ASN B 209 -17.08 -4.68 -16.59
CA ASN B 209 -16.85 -3.60 -17.54
C ASN B 209 -18.01 -2.62 -17.48
N ARG B 210 -17.71 -1.33 -17.49
CA ARG B 210 -18.75 -0.30 -17.46
C ARG B 210 -19.31 -0.14 -18.87
N ASN B 211 -20.24 -1.04 -19.21
CA ASN B 211 -20.87 -1.02 -20.52
C ASN B 211 -22.19 -0.25 -20.49
N GLY C 1 15.29 -19.83 43.75
CA GLY C 1 14.61 -21.10 43.59
C GLY C 1 14.65 -21.96 44.83
N ILE C 2 15.86 -22.46 45.16
CA ILE C 2 16.03 -23.32 46.33
C ILE C 2 16.31 -22.53 47.60
N VAL C 3 16.32 -21.20 47.54
CA VAL C 3 16.62 -20.40 48.71
C VAL C 3 16.02 -19.02 48.54
N GLU C 4 15.41 -18.52 49.63
CA GLU C 4 14.83 -17.19 49.68
C GLU C 4 14.97 -16.68 51.12
N GLN C 5 15.05 -15.35 51.27
CA GLN C 5 15.22 -14.76 52.59
C GLN C 5 14.13 -13.75 52.93
N CYS C 6 13.95 -12.69 52.13
CA CYS C 6 12.86 -11.76 52.41
C CYS C 6 11.49 -12.35 52.12
N CYS C 7 11.41 -13.60 51.66
CA CYS C 7 10.14 -14.29 51.46
C CYS C 7 9.77 -15.13 52.67
N THR C 8 10.73 -15.86 53.23
CA THR C 8 10.47 -16.63 54.45
C THR C 8 10.21 -15.70 55.63
N SER C 9 11.16 -14.82 55.92
CA SER C 9 10.98 -13.79 56.93
C SER C 9 10.48 -12.50 56.27
N ILE C 10 10.36 -11.44 57.05
CA ILE C 10 9.87 -10.15 56.57
C ILE C 10 11.01 -9.14 56.67
N CYS C 11 11.40 -8.61 55.51
CA CYS C 11 12.43 -7.57 55.44
C CYS C 11 11.80 -6.20 55.59
N SER C 12 12.44 -5.34 56.38
CA SER C 12 11.97 -3.99 56.60
C SER C 12 12.48 -3.09 55.49
N LEU C 13 12.24 -1.78 55.60
CA LEU C 13 12.64 -0.87 54.53
C LEU C 13 14.16 -0.75 54.46
N TYR C 14 14.84 -0.76 55.61
CA TYR C 14 16.29 -0.64 55.59
C TYR C 14 16.95 -1.87 54.99
N GLN C 15 16.38 -3.06 55.18
CA GLN C 15 16.96 -4.26 54.61
C GLN C 15 16.79 -4.30 53.10
N LEU C 16 15.76 -3.64 52.58
CA LEU C 16 15.59 -3.58 51.13
C LEU C 16 16.55 -2.59 50.50
N GLU C 17 16.94 -1.54 51.23
CA GLU C 17 17.94 -0.60 50.71
C GLU C 17 19.31 -1.23 50.59
N ASN C 18 19.59 -2.29 51.36
CA ASN C 18 20.86 -3.00 51.26
C ASN C 18 20.94 -3.90 50.03
N TYR C 19 19.81 -4.16 49.37
CA TYR C 19 19.79 -4.95 48.15
C TYR C 19 19.95 -4.08 46.89
N CYS C 20 19.96 -2.77 47.04
CA CYS C 20 20.08 -1.87 45.90
C CYS C 20 21.53 -1.78 45.43
N ASN C 21 21.70 -1.31 44.20
CA ASN C 21 23.02 -1.17 43.61
C ASN C 21 23.66 0.16 44.03
N PHE D 1 3.49 -3.39 50.90
CA PHE D 1 4.84 -3.86 51.22
C PHE D 1 5.17 -3.61 52.68
N VAL D 2 4.31 -2.87 53.37
CA VAL D 2 4.51 -2.57 54.78
C VAL D 2 4.43 -3.86 55.58
N ASN D 3 5.60 -4.44 55.88
CA ASN D 3 5.71 -5.70 56.61
C ASN D 3 4.93 -6.81 55.91
N GLN D 4 5.50 -7.26 54.79
CA GLN D 4 4.91 -8.32 54.00
C GLN D 4 6.00 -9.29 53.56
N HIS D 5 5.57 -10.47 53.14
CA HIS D 5 6.49 -11.51 52.67
C HIS D 5 6.69 -11.34 51.17
N LEU D 6 7.91 -10.99 50.77
CA LEU D 6 8.23 -10.69 49.37
C LEU D 6 8.76 -11.95 48.71
N CYS D 7 7.90 -12.65 47.98
CA CYS D 7 8.24 -13.92 47.35
C CYS D 7 8.17 -13.78 45.83
N GLY D 8 9.22 -14.22 45.15
CA GLY D 8 9.21 -14.24 43.69
C GLY D 8 9.23 -12.84 43.10
N SER D 9 8.34 -12.60 42.13
CA SER D 9 8.28 -11.30 41.48
C SER D 9 7.86 -10.20 42.42
N HIS D 10 7.24 -10.53 43.56
CA HIS D 10 6.91 -9.54 44.56
C HIS D 10 8.17 -8.86 45.11
N LEU D 11 9.28 -9.60 45.16
CA LEU D 11 10.54 -9.00 45.58
C LEU D 11 11.02 -7.95 44.59
N VAL D 12 10.79 -8.19 43.30
CA VAL D 12 11.19 -7.22 42.29
C VAL D 12 10.31 -5.99 42.33
N GLU D 13 9.04 -6.14 42.70
CA GLU D 13 8.14 -4.99 42.77
C GLU D 13 8.60 -4.00 43.84
N ALA D 14 8.96 -4.50 45.02
CA ALA D 14 9.36 -3.62 46.12
C ALA D 14 10.74 -3.03 45.90
N LEU D 15 11.68 -3.82 45.36
CA LEU D 15 13.02 -3.30 45.12
C LEU D 15 13.01 -2.20 44.07
N TYR D 16 12.07 -2.25 43.12
CA TYR D 16 11.91 -1.14 42.19
C TYR D 16 11.34 0.09 42.88
N LEU D 17 10.56 -0.11 43.95
CA LEU D 17 9.98 1.00 44.68
C LEU D 17 10.97 1.58 45.70
N VAL D 18 11.73 0.72 46.39
CA VAL D 18 12.65 1.19 47.41
C VAL D 18 13.87 1.85 46.77
N CYS D 19 14.53 1.15 45.86
CA CYS D 19 15.73 1.69 45.24
C CYS D 19 15.41 2.77 44.21
N GLY D 20 14.21 2.78 43.65
CA GLY D 20 13.86 3.80 42.68
C GLY D 20 14.63 3.62 41.39
N GLU D 21 15.19 4.72 40.88
CA GLU D 21 15.96 4.70 39.64
C GLU D 21 17.41 4.27 39.84
N ARG D 22 17.77 3.78 41.03
CA ARG D 22 19.14 3.41 41.33
C ARG D 22 19.47 1.96 40.96
N GLY D 23 18.47 1.14 40.64
CA GLY D 23 18.71 -0.25 40.33
C GLY D 23 18.92 -1.08 41.59
N PHE D 24 18.97 -2.39 41.38
CA PHE D 24 19.10 -3.33 42.50
C PHE D 24 19.57 -4.67 41.97
N PHE D 25 19.79 -5.61 42.90
CA PHE D 25 20.17 -6.97 42.58
C PHE D 25 19.52 -7.90 43.62
N TYR D 26 19.12 -9.08 43.17
CA TYR D 26 18.42 -10.00 44.06
C TYR D 26 18.75 -11.46 43.74
N THR D 27 19.25 -11.72 42.54
CA THR D 27 19.63 -13.08 42.15
C THR D 27 20.93 -13.05 41.37
N PRO D 28 21.96 -13.81 41.79
CA PRO D 28 21.95 -14.65 42.99
C PRO D 28 22.11 -13.85 44.28
N GLU E 1 9.76 22.14 -42.78
CA GLU E 1 9.64 21.22 -41.65
C GLU E 1 8.54 21.66 -40.70
N VAL E 2 7.53 20.80 -40.54
CA VAL E 2 6.39 21.11 -39.67
C VAL E 2 6.78 20.83 -38.22
N ARG E 3 6.68 21.86 -37.39
CA ARG E 3 7.01 21.75 -35.97
C ARG E 3 5.90 22.39 -35.15
N LEU E 4 5.41 21.68 -34.14
CA LEU E 4 4.39 22.17 -33.23
C LEU E 4 5.04 22.46 -31.88
N GLN E 5 4.98 23.72 -31.45
CA GLN E 5 5.58 24.16 -30.20
C GLN E 5 4.49 24.54 -29.21
N GLN E 6 4.55 23.99 -28.01
CA GLN E 6 3.58 24.26 -26.96
C GLN E 6 4.19 25.18 -25.91
N SER E 7 3.41 25.46 -24.87
CA SER E 7 3.87 26.32 -23.80
C SER E 7 4.69 25.53 -22.78
N GLY E 8 5.31 26.26 -21.85
CA GLY E 8 6.13 25.64 -20.85
C GLY E 8 5.31 24.96 -19.78
N PRO E 9 6.00 24.40 -18.78
CA PRO E 9 5.30 23.73 -17.68
C PRO E 9 4.46 24.72 -16.88
N GLU E 10 3.28 24.28 -16.49
CA GLU E 10 2.32 25.12 -15.78
C GLU E 10 1.98 24.50 -14.44
N LEU E 11 1.93 25.34 -13.40
CA LEU E 11 1.55 24.92 -12.05
C LEU E 11 0.51 25.90 -11.54
N VAL E 12 -0.73 25.44 -11.40
CA VAL E 12 -1.84 26.28 -10.98
C VAL E 12 -2.55 25.63 -9.80
N LYS E 13 -3.36 26.45 -9.09
CA LYS E 13 -4.14 26.09 -7.92
C LYS E 13 -5.51 25.55 -8.32
N PRO E 14 -6.11 24.71 -7.49
CA PRO E 14 -7.45 24.18 -7.83
C PRO E 14 -8.49 25.29 -7.92
N GLY E 15 -9.48 25.07 -8.78
CA GLY E 15 -10.53 26.04 -9.01
C GLY E 15 -10.21 27.14 -9.99
N ALA E 16 -8.93 27.40 -10.26
CA ALA E 16 -8.54 28.44 -11.18
C ALA E 16 -8.64 27.96 -12.63
N SER E 17 -8.38 28.87 -13.55
CA SER E 17 -8.42 28.57 -14.98
C SER E 17 -7.03 28.75 -15.57
N LEU E 18 -6.85 28.24 -16.79
CA LEU E 18 -5.56 28.29 -17.45
C LEU E 18 -5.74 28.01 -18.93
N LYS E 19 -4.97 28.71 -19.76
CA LYS E 19 -4.99 28.53 -21.21
C LYS E 19 -3.63 28.06 -21.69
N ILE E 20 -3.63 27.11 -22.62
CA ILE E 20 -2.42 26.50 -23.16
C ILE E 20 -2.34 26.81 -24.64
N SER E 21 -1.17 27.26 -25.09
CA SER E 21 -0.95 27.62 -26.48
C SER E 21 -0.24 26.49 -27.22
N CYS E 22 -0.32 26.55 -28.56
CA CYS E 22 0.32 25.55 -29.42
C CYS E 22 0.68 26.25 -30.73
N LYS E 23 1.94 26.68 -30.84
CA LYS E 23 2.40 27.42 -32.01
C LYS E 23 2.72 26.45 -33.14
N ALA E 24 2.22 26.75 -34.33
CA ALA E 24 2.44 25.92 -35.51
C ALA E 24 3.32 26.64 -36.52
N SER E 25 4.01 25.86 -37.34
CA SER E 25 4.90 26.40 -38.36
C SER E 25 5.26 25.28 -39.33
N GLY E 26 5.73 25.67 -40.51
CA GLY E 26 6.15 24.72 -41.52
C GLY E 26 5.06 24.23 -42.45
N TYR E 27 3.84 24.75 -42.33
CA TYR E 27 2.73 24.31 -43.16
C TYR E 27 1.66 25.40 -43.16
N THR E 28 0.69 25.25 -44.06
CA THR E 28 -0.43 26.17 -44.12
C THR E 28 -1.34 25.94 -42.92
N PHE E 29 -1.27 26.86 -41.95
CA PHE E 29 -1.99 26.66 -40.69
C PHE E 29 -3.50 26.61 -40.90
N THR E 30 -4.02 27.27 -41.93
CA THR E 30 -5.45 27.31 -42.16
C THR E 30 -6.00 26.01 -42.74
N ASP E 31 -5.15 25.18 -43.35
CA ASP E 31 -5.63 24.01 -44.06
C ASP E 31 -5.89 22.83 -43.14
N TYR E 32 -4.99 22.59 -42.18
CA TYR E 32 -5.04 21.37 -41.37
C TYR E 32 -5.70 21.63 -40.03
N ASN E 33 -6.40 20.60 -39.54
CA ASN E 33 -7.04 20.65 -38.24
C ASN E 33 -6.00 20.63 -37.12
N ILE E 34 -6.42 21.06 -35.93
CA ILE E 34 -5.59 21.03 -34.73
C ILE E 34 -6.35 20.25 -33.68
N HIS E 35 -5.86 19.07 -33.35
CA HIS E 35 -6.48 18.23 -32.32
C HIS E 35 -5.81 18.46 -30.98
N TRP E 36 -6.57 18.23 -29.91
CA TRP E 36 -6.08 18.36 -28.54
C TRP E 36 -6.30 17.04 -27.82
N LEU E 37 -5.28 16.59 -27.10
CA LEU E 37 -5.32 15.33 -26.38
C LEU E 37 -4.85 15.54 -24.95
N ARG E 38 -5.26 14.62 -24.07
CA ARG E 38 -4.91 14.68 -22.66
C ARG E 38 -4.32 13.33 -22.26
N GLN E 39 -3.10 13.35 -21.74
CA GLN E 39 -2.44 12.14 -21.25
C GLN E 39 -2.40 12.21 -19.73
N SER E 40 -3.34 11.51 -19.09
CA SER E 40 -3.42 11.44 -17.64
C SER E 40 -2.48 10.36 -17.13
N HIS E 41 -3.03 9.16 -16.94
CA HIS E 41 -2.22 8.02 -16.58
C HIS E 41 -1.36 7.60 -17.78
N SER E 42 -0.16 7.09 -17.48
CA SER E 42 0.84 6.79 -18.51
C SER E 42 0.30 5.90 -19.63
N LYS E 43 -0.78 5.17 -19.39
CA LYS E 43 -1.38 4.29 -20.37
C LYS E 43 -2.80 4.70 -20.68
N SER E 44 -3.05 6.01 -20.69
CA SER E 44 -4.36 6.56 -21.01
C SER E 44 -4.18 7.73 -21.97
N LEU E 45 -5.06 7.78 -22.97
CA LEU E 45 -5.03 8.84 -23.98
C LEU E 45 -6.47 9.23 -24.27
N GLU E 46 -6.84 10.46 -23.94
CA GLU E 46 -8.20 10.95 -24.13
C GLU E 46 -8.19 12.08 -25.16
N TRP E 47 -9.10 11.99 -26.13
CA TRP E 47 -9.21 13.00 -27.17
C TRP E 47 -10.07 14.15 -26.65
N ILE E 48 -9.47 15.34 -26.51
CA ILE E 48 -10.20 16.48 -25.98
C ILE E 48 -11.12 17.06 -27.05
N GLY E 49 -10.56 17.54 -28.15
CA GLY E 49 -11.36 18.11 -29.21
C GLY E 49 -10.48 18.62 -30.33
N SER E 50 -11.14 19.10 -31.37
CA SER E 50 -10.48 19.63 -32.56
C SER E 50 -11.00 21.03 -32.85
N ILE E 51 -10.34 21.70 -33.79
CA ILE E 51 -10.70 23.05 -34.20
C ILE E 51 -10.23 23.27 -35.63
N TYR E 52 -11.04 23.95 -36.44
CA TYR E 52 -10.68 24.27 -37.80
C TYR E 52 -10.15 25.70 -37.85
N PRO E 53 -8.84 25.90 -38.05
CA PRO E 53 -8.29 27.27 -37.99
C PRO E 53 -8.79 28.19 -39.10
N TYR E 54 -9.45 27.67 -40.14
CA TYR E 54 -9.93 28.54 -41.21
C TYR E 54 -11.05 29.46 -40.72
N ASN E 55 -12.09 28.88 -40.13
CA ASN E 55 -13.22 29.65 -39.62
C ASN E 55 -13.33 29.65 -38.11
N GLY E 56 -12.54 28.84 -37.41
CA GLY E 56 -12.61 28.78 -35.97
C GLY E 56 -13.67 27.85 -35.44
N ARG E 57 -14.20 26.95 -36.25
CA ARG E 57 -15.24 26.03 -35.82
C ARG E 57 -14.61 24.87 -35.04
N PRO E 58 -14.95 24.68 -33.77
CA PRO E 58 -14.34 23.58 -33.01
C PRO E 58 -15.27 22.39 -32.85
N GLY E 59 -14.71 21.24 -32.50
CA GLY E 59 -15.48 20.05 -32.22
C GLY E 59 -15.11 19.46 -30.87
N TYR E 60 -16.02 19.51 -29.91
CA TYR E 60 -15.72 19.15 -28.53
C TYR E 60 -16.21 17.75 -28.21
N ASN E 61 -15.53 17.12 -27.25
CA ASN E 61 -16.00 15.87 -26.67
C ASN E 61 -17.02 16.16 -25.58
N GLN E 62 -18.03 15.29 -25.47
CA GLN E 62 -19.09 15.51 -24.49
C GLN E 62 -18.55 15.49 -23.07
N LYS E 63 -17.44 14.80 -22.84
CA LYS E 63 -16.86 14.73 -21.50
C LYS E 63 -16.16 16.03 -21.12
N PHE E 64 -15.48 16.66 -22.09
CA PHE E 64 -14.73 17.89 -21.84
C PHE E 64 -15.42 19.13 -22.41
N LYS E 65 -16.66 19.00 -22.89
CA LYS E 65 -17.33 20.14 -23.49
C LYS E 65 -17.59 21.24 -22.47
N ASN E 66 -17.80 20.87 -21.20
CA ASN E 66 -18.19 21.85 -20.19
C ASN E 66 -17.00 22.69 -19.73
N LYS E 67 -15.82 22.09 -19.62
CA LYS E 67 -14.66 22.73 -19.01
C LYS E 67 -13.50 22.84 -20.00
N THR E 68 -13.80 23.15 -21.26
CA THR E 68 -12.75 23.34 -22.25
C THR E 68 -13.26 24.30 -23.32
N THR E 69 -12.40 25.24 -23.73
CA THR E 69 -12.71 26.19 -24.78
C THR E 69 -11.55 26.24 -25.75
N LEU E 70 -11.82 25.96 -27.03
CA LEU E 70 -10.80 25.93 -28.07
C LEU E 70 -10.92 27.18 -28.92
N THR E 71 -9.89 28.03 -28.88
CA THR E 71 -9.78 29.20 -29.72
C THR E 71 -8.59 29.04 -30.67
N VAL E 72 -8.51 29.95 -31.63
CA VAL E 72 -7.46 29.90 -32.65
C VAL E 72 -7.09 31.33 -33.04
N ASP E 73 -5.87 31.50 -33.54
CA ASP E 73 -5.36 32.79 -33.97
C ASP E 73 -4.74 32.64 -35.35
N ASN E 74 -5.40 33.21 -36.36
CA ASN E 74 -4.90 33.09 -37.73
C ASN E 74 -3.64 33.92 -37.95
N SER E 75 -3.50 35.04 -37.23
CA SER E 75 -2.35 35.91 -37.45
C SER E 75 -1.07 35.30 -36.90
N SER E 76 -1.12 34.77 -35.69
CA SER E 76 0.05 34.18 -35.05
C SER E 76 0.21 32.70 -35.32
N SER E 77 -0.73 32.09 -36.06
CA SER E 77 -0.69 30.66 -36.39
C SER E 77 -0.57 29.81 -35.12
N THR E 78 -1.38 30.15 -34.12
CA THR E 78 -1.34 29.50 -32.83
C THR E 78 -2.74 29.05 -32.43
N ALA E 79 -2.83 27.85 -31.88
CA ALA E 79 -4.07 27.32 -31.32
C ALA E 79 -4.01 27.38 -29.79
N TYR E 80 -5.18 27.60 -29.18
CA TYR E 80 -5.26 27.78 -27.74
C TYR E 80 -6.35 26.89 -27.17
N MET E 81 -6.15 26.46 -25.93
CA MET E 81 -7.12 25.67 -25.19
C MET E 81 -7.19 26.17 -23.76
N GLU E 82 -8.36 26.61 -23.34
CA GLU E 82 -8.58 27.15 -22.00
C GLU E 82 -9.41 26.16 -21.19
N LEU E 83 -8.92 25.80 -20.00
CA LEU E 83 -9.60 24.87 -19.12
C LEU E 83 -10.10 25.62 -17.90
N ARG E 84 -11.39 25.47 -17.60
CA ARG E 84 -12.03 26.13 -16.47
C ARG E 84 -12.37 25.11 -15.40
N GLY E 85 -12.30 25.55 -14.14
CA GLY E 85 -12.59 24.67 -13.02
C GLY E 85 -11.60 23.53 -12.90
N LEU E 86 -10.31 23.88 -12.81
CA LEU E 86 -9.26 22.87 -12.76
C LEU E 86 -9.20 22.24 -11.38
N THR E 87 -9.25 20.91 -11.33
CA THR E 87 -9.12 20.14 -10.09
C THR E 87 -7.88 19.25 -10.19
N SER E 88 -7.60 18.54 -9.11
CA SER E 88 -6.46 17.62 -9.09
C SER E 88 -6.63 16.49 -10.10
N ASP E 89 -7.86 16.21 -10.51
CA ASP E 89 -8.10 15.20 -11.53
C ASP E 89 -7.72 15.68 -12.92
N ASP E 90 -7.49 16.98 -13.11
CA ASP E 90 -7.07 17.53 -14.38
C ASP E 90 -5.56 17.60 -14.54
N SER E 91 -4.80 17.28 -13.49
CA SER E 91 -3.34 17.28 -13.56
C SER E 91 -2.89 16.19 -14.51
N ALA E 92 -2.41 16.57 -15.69
CA ALA E 92 -2.02 15.61 -16.72
C ALA E 92 -1.10 16.31 -17.71
N VAL E 93 -0.67 15.55 -18.71
CA VAL E 93 0.15 16.06 -19.80
C VAL E 93 -0.73 16.23 -21.02
N TYR E 94 -0.74 17.43 -21.59
CA TYR E 94 -1.62 17.77 -22.70
C TYR E 94 -0.82 17.92 -23.98
N PHE E 95 -1.40 17.43 -25.08
CA PHE E 95 -0.76 17.45 -26.39
C PHE E 95 -1.66 18.15 -27.41
N CYS E 96 -1.02 18.84 -28.35
CA CYS E 96 -1.69 19.36 -29.54
C CYS E 96 -1.15 18.63 -30.75
N ALA E 97 -2.05 18.10 -31.58
CA ALA E 97 -1.67 17.27 -32.70
C ALA E 97 -2.26 17.81 -34.00
N ARG E 98 -1.48 17.71 -35.07
CA ARG E 98 -1.92 18.08 -36.40
C ARG E 98 -2.20 16.82 -37.22
N SER E 99 -3.26 16.86 -38.01
CA SER E 99 -3.63 15.72 -38.83
C SER E 99 -2.54 15.43 -39.87
N ARG E 100 -2.51 14.19 -40.33
CA ARG E 100 -1.57 13.78 -41.37
C ARG E 100 -1.86 14.54 -42.66
N SER E 101 -0.86 14.58 -43.53
CA SER E 101 -1.02 15.27 -44.81
C SER E 101 -2.06 14.56 -45.66
N TYR E 102 -2.63 15.31 -46.60
CA TYR E 102 -3.73 14.79 -47.41
C TYR E 102 -3.21 13.82 -48.47
N TYR E 103 -4.04 12.82 -48.79
CA TYR E 103 -3.73 11.79 -49.77
C TYR E 103 -2.47 11.03 -49.39
N ASN E 104 -1.33 11.41 -49.96
CA ASN E 104 -0.05 10.76 -49.69
C ASN E 104 0.62 11.28 -48.42
N GLY E 105 -0.14 11.44 -47.34
CA GLY E 105 0.40 11.90 -46.08
C GLY E 105 0.53 10.78 -45.08
N SER E 106 1.77 10.44 -44.72
CA SER E 106 2.07 9.33 -43.83
C SER E 106 2.84 9.80 -42.60
N ARG E 107 2.53 11.00 -42.12
CA ARG E 107 3.22 11.54 -40.94
C ARG E 107 2.36 12.61 -40.31
N ASP E 108 1.97 12.41 -39.06
CA ASP E 108 1.31 13.43 -38.28
C ASP E 108 2.36 14.21 -37.48
N TYR E 109 1.90 15.17 -36.68
CA TYR E 109 2.80 16.01 -35.90
C TYR E 109 2.20 16.24 -34.52
N TRP E 110 3.00 15.99 -33.48
CA TRP E 110 2.58 16.18 -32.10
C TRP E 110 3.47 17.22 -31.43
N GLY E 111 2.89 17.90 -30.45
CA GLY E 111 3.64 18.87 -29.67
C GLY E 111 4.62 18.22 -28.72
N GLN E 112 5.40 19.05 -28.05
CA GLN E 112 6.38 18.56 -27.08
C GLN E 112 5.76 18.23 -25.73
N GLY E 113 4.51 18.64 -25.49
CA GLY E 113 3.85 18.33 -24.24
C GLY E 113 3.82 19.47 -23.25
N THR E 114 2.70 19.63 -22.54
CA THR E 114 2.55 20.63 -21.50
C THR E 114 2.19 19.91 -20.20
N SER E 115 3.15 19.82 -19.29
CA SER E 115 2.92 19.15 -18.01
C SER E 115 2.12 20.08 -17.10
N LEU E 116 0.91 19.66 -16.73
CA LEU E 116 0.02 20.44 -15.89
C LEU E 116 -0.18 19.72 -14.57
N THR E 117 -0.04 20.44 -13.47
CA THR E 117 -0.21 19.89 -12.13
C THR E 117 -1.05 20.85 -11.31
N VAL E 118 -2.23 20.39 -10.89
CA VAL E 118 -3.13 21.17 -10.06
C VAL E 118 -2.96 20.71 -8.61
N SER E 119 -2.42 21.58 -7.77
CA SER E 119 -2.20 21.26 -6.38
C SER E 119 -2.17 22.54 -5.57
N SER E 120 -2.80 22.51 -4.40
CA SER E 120 -2.85 23.66 -3.50
C SER E 120 -1.69 23.70 -2.52
N ALA E 121 -0.69 22.84 -2.70
CA ALA E 121 0.46 22.82 -1.81
C ALA E 121 1.43 23.93 -2.17
N LYS E 122 2.32 24.24 -1.24
CA LYS E 122 3.33 25.27 -1.42
C LYS E 122 4.70 24.65 -1.64
N THR E 123 5.67 25.50 -1.94
CA THR E 123 7.03 25.05 -2.19
C THR E 123 7.66 24.53 -0.90
N THR E 124 8.17 23.30 -0.94
CA THR E 124 8.77 22.67 0.23
C THR E 124 10.10 22.05 -0.18
N PRO E 125 11.20 22.37 0.51
CA PRO E 125 12.48 21.75 0.16
C PRO E 125 12.52 20.30 0.60
N PRO E 126 13.29 19.46 -0.07
CA PRO E 126 13.35 18.04 0.30
C PRO E 126 14.20 17.81 1.53
N SER E 127 13.79 16.84 2.34
CA SER E 127 14.52 16.41 3.52
C SER E 127 15.29 15.15 3.17
N VAL E 128 16.62 15.21 3.34
CA VAL E 128 17.51 14.13 2.92
C VAL E 128 17.90 13.31 4.14
N TYR E 129 17.80 11.98 4.02
CA TYR E 129 18.15 11.06 5.07
C TYR E 129 19.05 9.97 4.51
N PRO E 130 20.19 9.69 5.11
CA PRO E 130 21.09 8.66 4.58
C PRO E 130 20.58 7.25 4.88
N LEU E 131 20.81 6.35 3.94
CA LEU E 131 20.40 4.96 4.04
C LEU E 131 21.63 4.07 4.08
N ALA E 132 21.82 3.37 5.21
CA ALA E 132 22.95 2.49 5.40
C ALA E 132 22.50 1.23 6.15
N PRO E 133 23.01 0.06 5.78
CA PRO E 133 22.61 -1.17 6.48
C PRO E 133 23.19 -1.26 7.89
N GLY E 134 22.81 -2.30 8.62
CA GLY E 134 23.31 -2.49 9.98
C GLY E 134 22.79 -3.76 10.62
N SER E 141 31.01 -8.64 -0.38
CA SER E 141 30.94 -8.55 -1.84
C SER E 141 30.54 -7.14 -2.28
N MET E 142 29.25 -6.96 -2.56
CA MET E 142 28.71 -5.67 -2.99
C MET E 142 27.79 -5.13 -1.91
N VAL E 143 28.13 -3.97 -1.37
CA VAL E 143 27.35 -3.32 -0.33
C VAL E 143 26.49 -2.24 -0.98
N THR E 144 25.17 -2.42 -0.91
CA THR E 144 24.23 -1.47 -1.50
C THR E 144 23.84 -0.42 -0.46
N LEU E 145 23.96 0.85 -0.83
CA LEU E 145 23.59 1.96 0.02
C LEU E 145 22.31 2.61 -0.52
N GLY E 146 22.01 3.82 -0.06
CA GLY E 146 20.81 4.50 -0.50
C GLY E 146 20.78 5.94 -0.02
N CYS E 147 19.77 6.66 -0.49
CA CYS E 147 19.57 8.05 -0.13
C CYS E 147 18.08 8.37 -0.20
N LEU E 148 17.50 8.78 0.91
CA LEU E 148 16.07 9.02 1.01
C LEU E 148 15.76 10.50 0.77
N VAL E 149 14.89 10.77 -0.20
CA VAL E 149 14.42 12.12 -0.49
C VAL E 149 12.93 12.14 -0.20
N LYS E 150 12.53 12.81 0.88
CA LYS E 150 11.16 12.80 1.36
C LYS E 150 10.67 14.22 1.60
N GLY E 151 9.42 14.47 1.20
CA GLY E 151 8.77 15.72 1.50
C GLY E 151 9.27 16.92 0.71
N TYR E 152 8.94 16.99 -0.57
CA TYR E 152 9.31 18.14 -1.39
C TYR E 152 8.20 18.42 -2.40
N PHE E 153 8.12 19.68 -2.83
CA PHE E 153 7.13 20.10 -3.80
C PHE E 153 7.61 21.38 -4.46
N PRO E 154 7.47 21.52 -5.78
CA PRO E 154 6.92 20.56 -6.73
C PRO E 154 8.01 19.73 -7.42
N GLU E 155 7.62 18.93 -8.42
CA GLU E 155 8.58 18.15 -9.17
C GLU E 155 9.41 19.07 -10.08
N PRO E 156 10.63 18.64 -10.45
CA PRO E 156 11.32 17.41 -10.07
C PRO E 156 12.50 17.65 -9.14
N VAL E 157 13.36 16.65 -8.99
CA VAL E 157 14.57 16.76 -8.18
C VAL E 157 15.63 15.84 -8.79
N THR E 158 16.85 16.34 -8.88
CA THR E 158 17.97 15.57 -9.42
C THR E 158 18.79 14.98 -8.29
N VAL E 159 19.24 13.75 -8.48
CA VAL E 159 20.03 13.02 -7.48
C VAL E 159 21.29 12.48 -8.16
N THR E 160 22.44 12.80 -7.59
CA THR E 160 23.72 12.31 -8.08
C THR E 160 24.49 11.68 -6.94
N TRP E 161 25.47 10.84 -7.28
CA TRP E 161 26.30 10.14 -6.32
C TRP E 161 27.75 10.55 -6.53
N ASN E 162 28.38 11.08 -5.48
CA ASN E 162 29.77 11.52 -5.51
C ASN E 162 30.00 12.54 -6.63
N SER E 163 29.09 13.50 -6.74
CA SER E 163 29.16 14.58 -7.72
C SER E 163 29.18 14.07 -9.17
N GLY E 164 28.68 12.86 -9.40
CA GLY E 164 28.58 12.31 -10.74
C GLY E 164 29.59 11.24 -11.08
N SER E 165 30.61 11.03 -10.24
CA SER E 165 31.61 10.01 -10.55
C SER E 165 31.04 8.60 -10.41
N LEU E 166 30.02 8.42 -9.57
CA LEU E 166 29.35 7.14 -9.38
C LEU E 166 28.09 7.13 -10.25
N SER E 167 28.23 6.67 -11.48
CA SER E 167 27.12 6.63 -12.43
C SER E 167 26.64 5.23 -12.76
N SER E 168 27.53 4.24 -12.76
CA SER E 168 27.15 2.87 -13.08
C SER E 168 26.64 2.17 -11.83
N GLY E 169 25.51 1.47 -11.97
CA GLY E 169 24.94 0.74 -10.85
C GLY E 169 24.09 1.57 -9.92
N VAL E 170 23.41 2.59 -10.43
CA VAL E 170 22.53 3.43 -9.63
C VAL E 170 21.10 3.25 -10.11
N HIS E 171 20.15 3.46 -9.20
CA HIS E 171 18.73 3.33 -9.53
C HIS E 171 17.97 4.38 -8.73
N THR E 172 17.58 5.46 -9.41
CA THR E 172 16.74 6.49 -8.81
C THR E 172 15.28 6.18 -9.13
N PHE E 173 14.49 5.97 -8.11
CA PHE E 173 13.11 5.55 -8.30
C PHE E 173 12.19 6.75 -8.46
N PRO E 174 11.10 6.60 -9.22
CA PRO E 174 10.14 7.70 -9.37
C PRO E 174 9.52 8.08 -8.04
N ALA E 175 9.12 9.34 -7.94
CA ALA E 175 8.48 9.84 -6.73
C ALA E 175 7.03 9.37 -6.64
N VAL E 176 6.48 9.46 -5.43
CA VAL E 176 5.11 9.06 -5.17
C VAL E 176 4.44 10.15 -4.35
N LEU E 177 3.13 10.32 -4.57
CA LEU E 177 2.36 11.34 -3.87
C LEU E 177 2.02 10.83 -2.48
N GLN E 178 2.79 11.28 -1.49
CA GLN E 178 2.60 10.88 -0.09
C GLN E 178 2.18 12.10 0.71
N SER E 179 0.91 12.16 1.07
CA SER E 179 0.35 13.26 1.86
C SER E 179 0.59 14.61 1.17
N ASP E 180 0.15 14.69 -0.09
CA ASP E 180 0.28 15.89 -0.92
C ASP E 180 1.73 16.31 -1.11
N LEU E 181 2.68 15.39 -0.94
CA LEU E 181 4.08 15.68 -1.15
C LEU E 181 4.73 14.51 -1.89
N TYR E 182 5.89 14.78 -2.48
CA TYR E 182 6.62 13.78 -3.25
C TYR E 182 7.73 13.17 -2.40
N THR E 183 8.07 11.92 -2.71
CA THR E 183 9.07 11.18 -1.96
C THR E 183 9.65 10.10 -2.85
N LEU E 184 10.98 10.02 -2.91
CA LEU E 184 11.66 9.00 -3.71
C LEU E 184 12.92 8.55 -2.99
N SER E 185 13.51 7.48 -3.49
CA SER E 185 14.76 6.93 -2.98
C SER E 185 15.71 6.68 -4.14
N SER E 186 17.00 6.69 -3.83
CA SER E 186 18.05 6.46 -4.83
C SER E 186 19.04 5.45 -4.28
N SER E 187 19.29 4.39 -5.05
CA SER E 187 20.17 3.32 -4.63
C SER E 187 21.49 3.38 -5.39
N VAL E 188 22.50 2.73 -4.83
CA VAL E 188 23.82 2.64 -5.43
C VAL E 188 24.48 1.37 -4.93
N THR E 189 25.21 0.69 -5.82
CA THR E 189 25.89 -0.56 -5.49
C THR E 189 27.39 -0.38 -5.72
N VAL E 190 28.16 -0.37 -4.64
CA VAL E 190 29.61 -0.23 -4.72
C VAL E 190 30.25 -1.45 -4.07
N PRO E 191 31.47 -1.83 -4.45
CA PRO E 191 32.12 -2.97 -3.80
C PRO E 191 32.37 -2.71 -2.33
N SER E 192 32.51 -3.80 -1.58
CA SER E 192 32.74 -3.70 -0.13
C SER E 192 34.07 -3.03 0.20
N SER E 193 35.03 -3.08 -0.74
CA SER E 193 36.30 -2.39 -0.53
C SER E 193 36.20 -0.88 -0.72
N THR E 194 35.08 -0.39 -1.27
CA THR E 194 34.89 1.04 -1.48
C THR E 194 34.24 1.72 -0.27
N TRP E 195 33.29 1.04 0.37
CA TRP E 195 32.57 1.59 1.51
C TRP E 195 32.72 0.67 2.72
N PRO E 196 32.98 1.24 3.91
CA PRO E 196 33.15 2.65 4.22
C PRO E 196 34.59 3.12 4.12
N SER E 197 35.41 2.49 3.26
CA SER E 197 36.80 2.90 3.13
C SER E 197 36.93 4.23 2.39
N GLU E 198 35.97 4.57 1.54
CA GLU E 198 35.96 5.82 0.80
C GLU E 198 34.63 6.53 1.02
N THR E 199 34.61 7.81 0.67
CA THR E 199 33.44 8.66 0.91
C THR E 199 32.42 8.47 -0.21
N VAL E 200 31.20 8.11 0.17
CA VAL E 200 30.08 7.98 -0.76
C VAL E 200 29.00 8.95 -0.29
N THR E 201 28.71 9.96 -1.10
CA THR E 201 27.78 11.02 -0.74
C THR E 201 26.74 11.17 -1.85
N CYS E 202 25.47 11.26 -1.46
CA CYS E 202 24.38 11.52 -2.40
C CYS E 202 24.08 13.01 -2.43
N ASN E 203 23.97 13.57 -3.63
CA ASN E 203 23.75 15.00 -3.84
C ASN E 203 22.40 15.20 -4.48
N VAL E 204 21.52 15.93 -3.79
CA VAL E 204 20.20 16.24 -4.31
C VAL E 204 20.13 17.73 -4.63
N ALA E 205 19.23 18.08 -5.54
CA ALA E 205 19.08 19.46 -6.00
C ALA E 205 17.61 19.73 -6.27
N HIS E 206 17.06 20.73 -5.57
CA HIS E 206 15.68 21.16 -5.78
C HIS E 206 15.68 22.52 -6.46
N PRO E 207 15.57 22.58 -7.79
CA PRO E 207 15.63 23.89 -8.46
C PRO E 207 14.46 24.80 -8.13
N ALA E 208 13.32 24.26 -7.70
CA ALA E 208 12.17 25.09 -7.36
C ALA E 208 12.41 25.95 -6.13
N SER E 209 13.32 25.53 -5.25
CA SER E 209 13.65 26.29 -4.04
C SER E 209 15.14 26.60 -3.94
N SER E 210 15.92 26.31 -4.98
CA SER E 210 17.37 26.54 -4.99
C SER E 210 18.04 25.83 -3.82
N THR E 211 17.69 24.56 -3.64
CA THR E 211 18.20 23.74 -2.54
C THR E 211 19.19 22.73 -3.09
N LYS E 212 20.41 22.75 -2.55
CA LYS E 212 21.48 21.81 -2.92
C LYS E 212 22.05 21.24 -1.64
N VAL E 213 21.55 20.07 -1.23
CA VAL E 213 21.92 19.44 0.03
C VAL E 213 22.65 18.14 -0.25
N ASP E 214 23.79 17.95 0.40
CA ASP E 214 24.57 16.72 0.30
C ASP E 214 24.52 15.98 1.63
N LYS E 215 24.46 14.65 1.56
CA LYS E 215 24.37 13.81 2.75
C LYS E 215 25.34 12.65 2.61
N LYS E 216 26.34 12.61 3.49
CA LYS E 216 27.32 11.54 3.47
C LYS E 216 26.76 10.29 4.14
N ILE E 217 27.05 9.13 3.55
CA ILE E 217 26.59 7.85 4.08
C ILE E 217 27.63 7.34 5.06
N VAL E 218 27.23 7.22 6.32
CA VAL E 218 28.14 6.74 7.38
C VAL E 218 27.59 5.45 7.97
N PRO E 219 28.43 4.56 8.46
CA PRO E 219 27.93 3.31 9.05
C PRO E 219 27.30 3.56 10.42
N ARG E 220 26.36 2.70 10.77
CA ARG E 220 25.65 2.78 12.04
C ARG E 220 26.19 1.74 13.02
N ASP E 221 25.70 1.81 14.25
CA ASP E 221 26.12 0.90 15.29
C ASP E 221 24.97 -0.01 15.73
N GLN F 1 -17.34 6.80 -27.47
CA GLN F 1 -18.24 5.78 -26.96
C GLN F 1 -17.73 4.38 -27.26
N ILE F 2 -17.03 4.24 -28.38
CA ILE F 2 -16.47 2.94 -28.75
C ILE F 2 -15.31 2.62 -27.81
N VAL F 3 -15.35 1.43 -27.21
CA VAL F 3 -14.34 1.00 -26.25
C VAL F 3 -13.30 0.16 -26.99
N LEU F 4 -12.03 0.58 -26.91
CA LEU F 4 -10.93 -0.15 -27.53
C LEU F 4 -10.25 -1.00 -26.46
N THR F 5 -10.40 -2.31 -26.55
CA THR F 5 -9.84 -3.24 -25.58
C THR F 5 -8.58 -3.86 -26.18
N GLN F 6 -7.42 -3.43 -25.70
CA GLN F 6 -6.14 -3.96 -26.17
C GLN F 6 -5.74 -5.19 -25.36
N SER F 7 -5.22 -6.20 -26.07
CA SER F 7 -4.79 -7.44 -25.45
C SER F 7 -3.57 -7.96 -26.22
N PRO F 8 -2.49 -8.33 -25.52
CA PRO F 8 -2.29 -8.29 -24.07
C PRO F 8 -1.83 -6.92 -23.60
N ALA F 9 -2.03 -6.61 -22.32
CA ALA F 9 -1.57 -5.32 -21.79
C ALA F 9 -0.04 -5.27 -21.73
N ILE F 10 0.59 -6.38 -21.38
CA ILE F 10 2.05 -6.47 -21.32
C ILE F 10 2.49 -7.72 -22.07
N MET F 11 3.59 -7.61 -22.83
CA MET F 11 4.13 -8.73 -23.56
C MET F 11 5.62 -8.50 -23.79
N SER F 12 6.37 -9.61 -23.83
CA SER F 12 7.82 -9.56 -24.00
C SER F 12 8.21 -10.30 -25.28
N ALA F 13 9.34 -9.87 -25.86
CA ALA F 13 9.84 -10.48 -27.08
C ALA F 13 11.31 -10.11 -27.25
N SER F 14 12.10 -11.07 -27.73
CA SER F 14 13.51 -10.84 -27.96
C SER F 14 13.73 -10.21 -29.33
N PRO F 15 14.86 -9.51 -29.54
CA PRO F 15 15.11 -8.89 -30.84
C PRO F 15 15.15 -9.89 -31.98
N GLY F 16 14.07 -9.96 -32.75
CA GLY F 16 14.01 -10.84 -33.90
C GLY F 16 12.73 -11.64 -33.99
N GLU F 17 11.91 -11.59 -32.94
CA GLU F 17 10.67 -12.33 -32.90
C GLU F 17 9.58 -11.61 -33.69
N LYS F 18 8.41 -12.24 -33.78
CA LYS F 18 7.24 -11.66 -34.44
C LYS F 18 6.21 -11.31 -33.38
N VAL F 19 5.88 -10.03 -33.28
CA VAL F 19 4.96 -9.52 -32.26
C VAL F 19 3.62 -9.24 -32.91
N THR F 20 2.54 -9.61 -32.21
CA THR F 20 1.18 -9.43 -32.72
C THR F 20 0.30 -8.97 -31.56
N MET F 21 -0.24 -7.76 -31.68
CA MET F 21 -1.15 -7.18 -30.70
C MET F 21 -2.55 -7.09 -31.29
N THR F 22 -3.52 -6.84 -30.40
CA THR F 22 -4.92 -6.82 -30.78
C THR F 22 -5.59 -5.60 -30.16
N CYS F 23 -6.50 -4.98 -30.91
CA CYS F 23 -7.29 -3.84 -30.44
C CYS F 23 -8.76 -4.12 -30.77
N SER F 24 -9.40 -4.94 -29.95
CA SER F 24 -10.80 -5.24 -30.13
C SER F 24 -11.66 -4.04 -29.74
N ALA F 25 -12.72 -3.81 -30.52
CA ALA F 25 -13.61 -2.69 -30.31
C ALA F 25 -14.94 -3.17 -29.73
N SER F 26 -15.79 -2.19 -29.39
CA SER F 26 -17.14 -2.48 -28.92
C SER F 26 -18.17 -2.48 -30.02
N SER F 27 -17.87 -1.84 -31.16
CA SER F 27 -18.75 -1.80 -32.31
C SER F 27 -17.91 -1.85 -33.56
N SER F 28 -18.56 -1.77 -34.72
CA SER F 28 -17.85 -1.83 -35.99
C SER F 28 -17.04 -0.55 -36.20
N VAL F 29 -15.79 -0.70 -36.62
CA VAL F 29 -14.88 0.41 -36.85
C VAL F 29 -14.35 0.31 -38.28
N ASN F 30 -14.35 1.43 -38.99
CA ASN F 30 -13.91 1.45 -40.39
C ASN F 30 -12.41 1.74 -40.50
N TYR F 31 -11.94 2.79 -39.83
CA TYR F 31 -10.54 3.20 -39.88
C TYR F 31 -9.94 3.13 -38.48
N MET F 32 -8.77 2.50 -38.39
CA MET F 32 -8.06 2.32 -37.12
C MET F 32 -6.65 2.86 -37.24
N TYR F 33 -6.16 3.48 -36.17
CA TYR F 33 -4.83 4.05 -36.13
C TYR F 33 -3.98 3.33 -35.09
N TRP F 34 -2.67 3.55 -35.16
CA TRP F 34 -1.72 2.94 -34.24
C TRP F 34 -0.60 3.93 -33.96
N TYR F 35 -0.22 4.07 -32.69
CA TYR F 35 0.82 5.00 -32.28
C TYR F 35 1.86 4.26 -31.45
N GLN F 36 3.06 4.83 -31.40
CA GLN F 36 4.16 4.32 -30.60
C GLN F 36 4.66 5.44 -29.70
N GLN F 37 4.61 5.22 -28.39
CA GLN F 37 5.02 6.21 -27.41
C GLN F 37 6.08 5.62 -26.49
N LYS F 38 7.19 6.35 -26.33
CA LYS F 38 8.25 6.02 -25.39
C LYS F 38 8.18 6.93 -24.19
N PRO F 39 8.64 6.47 -23.01
CA PRO F 39 8.61 7.33 -21.82
C PRO F 39 9.44 8.59 -22.02
N GLY F 40 8.78 9.73 -21.92
CA GLY F 40 9.43 11.02 -22.12
C GLY F 40 9.42 11.52 -23.54
N SER F 41 8.58 10.95 -24.42
CA SER F 41 8.52 11.36 -25.81
C SER F 41 7.07 11.33 -26.28
N SER F 42 6.78 12.17 -27.26
CA SER F 42 5.43 12.22 -27.83
C SER F 42 5.15 10.98 -28.66
N PRO F 43 3.88 10.58 -28.76
CA PRO F 43 3.54 9.42 -29.59
C PRO F 43 3.82 9.68 -31.06
N ARG F 44 4.20 8.62 -31.78
CA ARG F 44 4.52 8.68 -33.19
C ARG F 44 3.60 7.76 -33.96
N LEU F 45 3.04 8.27 -35.06
CA LEU F 45 2.13 7.48 -35.87
C LEU F 45 2.89 6.37 -36.59
N LEU F 46 2.35 5.15 -36.54
CA LEU F 46 2.93 4.00 -37.22
C LEU F 46 2.06 3.50 -38.36
N ILE F 47 0.77 3.29 -38.11
CA ILE F 47 -0.16 2.81 -39.13
C ILE F 47 -1.39 3.72 -39.10
N TYR F 48 -1.72 4.32 -40.22
CA TYR F 48 -2.91 5.15 -40.36
C TYR F 48 -3.89 4.48 -41.31
N ASP F 49 -5.19 4.61 -41.01
CA ASP F 49 -6.27 4.01 -41.79
C ASP F 49 -6.07 2.50 -41.93
N THR F 50 -5.99 1.84 -40.77
CA THR F 50 -6.00 0.39 -40.64
C THR F 50 -4.76 -0.29 -41.19
N SER F 51 -4.39 -0.02 -42.45
CA SER F 51 -3.35 -0.80 -43.11
C SER F 51 -2.29 0.02 -43.83
N ASN F 52 -2.35 1.36 -43.79
CA ASN F 52 -1.39 2.18 -44.49
C ASN F 52 -0.22 2.52 -43.57
N LEU F 53 0.99 2.24 -44.03
CA LEU F 53 2.20 2.48 -43.24
C LEU F 53 2.58 3.96 -43.28
N ALA F 54 3.16 4.43 -42.18
CA ALA F 54 3.54 5.83 -42.04
C ALA F 54 4.88 6.11 -42.71
N SER F 55 5.33 7.36 -42.60
CA SER F 55 6.60 7.79 -43.15
C SER F 55 7.70 7.71 -42.10
N GLY F 56 8.84 7.16 -42.50
CA GLY F 56 10.00 7.14 -41.63
C GLY F 56 10.09 5.85 -40.87
N VAL F 57 8.93 5.24 -40.65
CA VAL F 57 8.83 3.99 -39.91
C VAL F 57 9.30 2.86 -40.82
N PRO F 58 10.06 1.90 -40.30
CA PRO F 58 10.51 0.79 -41.14
C PRO F 58 9.34 -0.07 -41.59
N VAL F 59 9.59 -0.85 -42.64
CA VAL F 59 8.56 -1.70 -43.22
C VAL F 59 8.25 -2.93 -42.38
N ARG F 60 8.95 -3.13 -41.26
CA ARG F 60 8.68 -4.28 -40.40
C ARG F 60 7.35 -4.16 -39.67
N PHE F 61 6.77 -2.96 -39.60
CA PHE F 61 5.48 -2.76 -38.98
C PHE F 61 4.37 -3.00 -39.99
N SER F 62 3.25 -3.54 -39.50
CA SER F 62 2.12 -3.84 -40.37
C SER F 62 0.83 -3.82 -39.56
N GLY F 63 -0.19 -3.17 -40.10
CA GLY F 63 -1.50 -3.11 -39.47
C GLY F 63 -2.51 -3.87 -40.30
N SER F 64 -3.51 -4.44 -39.64
CA SER F 64 -4.54 -5.22 -40.31
C SER F 64 -5.79 -5.21 -39.44
N GLY F 65 -6.85 -5.84 -39.95
CA GLY F 65 -8.10 -5.93 -39.22
C GLY F 65 -9.27 -5.26 -39.92
N SER F 66 -10.48 -5.61 -39.52
CA SER F 66 -11.68 -5.04 -40.11
C SER F 66 -12.86 -5.27 -39.16
N GLY F 67 -13.84 -4.38 -39.23
CA GLY F 67 -15.04 -4.51 -38.43
C GLY F 67 -14.82 -4.21 -36.96
N THR F 68 -14.71 -5.26 -36.15
CA THR F 68 -14.54 -5.12 -34.71
C THR F 68 -13.20 -5.64 -34.20
N SER F 69 -12.41 -6.31 -35.03
CA SER F 69 -11.13 -6.87 -34.63
C SER F 69 -10.04 -6.29 -35.52
N PHE F 70 -8.96 -5.81 -34.90
CA PHE F 70 -7.81 -5.27 -35.62
C PHE F 70 -6.55 -5.80 -34.98
N SER F 71 -5.42 -5.58 -35.65
CA SER F 71 -4.16 -6.12 -35.15
C SER F 71 -2.99 -5.32 -35.72
N LEU F 72 -1.93 -5.22 -34.92
CA LEU F 72 -0.67 -4.63 -35.32
C LEU F 72 0.41 -5.71 -35.22
N THR F 73 1.17 -5.89 -36.29
CA THR F 73 2.16 -6.97 -36.36
C THR F 73 3.52 -6.40 -36.72
N ILE F 74 4.55 -6.85 -36.00
CA ILE F 74 5.94 -6.51 -36.29
C ILE F 74 6.62 -7.77 -36.80
N SER F 75 7.18 -7.71 -38.01
CA SER F 75 7.84 -8.85 -38.62
C SER F 75 9.10 -9.24 -37.83
N ARG F 76 10.09 -8.37 -37.83
CA ARG F 76 11.37 -8.62 -37.15
C ARG F 76 11.51 -7.62 -36.00
N MET F 77 11.41 -8.12 -34.77
CA MET F 77 11.52 -7.26 -33.60
C MET F 77 12.94 -6.76 -33.43
N GLU F 78 13.09 -5.46 -33.18
CA GLU F 78 14.38 -4.82 -32.99
C GLU F 78 14.45 -4.21 -31.60
N ALA F 79 15.67 -3.82 -31.20
CA ALA F 79 15.88 -3.29 -29.86
C ALA F 79 15.17 -1.95 -29.66
N GLU F 80 15.14 -1.13 -30.71
CA GLU F 80 14.52 0.19 -30.60
C GLU F 80 13.00 0.15 -30.63
N ASP F 81 12.40 -1.01 -30.88
CA ASP F 81 10.95 -1.15 -30.96
C ASP F 81 10.30 -1.38 -29.60
N ALA F 82 11.06 -1.27 -28.51
CA ALA F 82 10.52 -1.46 -27.17
C ALA F 82 9.88 -0.16 -26.71
N ALA F 83 8.55 -0.15 -26.66
CA ALA F 83 7.77 1.02 -26.24
C ALA F 83 6.35 0.56 -25.97
N THR F 84 5.44 1.52 -25.83
CA THR F 84 4.02 1.24 -25.64
C THR F 84 3.27 1.60 -26.93
N TYR F 85 2.40 0.70 -27.36
CA TYR F 85 1.71 0.84 -28.64
C TYR F 85 0.21 0.96 -28.38
N PHE F 86 -0.35 2.13 -28.68
CA PHE F 86 -1.77 2.39 -28.51
C PHE F 86 -2.50 2.24 -29.85
N CYS F 87 -3.82 2.13 -29.76
CA CYS F 87 -4.68 2.08 -30.93
C CYS F 87 -5.77 3.14 -30.78
N GLN F 88 -6.14 3.78 -31.88
CA GLN F 88 -7.12 4.85 -31.87
C GLN F 88 -8.05 4.68 -33.06
N GLN F 89 -9.35 4.63 -32.79
CA GLN F 89 -10.34 4.48 -33.85
C GLN F 89 -10.78 5.84 -34.37
N TRP F 90 -11.09 5.89 -35.66
CA TRP F 90 -11.58 7.11 -36.30
C TRP F 90 -12.89 6.87 -37.05
N SER F 91 -13.62 5.81 -36.69
CA SER F 91 -14.86 5.50 -37.37
C SER F 91 -15.96 6.49 -37.00
N SER F 92 -16.09 6.81 -35.72
CA SER F 92 -17.11 7.73 -35.24
C SER F 92 -16.54 8.62 -34.15
N TYR F 93 -17.32 9.61 -33.75
CA TYR F 93 -16.95 10.56 -32.71
C TYR F 93 -17.72 10.27 -31.42
N PRO F 94 -17.10 10.51 -30.25
CA PRO F 94 -15.76 11.07 -30.03
C PRO F 94 -14.65 10.06 -30.26
N LEU F 95 -13.43 10.53 -30.50
CA LEU F 95 -12.31 9.64 -30.71
C LEU F 95 -11.89 8.99 -29.40
N THR F 96 -11.58 7.70 -29.47
CA THR F 96 -11.23 6.91 -28.29
C THR F 96 -9.95 6.15 -28.54
N PHE F 97 -9.19 5.92 -27.46
CA PHE F 97 -7.94 5.19 -27.50
C PHE F 97 -8.06 3.89 -26.72
N GLY F 98 -7.09 3.00 -26.94
CA GLY F 98 -7.04 1.74 -26.25
C GLY F 98 -6.34 1.83 -24.91
N ALA F 99 -6.39 0.73 -24.16
CA ALA F 99 -5.75 0.69 -22.86
C ALA F 99 -4.22 0.77 -22.99
N GLY F 100 -3.68 0.31 -24.10
CA GLY F 100 -2.24 0.34 -24.32
C GLY F 100 -1.57 -1.00 -24.10
N THR F 101 -0.57 -1.30 -24.92
CA THR F 101 0.19 -2.55 -24.82
C THR F 101 1.66 -2.20 -24.63
N ASN F 102 2.19 -2.48 -23.44
CA ASN F 102 3.59 -2.25 -23.16
C ASN F 102 4.43 -3.38 -23.73
N LEU F 103 5.45 -3.03 -24.50
CA LEU F 103 6.33 -4.00 -25.14
C LEU F 103 7.72 -3.89 -24.51
N GLU F 104 8.17 -4.97 -23.87
CA GLU F 104 9.48 -5.04 -23.26
C GLU F 104 10.31 -6.11 -23.96
N LEU F 105 11.63 -5.95 -23.92
CA LEU F 105 12.52 -6.92 -24.51
C LEU F 105 12.78 -8.05 -23.53
N LYS F 106 12.88 -9.27 -24.05
CA LYS F 106 13.02 -10.47 -23.22
C LYS F 106 14.49 -10.73 -22.89
N ARG F 107 14.72 -11.23 -21.68
CA ARG F 107 16.06 -11.56 -21.21
C ARG F 107 15.95 -12.71 -20.21
N ALA F 108 17.10 -13.16 -19.72
CA ALA F 108 17.12 -14.24 -18.75
C ALA F 108 16.55 -13.79 -17.41
N ASP F 109 15.95 -14.72 -16.70
CA ASP F 109 15.37 -14.41 -15.39
C ASP F 109 16.47 -14.12 -14.38
N ALA F 110 16.21 -13.16 -13.49
CA ALA F 110 17.17 -12.75 -12.49
C ALA F 110 16.45 -12.58 -11.15
N ALA F 111 17.17 -12.91 -10.08
CA ALA F 111 16.64 -12.78 -8.72
C ALA F 111 16.87 -11.37 -8.19
N PRO F 112 15.88 -10.79 -7.51
CA PRO F 112 16.05 -9.42 -7.00
C PRO F 112 17.01 -9.38 -5.82
N THR F 113 17.84 -8.34 -5.80
CA THR F 113 18.77 -8.11 -4.70
C THR F 113 18.06 -7.34 -3.60
N VAL F 114 17.58 -8.06 -2.59
CA VAL F 114 16.81 -7.46 -1.51
C VAL F 114 17.76 -6.83 -0.51
N SER F 115 17.47 -5.60 -0.10
CA SER F 115 18.29 -4.88 0.88
C SER F 115 17.37 -3.97 1.69
N ILE F 116 17.24 -4.25 2.98
CA ILE F 116 16.41 -3.45 3.88
C ILE F 116 17.31 -2.45 4.59
N PHE F 117 16.76 -1.26 4.88
CA PHE F 117 17.52 -0.20 5.51
C PHE F 117 16.72 0.38 6.67
N PRO F 118 17.30 0.46 7.87
CA PRO F 118 16.62 1.10 8.98
C PRO F 118 16.57 2.61 8.78
N PRO F 119 15.58 3.29 9.37
CA PRO F 119 15.52 4.74 9.25
C PRO F 119 16.72 5.41 9.91
N SER F 120 17.23 6.46 9.27
CA SER F 120 18.42 7.13 9.76
C SER F 120 18.15 7.86 11.08
N SER F 121 19.21 8.05 11.85
CA SER F 121 19.08 8.75 13.12
C SER F 121 18.68 10.21 12.92
N GLU F 122 19.03 10.81 11.78
CA GLU F 122 18.61 12.17 11.50
C GLU F 122 17.09 12.24 11.29
N GLN F 123 16.48 11.16 10.80
CA GLN F 123 15.03 11.15 10.63
C GLN F 123 14.30 10.78 11.91
N LEU F 124 14.88 9.90 12.74
CA LEU F 124 14.22 9.50 13.98
C LEU F 124 14.09 10.68 14.94
N THR F 125 15.15 11.50 15.04
CA THR F 125 15.10 12.68 15.90
C THR F 125 14.13 13.72 15.40
N SER F 126 13.85 13.75 14.09
CA SER F 126 12.92 14.72 13.53
C SER F 126 11.47 14.39 13.82
N GLY F 127 11.16 13.14 14.18
CA GLY F 127 9.81 12.73 14.50
C GLY F 127 9.19 11.71 13.56
N GLY F 128 9.99 11.03 12.73
CA GLY F 128 9.47 10.05 11.81
C GLY F 128 10.42 8.87 11.69
N ALA F 129 9.92 7.82 11.03
CA ALA F 129 10.71 6.61 10.84
C ALA F 129 10.19 5.87 9.61
N SER F 130 10.98 5.88 8.54
CA SER F 130 10.62 5.21 7.30
C SER F 130 11.59 4.06 7.06
N VAL F 131 11.05 2.88 6.76
CA VAL F 131 11.84 1.69 6.49
C VAL F 131 11.86 1.47 4.98
N VAL F 132 13.05 1.51 4.38
CA VAL F 132 13.23 1.39 2.95
C VAL F 132 13.78 0.01 2.64
N CYS F 133 13.20 -0.66 1.64
CA CYS F 133 13.64 -1.97 1.20
C CYS F 133 13.81 -1.94 -0.31
N PHE F 134 15.03 -2.15 -0.78
CA PHE F 134 15.33 -2.09 -2.20
C PHE F 134 15.23 -3.48 -2.84
N LEU F 135 14.79 -3.50 -4.10
CA LEU F 135 14.71 -4.72 -4.92
C LEU F 135 15.27 -4.36 -6.29
N ASN F 136 16.58 -4.51 -6.45
CA ASN F 136 17.28 -4.05 -7.64
C ASN F 136 17.57 -5.20 -8.59
N ASN F 137 17.41 -4.94 -9.89
CA ASN F 137 17.82 -5.84 -10.96
C ASN F 137 17.13 -7.20 -10.88
N PHE F 138 15.93 -7.31 -11.44
CA PHE F 138 15.24 -8.59 -11.51
C PHE F 138 14.41 -8.63 -12.79
N TYR F 139 13.98 -9.85 -13.15
CA TYR F 139 13.19 -10.06 -14.35
C TYR F 139 12.39 -11.33 -14.17
N PRO F 140 11.10 -11.36 -14.54
CA PRO F 140 10.31 -10.29 -15.18
C PRO F 140 9.85 -9.22 -14.19
N LYS F 141 8.96 -8.33 -14.64
CA LYS F 141 8.49 -7.25 -13.80
C LYS F 141 7.59 -7.73 -12.67
N ASP F 142 6.98 -8.91 -12.80
CA ASP F 142 6.11 -9.44 -11.76
C ASP F 142 6.93 -9.77 -10.52
N ILE F 143 6.57 -9.16 -9.39
CA ILE F 143 7.27 -9.36 -8.13
C ILE F 143 6.30 -9.07 -6.99
N ASN F 144 6.63 -9.59 -5.80
CA ASN F 144 5.79 -9.44 -4.63
C ASN F 144 6.64 -9.00 -3.45
N VAL F 145 6.10 -8.07 -2.66
CA VAL F 145 6.76 -7.54 -1.47
C VAL F 145 5.77 -7.59 -0.31
N LYS F 146 6.19 -8.17 0.81
CA LYS F 146 5.38 -8.25 2.01
C LYS F 146 6.15 -7.67 3.19
N TRP F 147 5.52 -6.72 3.88
CA TRP F 147 6.11 -6.07 5.04
C TRP F 147 5.59 -6.74 6.30
N LYS F 148 6.49 -7.36 7.06
CA LYS F 148 6.15 -8.06 8.30
C LYS F 148 6.76 -7.32 9.48
N ILE F 149 5.92 -6.85 10.40
CA ILE F 149 6.35 -6.15 11.60
C ILE F 149 6.13 -7.09 12.78
N ASP F 150 7.22 -7.54 13.39
CA ASP F 150 7.18 -8.48 14.51
C ASP F 150 6.42 -9.75 14.14
N GLY F 151 6.61 -10.21 12.90
CA GLY F 151 5.96 -11.42 12.42
C GLY F 151 4.61 -11.20 11.76
N SER F 152 3.91 -10.13 12.10
CA SER F 152 2.60 -9.85 11.52
C SER F 152 2.75 -8.93 10.31
N GLU F 153 2.06 -9.27 9.23
CA GLU F 153 2.13 -8.49 8.00
C GLU F 153 1.22 -7.27 8.08
N ARG F 154 1.67 -6.17 7.49
CA ARG F 154 0.89 -4.94 7.43
C ARG F 154 0.88 -4.43 6.00
N GLN F 155 -0.24 -3.85 5.58
CA GLN F 155 -0.41 -3.36 4.22
C GLN F 155 -0.65 -1.86 4.12
N ASN F 156 -1.21 -1.24 5.16
CA ASN F 156 -1.50 0.18 5.12
C ASN F 156 -0.23 0.99 5.34
N GLY F 157 -0.02 2.00 4.50
CA GLY F 157 1.14 2.87 4.62
C GLY F 157 2.33 2.46 3.79
N VAL F 158 2.21 1.41 2.98
CA VAL F 158 3.31 0.94 2.14
C VAL F 158 3.21 1.61 0.78
N LEU F 159 4.29 2.23 0.33
CA LEU F 159 4.35 2.91 -0.95
C LEU F 159 5.42 2.26 -1.82
N ASN F 160 5.03 1.84 -3.02
CA ASN F 160 5.93 1.18 -3.96
C ASN F 160 6.13 2.06 -5.18
N SER F 161 7.33 1.98 -5.76
CA SER F 161 7.68 2.80 -6.92
C SER F 161 8.60 1.98 -7.82
N TRP F 162 8.12 1.61 -8.99
CA TRP F 162 8.90 0.86 -9.96
C TRP F 162 9.58 1.79 -10.95
N THR F 163 10.75 1.37 -11.41
CA THR F 163 11.48 2.07 -12.46
C THR F 163 11.22 1.42 -13.81
N ASP F 164 11.44 2.19 -14.86
CA ASP F 164 11.31 1.66 -16.21
C ASP F 164 12.41 0.63 -16.48
N GLN F 165 12.22 -0.16 -17.54
CA GLN F 165 13.20 -1.17 -17.91
C GLN F 165 14.53 -0.51 -18.25
N ASP F 166 15.61 -1.03 -17.66
CA ASP F 166 16.93 -0.46 -17.86
C ASP F 166 17.37 -0.60 -19.31
N SER F 167 18.18 0.35 -19.76
CA SER F 167 18.65 0.36 -21.14
C SER F 167 19.85 -0.54 -21.39
N LYS F 168 20.47 -1.08 -20.34
CA LYS F 168 21.65 -1.93 -20.48
C LYS F 168 21.29 -3.39 -20.22
N ASP F 169 21.05 -3.78 -18.96
CA ASP F 169 20.73 -5.16 -18.64
C ASP F 169 19.25 -5.49 -18.78
N SER F 170 18.40 -4.49 -19.04
CA SER F 170 16.97 -4.70 -19.26
C SER F 170 16.30 -5.34 -18.05
N THR F 171 16.76 -4.97 -16.86
CA THR F 171 16.21 -5.48 -15.61
C THR F 171 15.38 -4.42 -14.93
N TYR F 172 14.46 -4.86 -14.08
CA TYR F 172 13.58 -3.97 -13.35
C TYR F 172 14.06 -3.79 -11.92
N SER F 173 13.65 -2.68 -11.31
CA SER F 173 14.01 -2.36 -9.94
C SER F 173 12.82 -1.67 -9.27
N MET F 174 12.59 -2.01 -8.01
CA MET F 174 11.47 -1.46 -7.26
C MET F 174 11.89 -1.24 -5.81
N SER F 175 11.40 -0.16 -5.21
CA SER F 175 11.70 0.19 -3.83
C SER F 175 10.41 0.26 -3.04
N SER F 176 10.36 -0.46 -1.93
CA SER F 176 9.22 -0.48 -1.03
C SER F 176 9.57 0.30 0.22
N THR F 177 8.80 1.35 0.51
CA THR F 177 9.06 2.24 1.64
C THR F 177 7.89 2.17 2.60
N LEU F 178 8.16 1.81 3.85
CA LEU F 178 7.16 1.74 4.90
C LEU F 178 7.32 2.97 5.80
N THR F 179 6.37 3.89 5.73
CA THR F 179 6.44 5.15 6.47
C THR F 179 5.65 5.00 7.77
N LEU F 180 6.36 5.10 8.89
CA LEU F 180 5.77 5.04 10.22
C LEU F 180 6.17 6.27 11.01
N THR F 181 5.47 6.48 12.12
CA THR F 181 5.81 7.56 13.05
C THR F 181 6.87 7.08 14.04
N LYS F 182 7.41 8.02 14.81
CA LYS F 182 8.43 7.68 15.79
C LYS F 182 7.87 6.77 16.88
N ASP F 183 6.60 7.00 17.26
CA ASP F 183 6.00 6.16 18.29
C ASP F 183 5.72 4.75 17.79
N GLU F 184 5.19 4.63 16.57
CA GLU F 184 4.89 3.30 16.03
C GLU F 184 6.14 2.49 15.77
N TYR F 185 7.26 3.16 15.43
CA TYR F 185 8.49 2.43 15.16
C TYR F 185 9.12 1.89 16.43
N GLU F 186 9.00 2.61 17.54
CA GLU F 186 9.58 2.18 18.81
C GLU F 186 8.71 1.17 19.55
N ARG F 187 7.52 0.87 19.03
CA ARG F 187 6.65 -0.13 19.64
C ARG F 187 6.98 -1.55 19.23
N HIS F 188 7.91 -1.74 18.30
CA HIS F 188 8.25 -3.07 17.80
C HIS F 188 9.77 -3.19 17.69
N ASN F 189 10.23 -4.40 17.37
CA ASN F 189 11.65 -4.70 17.28
C ASN F 189 12.04 -5.27 15.93
N SER F 190 11.39 -6.35 15.48
CA SER F 190 11.76 -7.02 14.25
C SER F 190 10.99 -6.45 13.08
N TYR F 191 11.70 -6.11 12.01
CA TYR F 191 11.11 -5.60 10.77
C TYR F 191 11.60 -6.46 9.62
N THR F 192 10.67 -7.12 8.94
CA THR F 192 10.99 -8.08 7.90
C THR F 192 10.48 -7.59 6.55
N CYS F 193 11.33 -7.72 5.53
CA CYS F 193 10.98 -7.39 4.15
C CYS F 193 11.01 -8.68 3.33
N GLU F 194 9.84 -9.23 3.06
CA GLU F 194 9.72 -10.46 2.28
C GLU F 194 9.54 -10.13 0.81
N ALA F 195 10.25 -10.88 -0.05
CA ALA F 195 10.19 -10.68 -1.49
C ALA F 195 9.89 -12.00 -2.17
N THR F 196 8.70 -12.12 -2.76
CA THR F 196 8.29 -13.32 -3.47
C THR F 196 8.44 -13.11 -4.96
N HIS F 197 9.17 -14.01 -5.61
CA HIS F 197 9.43 -13.91 -7.04
C HIS F 197 9.25 -15.28 -7.68
N LYS F 198 9.14 -15.28 -9.01
CA LYS F 198 9.00 -16.53 -9.75
C LYS F 198 10.31 -17.30 -9.86
N THR F 199 11.45 -16.62 -9.69
CA THR F 199 12.75 -17.26 -9.83
C THR F 199 13.06 -18.25 -8.72
N SER F 200 12.28 -18.24 -7.64
CA SER F 200 12.51 -19.15 -6.53
C SER F 200 11.21 -19.34 -5.75
N THR F 201 10.92 -20.60 -5.40
CA THR F 201 9.73 -20.89 -4.62
C THR F 201 9.83 -20.39 -3.18
N SER F 202 11.05 -20.17 -2.69
CA SER F 202 11.25 -19.65 -1.34
C SER F 202 11.42 -18.14 -1.41
N PRO F 203 10.61 -17.36 -0.70
CA PRO F 203 10.74 -15.90 -0.78
C PRO F 203 12.01 -15.41 -0.11
N ILE F 204 12.70 -14.48 -0.79
CA ILE F 204 13.90 -13.89 -0.22
C ILE F 204 13.51 -12.95 0.91
N VAL F 205 14.11 -13.16 2.07
CA VAL F 205 13.76 -12.42 3.29
C VAL F 205 14.99 -11.66 3.76
N LYS F 206 14.81 -10.38 4.08
CA LYS F 206 15.86 -9.54 4.66
C LYS F 206 15.26 -8.77 5.83
N SER F 207 15.83 -8.95 7.01
CA SER F 207 15.28 -8.36 8.23
C SER F 207 16.38 -7.65 9.00
N PHE F 208 15.96 -6.91 10.03
CA PHE F 208 16.89 -6.23 10.91
C PHE F 208 16.19 -5.96 12.24
N ASN F 209 16.98 -5.92 13.31
CA ASN F 209 16.49 -5.66 14.65
C ASN F 209 17.15 -4.41 15.20
N ARG F 210 16.36 -3.56 15.86
CA ARG F 210 16.87 -2.33 16.45
C ARG F 210 17.56 -2.66 17.77
N ASN F 211 18.73 -3.30 17.65
CA ASN F 211 19.52 -3.69 18.82
C ASN F 211 20.57 -2.63 19.14
N GLY G 1 -11.99 0.34 -47.57
CA GLY G 1 -12.36 -1.06 -47.55
C GLY G 1 -12.89 -1.55 -48.88
N ILE G 2 -14.07 -1.07 -49.26
CA ILE G 2 -14.71 -1.48 -50.51
C ILE G 2 -14.27 -0.57 -51.67
N VAL G 3 -14.51 0.73 -51.54
CA VAL G 3 -14.25 1.68 -52.61
C VAL G 3 -14.13 3.07 -51.99
N GLU G 4 -13.57 4.01 -52.74
CA GLU G 4 -13.45 5.38 -52.29
C GLU G 4 -13.84 6.32 -53.41
N GLN G 5 -14.37 7.49 -53.05
CA GLN G 5 -14.91 8.45 -54.00
C GLN G 5 -14.24 9.80 -53.89
N CYS G 6 -14.31 10.46 -52.73
CA CYS G 6 -13.64 11.74 -52.54
C CYS G 6 -12.13 11.61 -52.46
N CYS G 7 -11.58 10.40 -52.60
CA CYS G 7 -10.14 10.19 -52.63
C CYS G 7 -9.58 10.22 -54.05
N THR G 8 -10.27 9.57 -54.99
CA THR G 8 -9.83 9.61 -56.39
C THR G 8 -10.03 11.01 -56.97
N SER G 9 -11.27 11.49 -56.95
CA SER G 9 -11.57 12.87 -57.33
C SER G 9 -11.63 13.74 -56.08
N ILE G 10 -11.98 15.01 -56.27
CA ILE G 10 -12.09 15.97 -55.18
C ILE G 10 -13.53 16.41 -55.06
N CYS G 11 -14.14 16.15 -53.91
CA CYS G 11 -15.52 16.58 -53.64
C CYS G 11 -15.50 17.99 -53.06
N SER G 12 -16.41 18.83 -53.53
CA SER G 12 -16.50 20.19 -53.05
C SER G 12 -17.37 20.27 -51.80
N LEU G 13 -17.58 21.50 -51.30
CA LEU G 13 -18.36 21.68 -50.08
C LEU G 13 -19.84 21.42 -50.32
N TYR G 14 -20.36 21.81 -51.49
CA TYR G 14 -21.78 21.65 -51.75
C TYR G 14 -22.17 20.18 -51.89
N GLN G 15 -21.28 19.35 -52.45
CA GLN G 15 -21.60 17.93 -52.58
C GLN G 15 -21.54 17.21 -51.23
N LEU G 16 -20.76 17.74 -50.28
CA LEU G 16 -20.70 17.16 -48.95
C LEU G 16 -21.92 17.48 -48.11
N GLU G 17 -22.59 18.60 -48.38
CA GLU G 17 -23.81 18.95 -47.65
C GLU G 17 -24.95 17.98 -47.91
N ASN G 18 -24.92 17.27 -49.04
CA ASN G 18 -25.93 16.26 -49.32
C ASN G 18 -25.71 14.97 -48.55
N TYR G 19 -24.55 14.81 -47.90
CA TYR G 19 -24.28 13.65 -47.06
C TYR G 19 -24.71 13.85 -45.62
N CYS G 20 -25.16 15.05 -45.25
CA CYS G 20 -25.58 15.32 -43.89
C CYS G 20 -26.98 14.78 -43.65
N ASN G 21 -27.31 14.61 -42.36
CA ASN G 21 -28.62 14.10 -41.97
C ASN G 21 -29.64 15.22 -41.87
N PHE H 1 -9.38 21.53 -46.15
CA PHE H 1 -10.34 20.70 -46.88
C PHE H 1 -10.82 21.40 -48.14
N VAL H 2 -10.45 22.67 -48.28
CA VAL H 2 -10.82 23.46 -49.46
C VAL H 2 -10.15 22.87 -50.69
N ASN H 3 -10.91 22.05 -51.43
CA ASN H 3 -10.42 21.37 -52.64
C ASN H 3 -9.19 20.52 -52.32
N GLN H 4 -9.45 19.42 -51.61
CA GLN H 4 -8.41 18.48 -51.22
C GLN H 4 -8.93 17.06 -51.44
N HIS H 5 -8.00 16.11 -51.42
CA HIS H 5 -8.32 14.69 -51.62
C HIS H 5 -8.61 14.07 -50.25
N LEU H 6 -9.86 13.66 -50.05
CA LEU H 6 -10.33 13.13 -48.77
C LEU H 6 -10.21 11.61 -48.82
N CYS H 7 -9.12 11.08 -48.25
CA CYS H 7 -8.85 9.66 -48.25
C CYS H 7 -8.85 9.13 -46.83
N GLY H 8 -9.60 8.05 -46.59
CA GLY H 8 -9.58 7.43 -45.29
C GLY H 8 -10.25 8.31 -44.25
N SER H 9 -9.57 8.47 -43.10
CA SER H 9 -10.10 9.28 -42.02
C SER H 9 -10.19 10.76 -42.39
N HIS H 10 -9.48 11.19 -43.43
CA HIS H 10 -9.62 12.57 -43.89
C HIS H 10 -11.03 12.87 -44.37
N LEU H 11 -11.71 11.87 -44.94
CA LEU H 11 -13.09 12.05 -45.35
C LEU H 11 -14.00 12.24 -44.13
N VAL H 12 -13.70 11.54 -43.03
CA VAL H 12 -14.49 11.67 -41.83
C VAL H 12 -14.28 13.03 -41.16
N GLU H 13 -13.08 13.59 -41.30
CA GLU H 13 -12.78 14.89 -40.69
C GLU H 13 -13.64 16.00 -41.30
N ALA H 14 -13.77 16.00 -42.63
CA ALA H 14 -14.51 17.08 -43.29
C ALA H 14 -16.02 16.93 -43.07
N LEU H 15 -16.53 15.69 -43.12
CA LEU H 15 -17.96 15.49 -42.90
C LEU H 15 -18.35 15.84 -41.46
N TYR H 16 -17.43 15.65 -40.51
CA TYR H 16 -17.70 16.10 -39.15
C TYR H 16 -17.72 17.61 -39.03
N LEU H 17 -16.99 18.30 -39.92
CA LEU H 17 -16.96 19.76 -39.88
C LEU H 17 -18.17 20.36 -40.58
N VAL H 18 -18.56 19.79 -41.72
CA VAL H 18 -19.69 20.34 -42.48
C VAL H 18 -21.01 20.01 -41.79
N CYS H 19 -21.24 18.73 -41.50
CA CYS H 19 -22.49 18.32 -40.87
C CYS H 19 -22.54 18.68 -39.39
N GLY H 20 -21.38 18.82 -38.74
CA GLY H 20 -21.38 19.17 -37.33
C GLY H 20 -21.88 18.00 -36.49
N GLU H 21 -22.79 18.30 -35.56
CA GLU H 21 -23.37 17.30 -34.68
C GLU H 21 -24.53 16.53 -35.32
N ARG H 22 -24.74 16.69 -36.63
CA ARG H 22 -25.86 16.04 -37.31
C ARG H 22 -25.54 14.63 -37.80
N GLY H 23 -24.28 14.22 -37.76
CA GLY H 23 -23.89 12.91 -38.24
C GLY H 23 -23.77 12.86 -39.75
N PHE H 24 -23.25 11.73 -40.24
CA PHE H 24 -22.99 11.56 -41.66
C PHE H 24 -22.84 10.06 -41.94
N PHE H 25 -22.64 9.75 -43.22
CA PHE H 25 -22.40 8.38 -43.67
C PHE H 25 -21.42 8.40 -44.82
N TYR H 26 -20.58 7.37 -44.89
CA TYR H 26 -19.52 7.33 -45.90
C TYR H 26 -19.27 5.91 -46.40
N THR H 27 -19.71 4.91 -45.63
CA THR H 27 -19.56 3.52 -46.04
C THR H 27 -20.83 2.75 -45.73
N PRO H 28 -21.44 2.08 -46.72
CA PRO H 28 -21.01 2.06 -48.12
C PRO H 28 -21.35 3.34 -48.88
N GLN I 1 2.22 -6.91 66.47
CA GLN I 1 1.32 -5.97 67.12
C GLN I 1 0.02 -6.67 67.51
N ILE I 2 -0.38 -7.66 66.72
CA ILE I 2 -1.57 -8.42 67.03
C ILE I 2 -1.31 -9.28 68.25
N VAL I 3 -2.22 -9.24 69.21
CA VAL I 3 -2.04 -9.92 70.49
C VAL I 3 -2.65 -11.31 70.42
N LEU I 4 -1.84 -12.32 70.76
CA LEU I 4 -2.27 -13.70 70.78
C LEU I 4 -2.68 -14.04 72.21
N THR I 5 -3.98 -14.24 72.42
CA THR I 5 -4.53 -14.51 73.74
C THR I 5 -4.80 -16.01 73.86
N GLN I 6 -3.94 -16.70 74.61
CA GLN I 6 -4.11 -18.12 74.85
C GLN I 6 -4.99 -18.36 76.08
N SER I 7 -5.88 -19.34 75.97
CA SER I 7 -6.80 -19.66 77.05
C SER I 7 -7.01 -21.17 77.08
N PRO I 8 -6.90 -21.81 78.24
CA PRO I 8 -6.56 -21.24 79.54
C PRO I 8 -5.06 -21.07 79.72
N ALA I 9 -4.62 -20.19 80.62
CA ALA I 9 -3.19 -20.02 80.87
C ALA I 9 -2.61 -21.27 81.52
N ILE I 10 -3.36 -21.88 82.44
CA ILE I 10 -2.96 -23.12 83.10
C ILE I 10 -4.13 -24.09 83.01
N MET I 11 -3.82 -25.35 82.76
CA MET I 11 -4.86 -26.37 82.67
C MET I 11 -4.25 -27.73 83.00
N SER I 12 -5.07 -28.59 83.59
CA SER I 12 -4.67 -29.92 84.00
C SER I 12 -5.51 -30.96 83.27
N ALA I 13 -4.93 -32.15 83.08
CA ALA I 13 -5.62 -33.23 82.40
C ALA I 13 -4.94 -34.54 82.75
N SER I 14 -5.75 -35.60 82.92
CA SER I 14 -5.22 -36.91 83.24
C SER I 14 -4.82 -37.64 81.95
N LEU I 15 -4.23 -38.82 82.12
CA LEU I 15 -3.77 -39.61 80.99
C LEU I 15 -4.95 -40.07 80.15
N GLY I 16 -4.80 -39.93 78.82
CA GLY I 16 -5.83 -40.36 77.89
C GLY I 16 -6.89 -39.32 77.59
N GLU I 17 -6.89 -38.19 78.30
CA GLU I 17 -7.91 -37.18 78.08
C GLU I 17 -7.59 -36.35 76.84
N ARG I 18 -8.64 -35.77 76.26
CA ARG I 18 -8.52 -34.95 75.06
C ARG I 18 -8.27 -33.51 75.48
N VAL I 19 -7.02 -33.07 75.39
CA VAL I 19 -6.64 -31.72 75.74
C VAL I 19 -6.81 -30.82 74.53
N THR I 20 -7.39 -29.65 74.74
CA THR I 20 -7.62 -28.68 73.66
C THR I 20 -7.39 -27.27 74.20
N MET I 21 -6.39 -26.59 73.64
CA MET I 21 -6.09 -25.21 73.98
C MET I 21 -6.45 -24.31 72.82
N THR I 22 -6.51 -23.01 73.08
CA THR I 22 -6.98 -22.03 72.10
C THR I 22 -6.06 -20.82 72.08
N CYS I 23 -5.85 -20.28 70.88
CA CYS I 23 -5.08 -19.06 70.68
C CYS I 23 -5.88 -18.13 69.79
N THR I 24 -6.07 -16.89 70.24
CA THR I 24 -6.91 -15.93 69.54
C THR I 24 -6.13 -14.65 69.25
N ALA I 25 -6.18 -14.21 68.00
CA ALA I 25 -5.51 -13.00 67.57
C ALA I 25 -6.50 -11.83 67.49
N THR I 26 -5.94 -10.63 67.37
CA THR I 26 -6.76 -9.42 67.27
C THR I 26 -7.22 -9.12 65.85
N SER I 27 -6.54 -9.68 64.84
CA SER I 27 -6.91 -9.46 63.44
C SER I 27 -6.80 -10.78 62.70
N SER I 28 -7.08 -10.73 61.40
CA SER I 28 -7.02 -11.93 60.58
C SER I 28 -5.58 -12.37 60.36
N VAL I 29 -5.34 -13.68 60.50
CA VAL I 29 -4.01 -14.25 60.36
C VAL I 29 -4.06 -15.35 59.31
N SER I 30 -3.10 -15.34 58.39
CA SER I 30 -3.01 -16.38 57.37
C SER I 30 -2.53 -17.68 57.99
N SER I 31 -3.06 -18.80 57.49
CA SER I 31 -2.74 -20.11 58.06
C SER I 31 -1.28 -20.50 57.85
N SER I 32 -0.60 -19.88 56.87
CA SER I 32 0.79 -20.23 56.60
C SER I 32 1.76 -19.63 57.60
N TYR I 33 1.35 -18.60 58.35
CA TYR I 33 2.23 -17.91 59.29
C TYR I 33 1.75 -18.07 60.73
N PHE I 34 1.07 -19.17 61.03
CA PHE I 34 0.65 -19.50 62.39
C PHE I 34 1.31 -20.82 62.78
N HIS I 35 1.97 -20.82 63.94
CA HIS I 35 2.72 -21.98 64.38
C HIS I 35 2.45 -22.24 65.85
N TRP I 36 3.01 -23.35 66.35
CA TRP I 36 2.89 -23.73 67.75
C TRP I 36 4.26 -24.20 68.25
N PHE I 37 4.62 -23.76 69.45
CA PHE I 37 5.90 -24.10 70.05
C PHE I 37 5.68 -24.76 71.41
N GLN I 38 6.40 -25.85 71.65
CA GLN I 38 6.34 -26.57 72.92
C GLN I 38 7.66 -26.39 73.65
N GLN I 39 7.59 -25.84 74.86
CA GLN I 39 8.77 -25.59 75.68
C GLN I 39 8.63 -26.30 77.01
N LYS I 40 9.65 -27.07 77.37
CA LYS I 40 9.72 -27.74 78.66
C LYS I 40 10.68 -27.00 79.59
N PRO I 41 10.46 -27.08 80.90
CA PRO I 41 11.37 -26.41 81.84
C PRO I 41 12.80 -26.91 81.70
N GLY I 42 13.71 -25.99 81.40
CA GLY I 42 15.10 -26.33 81.21
C GLY I 42 15.49 -26.69 79.80
N SER I 43 14.66 -26.38 78.80
CA SER I 43 14.95 -26.71 77.41
C SER I 43 14.51 -25.56 76.52
N SER I 44 15.17 -25.44 75.37
CA SER I 44 14.84 -24.38 74.43
C SER I 44 13.50 -24.70 73.74
N PRO I 45 12.77 -23.67 73.31
CA PRO I 45 11.51 -23.92 72.61
C PRO I 45 11.75 -24.63 71.29
N LYS I 46 10.86 -25.55 70.95
CA LYS I 46 10.93 -26.31 69.71
C LYS I 46 9.65 -26.11 68.92
N LEU I 47 9.80 -26.08 67.59
CA LEU I 47 8.65 -25.95 66.70
C LEU I 47 7.83 -27.24 66.73
N TRP I 48 6.63 -27.17 67.30
CA TRP I 48 5.77 -28.33 67.43
C TRP I 48 4.83 -28.49 66.24
N ILE I 49 4.09 -27.44 65.90
CA ILE I 49 3.20 -27.44 64.76
C ILE I 49 3.47 -26.17 63.96
N TYR I 50 3.79 -26.33 62.67
CA TYR I 50 4.00 -25.21 61.77
C TYR I 50 2.89 -25.19 60.71
N SER I 51 2.57 -23.99 60.25
CA SER I 51 1.52 -23.77 59.26
C SER I 51 0.19 -24.38 59.73
N THR I 52 -0.23 -23.94 60.91
CA THR I 52 -1.53 -24.26 61.49
C THR I 52 -1.71 -25.74 61.84
N SER I 53 -1.47 -26.64 60.88
CA SER I 53 -1.83 -28.04 61.06
C SER I 53 -0.74 -29.03 60.71
N ASN I 54 0.44 -28.59 60.30
CA ASN I 54 1.51 -29.51 59.90
C ASN I 54 2.39 -29.83 61.10
N LEU I 55 2.55 -31.11 61.38
CA LEU I 55 3.37 -31.57 62.49
C LEU I 55 4.85 -31.55 62.08
N ALA I 56 5.72 -31.33 63.06
CA ALA I 56 7.14 -31.26 62.80
C ALA I 56 7.71 -32.68 62.68
N SER I 57 9.01 -32.77 62.49
CA SER I 57 9.67 -34.07 62.40
C SER I 57 10.07 -34.46 63.81
N GLY I 58 9.29 -35.36 64.41
CA GLY I 58 9.53 -35.78 65.77
C GLY I 58 8.29 -35.72 66.65
N VAL I 59 7.32 -34.90 66.28
CA VAL I 59 6.11 -34.78 67.10
C VAL I 59 5.25 -36.02 66.89
N PRO I 60 4.68 -36.60 67.95
CA PRO I 60 3.79 -37.75 67.76
C PRO I 60 2.50 -37.34 67.07
N THR I 61 1.88 -38.32 66.43
CA THR I 61 0.67 -38.07 65.64
C THR I 61 -0.54 -37.73 66.49
N ARG I 62 -0.44 -37.86 67.82
CA ARG I 62 -1.57 -37.52 68.69
C ARG I 62 -1.86 -36.02 68.71
N PHE I 63 -0.92 -35.20 68.27
CA PHE I 63 -1.12 -33.76 68.20
C PHE I 63 -1.77 -33.37 66.89
N SER I 64 -2.60 -32.33 66.95
CA SER I 64 -3.32 -31.86 65.77
C SER I 64 -3.64 -30.38 65.95
N GLY I 65 -3.37 -29.59 64.92
CA GLY I 65 -3.65 -28.17 64.92
C GLY I 65 -4.76 -27.83 63.94
N SER I 66 -5.52 -26.79 64.24
CA SER I 66 -6.63 -26.37 63.40
C SER I 66 -6.88 -24.89 63.66
N GLY I 67 -7.84 -24.33 62.91
CA GLY I 67 -8.20 -22.93 63.06
C GLY I 67 -7.96 -22.11 61.81
N SER I 68 -8.60 -20.94 61.75
CA SER I 68 -8.44 -20.04 60.60
C SER I 68 -8.90 -18.65 61.02
N GLY I 69 -8.34 -17.64 60.35
CA GLY I 69 -8.70 -16.27 60.61
C GLY I 69 -8.18 -15.73 61.92
N THR I 70 -9.04 -15.68 62.94
CA THR I 70 -8.69 -15.14 64.24
C THR I 70 -8.71 -16.17 65.36
N SER I 71 -9.21 -17.38 65.11
CA SER I 71 -9.30 -18.43 66.12
C SER I 71 -8.53 -19.65 65.65
N TYR I 72 -7.60 -20.13 66.48
CA TYR I 72 -6.86 -21.35 66.22
C TYR I 72 -6.85 -22.19 67.48
N SER I 73 -6.45 -23.46 67.34
CA SER I 73 -6.49 -24.37 68.48
C SER I 73 -5.49 -25.50 68.27
N LEU I 74 -4.95 -25.99 69.38
CA LEU I 74 -4.10 -27.18 69.41
C LEU I 74 -4.79 -28.24 70.26
N THR I 75 -4.91 -29.44 69.71
CA THR I 75 -5.65 -30.52 70.37
C THR I 75 -4.77 -31.75 70.47
N ILE I 76 -4.76 -32.38 71.64
CA ILE I 76 -4.08 -33.63 71.89
C ILE I 76 -5.14 -34.70 72.08
N SER I 77 -5.07 -35.76 71.28
CA SER I 77 -6.06 -36.83 71.35
C SER I 77 -5.97 -37.54 72.69
N GLY I 78 -4.91 -38.31 72.90
CA GLY I 78 -4.68 -39.00 74.14
C GLY I 78 -3.55 -38.35 74.91
N MET I 79 -3.88 -37.80 76.07
CA MET I 79 -2.88 -37.11 76.88
C MET I 79 -1.88 -38.11 77.45
N GLU I 80 -0.60 -37.80 77.31
CA GLU I 80 0.48 -38.64 77.80
C GLU I 80 1.32 -37.86 78.80
N ALA I 81 2.19 -38.59 79.50
CA ALA I 81 3.02 -37.98 80.53
C ALA I 81 4.04 -37.02 79.93
N GLU I 82 4.56 -37.32 78.74
CA GLU I 82 5.57 -36.49 78.12
C GLU I 82 5.01 -35.22 77.50
N ASP I 83 3.68 -35.08 77.45
CA ASP I 83 3.05 -33.91 76.85
C ASP I 83 2.88 -32.76 77.85
N ALA I 84 3.43 -32.89 79.06
CA ALA I 84 3.32 -31.84 80.06
C ALA I 84 4.41 -30.81 79.82
N ALA I 85 4.02 -29.63 79.34
CA ALA I 85 4.95 -28.55 79.06
C ALA I 85 4.13 -27.27 78.87
N THR I 86 4.78 -26.22 78.37
CA THR I 86 4.12 -24.96 78.04
C THR I 86 4.07 -24.82 76.53
N TYR I 87 2.91 -24.43 76.01
CA TYR I 87 2.68 -24.36 74.57
C TYR I 87 2.39 -22.91 74.18
N TYR I 88 3.17 -22.39 73.24
CA TYR I 88 3.03 -21.02 72.76
C TYR I 88 2.57 -21.02 71.31
N CYS I 89 1.71 -20.06 70.96
CA CYS I 89 1.31 -19.84 69.58
C CYS I 89 2.06 -18.64 69.01
N HIS I 90 2.37 -18.72 67.72
CA HIS I 90 3.23 -17.76 67.06
C HIS I 90 2.59 -17.27 65.77
N GLN I 91 2.88 -16.03 65.41
CA GLN I 91 2.31 -15.39 64.22
C GLN I 91 3.42 -14.72 63.41
N TYR I 92 3.04 -14.14 62.28
CA TYR I 92 3.96 -13.42 61.41
C TYR I 92 3.18 -12.64 60.35
N HIS I 93 3.00 -11.33 60.56
CA HIS I 93 2.17 -10.55 59.64
C HIS I 93 2.57 -9.07 59.59
N ARG I 94 1.58 -8.19 59.82
CA ARG I 94 1.74 -6.76 59.60
C ARG I 94 2.77 -6.12 60.52
N SER I 95 3.33 -6.85 61.48
CA SER I 95 4.20 -6.28 62.48
C SER I 95 5.22 -7.34 62.86
N PRO I 96 6.29 -6.94 63.57
CA PRO I 96 7.21 -7.92 64.17
C PRO I 96 6.45 -9.07 64.80
N PRO I 97 6.98 -10.29 64.70
CA PRO I 97 6.22 -11.47 65.14
C PRO I 97 5.87 -11.41 66.63
N THR I 98 4.69 -11.93 66.95
CA THR I 98 4.17 -11.91 68.31
C THR I 98 3.99 -13.35 68.80
N PHE I 99 4.15 -13.53 70.11
CA PHE I 99 3.98 -14.82 70.75
C PHE I 99 2.76 -14.79 71.66
N GLY I 100 2.32 -15.99 72.06
CA GLY I 100 1.18 -16.09 72.96
C GLY I 100 1.60 -16.02 74.41
N ALA I 101 0.59 -15.94 75.29
CA ALA I 101 0.85 -15.92 76.72
C ALA I 101 1.39 -17.24 77.22
N GLY I 102 1.04 -18.34 76.55
CA GLY I 102 1.50 -19.66 76.95
C GLY I 102 0.45 -20.44 77.70
N THR I 103 0.38 -21.75 77.45
CA THR I 103 -0.56 -22.63 78.13
C THR I 103 0.25 -23.72 78.83
N LYS I 104 0.30 -23.66 80.16
CA LYS I 104 1.06 -24.61 80.95
C LYS I 104 0.21 -25.86 81.16
N LEU I 105 0.58 -26.95 80.50
CA LEU I 105 -0.14 -28.20 80.61
C LEU I 105 0.44 -29.04 81.74
N GLU I 106 -0.37 -29.30 82.76
CA GLU I 106 0.03 -30.10 83.90
C GLU I 106 -0.79 -31.38 83.97
N LEU I 107 -0.23 -32.39 84.62
CA LEU I 107 -0.93 -33.66 84.78
C LEU I 107 -1.87 -33.57 85.97
N LYS I 108 -3.07 -34.14 85.82
CA LYS I 108 -4.09 -34.07 86.84
C LYS I 108 -3.96 -35.24 87.81
N ARG I 109 -4.21 -34.96 89.09
CA ARG I 109 -4.17 -35.98 90.12
C ARG I 109 -5.13 -35.59 91.23
N ALA I 110 -5.24 -36.45 92.24
CA ALA I 110 -6.11 -36.17 93.38
C ALA I 110 -5.55 -35.03 94.22
N ASP I 111 -6.46 -34.29 94.84
CA ASP I 111 -6.06 -33.17 95.68
C ASP I 111 -5.36 -33.68 96.94
N ALA I 112 -4.35 -32.94 97.38
CA ALA I 112 -3.57 -33.30 98.56
C ALA I 112 -3.35 -32.08 99.43
N ALA I 113 -3.32 -32.30 100.73
CA ALA I 113 -3.10 -31.22 101.69
C ALA I 113 -1.61 -30.96 101.87
N PRO I 114 -1.21 -29.70 101.94
CA PRO I 114 0.22 -29.38 102.10
C PRO I 114 0.71 -29.68 103.51
N THR I 115 1.93 -30.21 103.58
CA THR I 115 2.59 -30.49 104.86
C THR I 115 3.30 -29.22 105.31
N VAL I 116 2.64 -28.47 106.20
CA VAL I 116 3.16 -27.18 106.65
C VAL I 116 4.19 -27.40 107.74
N SER I 117 5.31 -26.68 107.64
CA SER I 117 6.39 -26.78 108.63
C SER I 117 7.05 -25.41 108.75
N ILE I 118 6.89 -24.77 109.90
CA ILE I 118 7.49 -23.47 110.17
C ILE I 118 8.79 -23.69 110.95
N PHE I 119 9.77 -22.82 110.68
CA PHE I 119 11.09 -22.94 111.31
C PHE I 119 11.53 -21.58 111.85
N PRO I 120 11.92 -21.49 113.12
CA PRO I 120 12.47 -20.24 113.62
C PRO I 120 13.86 -20.01 113.06
N PRO I 121 14.30 -18.77 112.97
CA PRO I 121 15.65 -18.49 112.45
C PRO I 121 16.72 -19.06 113.36
N SER I 122 17.76 -19.65 112.75
CA SER I 122 18.81 -20.30 113.51
C SER I 122 19.65 -19.28 114.27
N SER I 123 20.26 -19.74 115.36
CA SER I 123 21.13 -18.87 116.15
C SER I 123 22.37 -18.46 115.37
N GLU I 124 22.80 -19.28 114.41
CA GLU I 124 23.94 -18.91 113.59
C GLU I 124 23.64 -17.72 112.69
N GLN I 125 22.37 -17.54 112.30
CA GLN I 125 21.99 -16.39 111.49
C GLN I 125 21.76 -15.14 112.33
N LEU I 126 21.23 -15.31 113.55
CA LEU I 126 20.99 -14.16 114.41
C LEU I 126 22.29 -13.45 114.77
N THR I 127 23.35 -14.21 115.04
CA THR I 127 24.63 -13.60 115.36
C THR I 127 25.21 -12.85 114.17
N SER I 128 24.84 -13.24 112.95
CA SER I 128 25.33 -12.56 111.75
C SER I 128 24.62 -11.23 111.50
N GLY I 129 23.45 -11.03 112.09
CA GLY I 129 22.70 -9.79 111.94
C GLY I 129 21.39 -9.90 111.19
N GLY I 130 20.84 -11.10 111.00
CA GLY I 130 19.57 -11.26 110.32
C GLY I 130 18.74 -12.36 110.95
N ALA I 131 17.49 -12.44 110.50
CA ALA I 131 16.56 -13.44 111.03
C ALA I 131 15.49 -13.69 109.98
N SER I 132 15.55 -14.87 109.35
CA SER I 132 14.58 -15.27 108.33
C SER I 132 13.76 -16.43 108.84
N VAL I 133 12.44 -16.33 108.70
CA VAL I 133 11.51 -17.37 109.12
C VAL I 133 11.05 -18.13 107.88
N VAL I 134 11.35 -19.43 107.84
CA VAL I 134 11.06 -20.27 106.70
C VAL I 134 9.85 -21.14 107.02
N CYS I 135 8.91 -21.23 106.08
CA CYS I 135 7.72 -22.06 106.23
C CYS I 135 7.57 -22.90 104.96
N PHE I 136 7.63 -24.22 105.12
CA PHE I 136 7.57 -25.12 103.99
C PHE I 136 6.13 -25.56 103.74
N LEU I 137 5.82 -25.78 102.46
CA LEU I 137 4.51 -26.27 102.02
C LEU I 137 4.80 -27.38 101.00
N ASN I 138 4.95 -28.61 101.48
CA ASN I 138 5.40 -29.72 100.65
C ASN I 138 4.22 -30.60 100.25
N ASN I 139 4.25 -31.06 98.99
CA ASN I 139 3.32 -32.05 98.46
C ASN I 139 1.86 -31.62 98.59
N PHE I 140 1.38 -30.84 97.64
CA PHE I 140 -0.01 -30.43 97.60
C PHE I 140 -0.46 -30.31 96.15
N TYR I 141 -1.77 -30.26 95.95
CA TYR I 141 -2.35 -30.14 94.62
C TYR I 141 -3.73 -29.52 94.74
N PRO I 142 -4.10 -28.57 93.88
CA PRO I 142 -3.32 -28.02 92.75
C PRO I 142 -2.27 -27.01 93.19
N LYS I 143 -1.65 -26.32 92.22
CA LYS I 143 -0.59 -25.36 92.54
C LYS I 143 -1.14 -24.10 93.20
N ASP I 144 -2.43 -23.81 93.04
CA ASP I 144 -3.02 -22.63 93.65
C ASP I 144 -3.03 -22.77 95.16
N ILE I 145 -2.38 -21.81 95.85
CA ILE I 145 -2.29 -21.84 97.30
C ILE I 145 -2.07 -20.40 97.78
N ASN I 146 -2.36 -20.15 99.05
CA ASN I 146 -2.22 -18.84 99.64
C ASN I 146 -1.45 -18.95 100.95
N VAL I 147 -0.56 -18.01 101.20
CA VAL I 147 0.26 -17.98 102.40
C VAL I 147 0.14 -16.60 103.03
N LYS I 148 -0.15 -16.57 104.33
CA LYS I 148 -0.26 -15.32 105.07
C LYS I 148 0.66 -15.39 106.28
N TRP I 149 1.53 -14.39 106.41
CA TRP I 149 2.46 -14.29 107.53
C TRP I 149 1.89 -13.33 108.56
N LYS I 150 1.59 -13.84 109.76
CA LYS I 150 1.04 -13.04 110.84
C LYS I 150 2.08 -12.94 111.95
N ILE I 151 2.49 -11.72 112.27
CA ILE I 151 3.46 -11.44 113.32
C ILE I 151 2.71 -10.83 114.49
N ASP I 152 2.63 -11.57 115.59
CA ASP I 152 1.90 -11.15 116.78
C ASP I 152 0.44 -10.84 116.46
N GLY I 153 -0.15 -11.65 115.59
CA GLY I 153 -1.53 -11.49 115.17
C GLY I 153 -1.74 -10.59 113.97
N SER I 154 -0.82 -9.67 113.71
CA SER I 154 -0.93 -8.75 112.58
C SER I 154 -0.22 -9.32 111.37
N GLU I 155 -0.87 -9.22 110.21
CA GLU I 155 -0.30 -9.74 108.97
C GLU I 155 0.74 -8.78 108.41
N ARG I 156 1.79 -9.34 107.82
CA ARG I 156 2.86 -8.57 107.19
C ARG I 156 3.11 -9.13 105.80
N GLN I 157 3.42 -8.24 104.86
CA GLN I 157 3.66 -8.61 103.47
C GLN I 157 5.07 -8.32 103.00
N ASN I 158 5.77 -7.35 103.59
CA ASN I 158 7.12 -7.01 103.18
C ASN I 158 8.12 -8.03 103.68
N GLY I 159 9.02 -8.47 102.80
CA GLY I 159 10.04 -9.43 103.15
C GLY I 159 9.71 -10.87 102.88
N VAL I 160 8.57 -11.15 102.26
CA VAL I 160 8.15 -12.52 101.98
C VAL I 160 8.67 -12.94 100.62
N LEU I 161 9.37 -14.07 100.57
CA LEU I 161 9.90 -14.63 99.34
C LEU I 161 9.33 -16.03 99.15
N ASN I 162 8.69 -16.27 98.01
CA ASN I 162 8.08 -17.54 97.71
C ASN I 162 8.79 -18.20 96.53
N SER I 163 8.86 -19.53 96.57
CA SER I 163 9.53 -20.29 95.52
C SER I 163 8.80 -21.62 95.35
N TRP I 164 8.14 -21.78 94.21
CA TRP I 164 7.42 -23.00 93.89
C TRP I 164 8.31 -23.96 93.11
N THR I 165 8.08 -25.25 93.29
CA THR I 165 8.77 -26.26 92.51
C THR I 165 7.88 -26.71 91.36
N ASP I 166 8.52 -27.26 90.33
CA ASP I 166 7.78 -27.78 89.20
C ASP I 166 7.00 -29.03 89.62
N GLN I 167 6.04 -29.42 88.78
CA GLN I 167 5.25 -30.62 89.06
C GLN I 167 6.15 -31.83 89.15
N ASP I 168 6.00 -32.61 90.23
CA ASP I 168 6.86 -33.75 90.46
C ASP I 168 6.65 -34.82 89.39
N SER I 169 7.72 -35.56 89.09
CA SER I 169 7.65 -36.61 88.09
C SER I 169 7.10 -37.91 88.65
N LYS I 170 6.97 -38.03 89.97
CA LYS I 170 6.47 -39.25 90.61
C LYS I 170 5.03 -39.05 91.10
N ASP I 171 4.85 -38.29 92.18
CA ASP I 171 3.52 -38.07 92.75
C ASP I 171 2.79 -36.90 92.11
N SER I 172 3.44 -36.13 91.24
CA SER I 172 2.82 -35.02 90.52
C SER I 172 2.28 -33.96 91.48
N THR I 173 2.98 -33.76 92.58
CA THR I 173 2.59 -32.78 93.59
C THR I 173 3.53 -31.58 93.55
N TYR I 174 3.01 -30.45 94.02
CA TYR I 174 3.76 -29.20 94.07
C TYR I 174 4.28 -28.94 95.47
N SER I 175 5.31 -28.11 95.56
CA SER I 175 5.90 -27.73 96.83
C SER I 175 6.39 -26.29 96.74
N MET I 176 6.18 -25.52 97.81
CA MET I 176 6.57 -24.12 97.85
C MET I 176 7.08 -23.77 99.23
N SER I 177 8.08 -22.88 99.28
CA SER I 177 8.66 -22.41 100.52
C SER I 177 8.53 -20.90 100.60
N SER I 178 7.94 -20.42 101.70
CA SER I 178 7.78 -18.99 101.94
C SER I 178 8.74 -18.57 103.04
N THR I 179 9.62 -17.62 102.73
CA THR I 179 10.64 -17.15 103.65
C THR I 179 10.41 -15.68 103.95
N LEU I 180 10.23 -15.35 105.23
CA LEU I 180 10.06 -13.98 105.68
C LEU I 180 11.36 -13.50 106.30
N THR I 181 12.05 -12.61 105.60
CA THR I 181 13.37 -12.13 106.00
C THR I 181 13.22 -10.79 106.74
N LEU I 182 13.62 -10.79 108.01
CA LEU I 182 13.63 -9.59 108.83
C LEU I 182 15.02 -9.42 109.44
N THR I 183 15.28 -8.23 109.97
CA THR I 183 16.53 -8.00 110.64
C THR I 183 16.45 -8.45 112.10
N LYS I 184 17.61 -8.48 112.76
CA LYS I 184 17.64 -8.90 114.15
C LYS I 184 16.85 -7.96 115.06
N ASP I 185 16.85 -6.66 114.74
CA ASP I 185 16.13 -5.69 115.56
C ASP I 185 14.63 -5.86 115.40
N GLU I 186 14.15 -6.00 114.16
CA GLU I 186 12.72 -6.16 113.93
C GLU I 186 12.20 -7.50 114.44
N TYR I 187 13.05 -8.54 114.42
CA TYR I 187 12.61 -9.86 114.87
C TYR I 187 12.45 -9.91 116.39
N GLU I 188 13.26 -9.17 117.12
CA GLU I 188 13.19 -9.17 118.59
C GLU I 188 12.09 -8.28 119.14
N ARG I 189 11.38 -7.55 118.28
CA ARG I 189 10.28 -6.71 118.72
C ARG I 189 8.96 -7.47 118.87
N HIS I 190 8.92 -8.74 118.49
CA HIS I 190 7.69 -9.52 118.52
C HIS I 190 8.00 -10.90 119.10
N ASN I 191 6.93 -11.67 119.32
CA ASN I 191 7.06 -12.99 119.96
C ASN I 191 6.47 -14.10 119.11
N SER I 192 5.20 -14.03 118.73
CA SER I 192 4.54 -15.10 118.00
C SER I 192 4.65 -14.87 116.50
N TYR I 193 5.08 -15.90 115.77
CA TYR I 193 5.19 -15.85 114.32
C TYR I 193 4.42 -17.04 113.76
N THR I 194 3.37 -16.76 113.00
CA THR I 194 2.48 -17.79 112.47
C THR I 194 2.54 -17.81 110.96
N CYS I 195 2.55 -19.01 110.39
CA CYS I 195 2.54 -19.20 108.94
C CYS I 195 1.19 -19.82 108.58
N GLU I 196 0.28 -19.00 108.05
CA GLU I 196 -1.05 -19.45 107.67
C GLU I 196 -1.06 -19.87 106.20
N ALA I 197 -1.70 -21.01 105.93
CA ALA I 197 -1.75 -21.57 104.58
C ALA I 197 -3.21 -21.87 104.23
N THR I 198 -3.74 -21.15 103.25
CA THR I 198 -5.11 -21.36 102.78
C THR I 198 -5.05 -22.19 101.49
N HIS I 199 -5.77 -23.31 101.48
CA HIS I 199 -5.76 -24.23 100.35
C HIS I 199 -7.19 -24.68 100.06
N LYS I 200 -7.37 -25.27 98.88
CA LYS I 200 -8.67 -25.78 98.46
C LYS I 200 -9.04 -27.07 99.19
N THR I 201 -8.06 -27.81 99.70
CA THR I 201 -8.34 -29.09 100.34
C THR I 201 -9.05 -28.95 101.68
N SER I 202 -9.12 -27.75 102.25
CA SER I 202 -9.78 -27.56 103.53
C SER I 202 -10.24 -26.11 103.66
N THR I 203 -11.47 -25.93 104.14
CA THR I 203 -12.00 -24.59 104.35
C THR I 203 -11.31 -23.88 105.52
N SER I 204 -10.71 -24.63 106.45
CA SER I 204 -10.00 -24.05 107.57
C SER I 204 -8.52 -23.95 107.22
N PRO I 205 -7.91 -22.77 107.30
CA PRO I 205 -6.50 -22.65 106.90
C PRO I 205 -5.57 -23.36 107.89
N ILE I 206 -4.62 -24.10 107.36
CA ILE I 206 -3.63 -24.77 108.18
C ILE I 206 -2.66 -23.74 108.73
N VAL I 207 -2.49 -23.73 110.05
CA VAL I 207 -1.68 -22.74 110.74
C VAL I 207 -0.54 -23.45 111.46
N LYS I 208 0.67 -22.92 111.32
CA LYS I 208 1.85 -23.41 112.02
C LYS I 208 2.58 -22.20 112.59
N SER I 209 2.74 -22.18 113.92
CA SER I 209 3.27 -21.03 114.61
C SER I 209 4.35 -21.47 115.59
N PHE I 210 5.05 -20.48 116.15
CA PHE I 210 6.04 -20.69 117.19
C PHE I 210 6.15 -19.41 118.00
N ASN I 211 6.49 -19.56 119.27
CA ASN I 211 6.61 -18.45 120.19
C ASN I 211 8.02 -18.38 120.75
N ARG I 212 8.53 -17.16 120.89
CA ARG I 212 9.87 -16.97 121.44
C ARG I 212 9.90 -17.11 122.95
N ASN I 213 8.76 -17.41 123.57
CA ASN I 213 8.68 -17.63 125.01
C ASN I 213 8.79 -19.13 125.25
N GLU I 214 10.02 -19.61 125.41
CA GLU I 214 10.23 -21.04 125.53
C GLU I 214 11.42 -21.35 126.42
N CYS I 215 12.21 -22.36 126.05
CA CYS I 215 13.37 -22.76 126.83
C CYS I 215 14.35 -23.56 125.98
N GLN J 1 24.61 -32.39 60.53
CA GLN J 1 23.23 -32.09 60.87
C GLN J 1 23.05 -30.62 61.27
N ILE J 2 21.82 -30.15 61.21
CA ILE J 2 21.52 -28.77 61.59
C ILE J 2 21.68 -28.62 63.10
N GLN J 3 22.56 -27.73 63.52
CA GLN J 3 22.84 -27.54 64.93
C GLN J 3 23.26 -26.10 65.17
N LEU J 4 22.64 -25.47 66.17
CA LEU J 4 22.94 -24.08 66.54
C LEU J 4 23.50 -24.07 67.95
N VAL J 5 24.74 -23.62 68.10
CA VAL J 5 25.44 -23.59 69.37
C VAL J 5 25.62 -22.13 69.80
N GLN J 6 25.17 -21.81 71.00
CA GLN J 6 25.29 -20.47 71.54
C GLN J 6 26.45 -20.40 72.53
N SER J 7 26.83 -19.16 72.86
CA SER J 7 27.92 -18.96 73.81
C SER J 7 27.47 -19.31 75.22
N GLY J 8 28.47 -19.40 76.12
CA GLY J 8 28.21 -19.74 77.50
C GLY J 8 27.45 -18.66 78.24
N PRO J 9 27.06 -18.96 79.47
CA PRO J 9 26.33 -17.96 80.27
C PRO J 9 27.22 -16.78 80.63
N GLU J 10 26.61 -15.61 80.70
CA GLU J 10 27.35 -14.36 80.91
C GLU J 10 26.95 -13.74 82.24
N LEU J 11 27.92 -13.08 82.87
CA LEU J 11 27.75 -12.40 84.15
C LEU J 11 28.17 -10.95 83.96
N LYS J 12 27.20 -10.03 84.03
CA LYS J 12 27.47 -8.62 83.82
C LYS J 12 26.82 -7.78 84.92
N LYS J 13 27.39 -6.56 85.13
CA LYS J 13 26.94 -5.52 86.06
C LYS J 13 26.03 -4.53 85.33
N PRO J 14 25.13 -3.87 86.06
CA PRO J 14 24.26 -2.88 85.42
C PRO J 14 25.06 -1.76 84.77
N GLY J 15 24.75 -1.48 83.51
CA GLY J 15 25.45 -0.49 82.74
C GLY J 15 26.51 -1.03 81.80
N GLU J 16 26.91 -2.30 81.99
CA GLU J 16 27.92 -2.91 81.14
C GLU J 16 27.33 -3.29 79.79
N THR J 17 28.14 -3.94 78.96
CA THR J 17 27.73 -4.39 77.64
C THR J 17 28.16 -5.84 77.45
N VAL J 18 27.24 -6.67 77.00
CA VAL J 18 27.49 -8.09 76.76
C VAL J 18 27.24 -8.38 75.28
N LYS J 19 28.04 -9.29 74.73
CA LYS J 19 27.92 -9.68 73.32
C LYS J 19 28.02 -11.19 73.25
N ILE J 20 26.90 -11.85 72.96
CA ILE J 20 26.83 -13.30 72.89
C ILE J 20 26.86 -13.72 71.43
N SER J 21 27.22 -14.99 71.20
CA SER J 21 27.37 -15.53 69.86
C SER J 21 26.38 -16.68 69.65
N CYS J 22 26.25 -17.09 68.39
CA CYS J 22 25.38 -18.21 68.02
C CYS J 22 25.94 -18.81 66.73
N LYS J 23 26.67 -19.92 66.86
CA LYS J 23 27.33 -20.55 65.73
C LYS J 23 26.39 -21.53 65.05
N ALA J 24 26.34 -21.48 63.73
CA ALA J 24 25.50 -22.35 62.92
C ALA J 24 26.36 -23.41 62.23
N SER J 25 25.77 -24.59 62.02
CA SER J 25 26.48 -25.68 61.37
C SER J 25 25.46 -26.62 60.74
N GLY J 26 25.89 -27.29 59.67
CA GLY J 26 25.05 -28.22 58.95
C GLY J 26 24.29 -27.64 57.79
N TYR J 27 24.49 -26.35 57.48
CA TYR J 27 23.79 -25.71 56.38
C TYR J 27 24.55 -24.43 56.01
N THR J 28 24.17 -23.85 54.88
CA THR J 28 24.77 -22.60 54.43
C THR J 28 24.24 -21.45 55.29
N PHE J 29 25.11 -20.88 56.11
CA PHE J 29 24.68 -19.85 57.06
C PHE J 29 24.18 -18.60 56.34
N THR J 30 24.80 -18.26 55.22
CA THR J 30 24.42 -17.05 54.50
C THR J 30 23.13 -17.21 53.71
N ASP J 31 22.68 -18.44 53.47
CA ASP J 31 21.48 -18.66 52.67
C ASP J 31 20.20 -18.51 53.47
N TYR J 32 20.24 -18.70 54.78
CA TYR J 32 19.04 -18.64 55.61
C TYR J 32 19.27 -17.68 56.76
N SER J 33 18.19 -17.01 57.17
CA SER J 33 18.29 -15.92 58.13
C SER J 33 18.47 -16.44 59.56
N MET J 34 18.69 -15.50 60.47
CA MET J 34 18.88 -15.79 61.88
C MET J 34 18.01 -14.85 62.70
N HIS J 35 17.33 -15.40 63.70
CA HIS J 35 16.43 -14.62 64.55
C HIS J 35 16.91 -14.66 65.99
N TRP J 36 16.33 -13.79 66.82
CA TRP J 36 16.69 -13.68 68.22
C TRP J 36 15.44 -13.43 69.04
N VAL J 37 15.24 -14.23 70.09
CA VAL J 37 14.07 -14.16 70.95
C VAL J 37 14.54 -14.15 72.39
N LYS J 38 13.96 -13.25 73.20
CA LYS J 38 14.28 -13.15 74.62
C LYS J 38 13.16 -13.77 75.44
N GLN J 39 13.53 -14.40 76.56
CA GLN J 39 12.58 -15.03 77.47
C GLN J 39 12.91 -14.62 78.89
N ALA J 40 12.05 -13.80 79.49
CA ALA J 40 12.23 -13.38 80.87
C ALA J 40 12.15 -14.61 81.79
N PRO J 41 12.74 -14.52 83.00
CA PRO J 41 12.72 -15.66 83.92
C PRO J 41 11.32 -16.19 84.21
N GLY J 42 11.01 -17.37 83.69
CA GLY J 42 9.71 -17.98 83.91
C GLY J 42 8.56 -17.20 83.34
N LYS J 43 8.79 -16.48 82.25
CA LYS J 43 7.75 -15.66 81.61
C LYS J 43 7.61 -16.08 80.15
N GLY J 44 6.92 -15.23 79.38
CA GLY J 44 6.65 -15.52 77.99
C GLY J 44 7.84 -15.25 77.08
N LEU J 45 7.60 -15.41 75.79
CA LEU J 45 8.62 -15.21 74.76
C LEU J 45 8.43 -13.86 74.09
N LYS J 46 9.54 -13.14 73.92
CA LYS J 46 9.52 -11.80 73.33
C LYS J 46 10.52 -11.73 72.20
N TRP J 47 10.08 -11.24 71.04
CA TRP J 47 10.94 -11.16 69.87
C TRP J 47 11.84 -9.93 69.94
N ILE J 48 13.08 -10.10 69.51
CA ILE J 48 14.05 -9.00 69.49
C ILE J 48 14.21 -8.53 68.05
N GLY J 49 14.88 -9.32 67.23
CA GLY J 49 15.10 -8.94 65.85
C GLY J 49 15.65 -10.11 65.05
N TRP J 50 15.97 -9.82 63.80
CA TRP J 50 16.51 -10.83 62.89
C TRP J 50 17.48 -10.16 61.92
N ILE J 51 18.39 -10.96 61.38
CA ILE J 51 19.47 -10.47 60.52
C ILE J 51 19.34 -11.10 59.15
N ASN J 52 19.54 -10.27 58.11
CA ASN J 52 19.60 -10.75 56.73
C ASN J 52 20.99 -11.34 56.51
N THR J 53 21.08 -12.68 56.55
CA THR J 53 22.38 -13.33 56.42
C THR J 53 22.98 -13.14 55.03
N GLU J 54 22.14 -12.99 54.01
CA GLU J 54 22.66 -12.74 52.66
C GLU J 54 23.37 -11.40 52.58
N THR J 55 22.91 -10.39 53.33
CA THR J 55 23.48 -9.06 53.30
C THR J 55 24.14 -8.70 54.62
N GLY J 56 23.39 -8.70 55.72
CA GLY J 56 23.87 -8.24 57.00
C GLY J 56 23.01 -7.16 57.64
N ALA J 57 22.00 -6.67 56.95
CA ALA J 57 21.15 -5.61 57.48
C ALA J 57 20.23 -6.16 58.57
N PRO J 58 20.33 -5.69 59.80
CA PRO J 58 19.44 -6.20 60.86
C PRO J 58 18.26 -5.29 61.13
N THR J 59 17.23 -5.81 61.80
CA THR J 59 16.10 -5.02 62.26
C THR J 59 15.73 -5.49 63.66
N TYR J 60 15.00 -4.64 64.37
CA TYR J 60 14.62 -4.91 65.75
C TYR J 60 13.19 -4.46 65.99
N ALA J 61 12.58 -5.01 67.04
CA ALA J 61 11.24 -4.63 67.43
C ALA J 61 11.26 -3.23 68.06
N ASP J 62 10.06 -2.71 68.34
CA ASP J 62 9.95 -1.39 68.92
C ASP J 62 10.55 -1.33 70.32
N ASP J 63 10.39 -2.41 71.09
CA ASP J 63 10.89 -2.45 72.46
C ASP J 63 12.38 -2.76 72.54
N PHE J 64 13.06 -2.97 71.40
CA PHE J 64 14.47 -3.31 71.40
C PHE J 64 15.30 -2.40 70.51
N LYS J 65 14.72 -1.30 70.02
CA LYS J 65 15.47 -0.37 69.17
C LYS J 65 16.38 0.49 70.02
N GLY J 66 17.66 0.56 69.63
CA GLY J 66 18.62 1.40 70.31
C GLY J 66 19.72 0.65 71.00
N ARG J 67 19.43 0.07 72.16
CA ARG J 67 20.44 -0.61 72.97
C ARG J 67 20.75 -2.01 72.48
N PHE J 68 20.14 -2.46 71.38
CA PHE J 68 20.32 -3.81 70.88
C PHE J 68 20.88 -3.76 69.46
N ALA J 69 21.99 -4.45 69.24
CA ALA J 69 22.65 -4.51 67.94
C ALA J 69 22.81 -5.97 67.52
N LEU J 70 22.89 -6.17 66.21
CA LEU J 70 22.98 -7.52 65.64
C LEU J 70 24.06 -7.52 64.56
N SER J 71 25.04 -8.40 64.71
CA SER J 71 26.15 -8.50 63.77
C SER J 71 26.27 -9.94 63.28
N LEU J 72 27.27 -10.18 62.43
CA LEU J 72 27.50 -11.50 61.83
C LEU J 72 28.99 -11.74 61.70
N GLU J 73 29.33 -12.95 61.26
CA GLU J 73 30.72 -13.31 60.94
C GLU J 73 30.65 -14.42 59.90
N THR J 74 30.83 -14.05 58.63
CA THR J 74 30.68 -15.01 57.54
C THR J 74 31.75 -16.09 57.59
N SER J 75 32.95 -15.76 58.07
CA SER J 75 34.01 -16.75 58.15
C SER J 75 33.67 -17.86 59.14
N ALA J 76 33.14 -17.50 60.31
CA ALA J 76 32.77 -18.47 61.32
C ALA J 76 31.33 -18.93 61.21
N SER J 77 30.53 -18.33 60.33
CA SER J 77 29.13 -18.69 60.12
C SER J 77 28.33 -18.61 61.42
N SER J 78 28.37 -17.43 62.03
CA SER J 78 27.72 -17.22 63.32
C SER J 78 27.13 -15.82 63.38
N ALA J 79 26.19 -15.64 64.31
CA ALA J 79 25.55 -14.36 64.57
C ALA J 79 25.86 -13.91 65.99
N PHE J 80 25.68 -12.61 66.24
CA PHE J 80 26.02 -12.03 67.53
C PHE J 80 24.94 -11.05 67.95
N LEU J 81 24.63 -11.05 69.25
CA LEU J 81 23.71 -10.10 69.86
C LEU J 81 24.48 -9.31 70.91
N GLN J 82 24.45 -7.99 70.80
CA GLN J 82 25.14 -7.10 71.72
C GLN J 82 24.13 -6.15 72.35
N ILE J 83 24.12 -6.10 73.68
CA ILE J 83 23.21 -5.24 74.44
C ILE J 83 24.05 -4.18 75.14
N ASN J 84 23.70 -2.91 74.93
CA ASN J 84 24.41 -1.79 75.51
C ASN J 84 23.64 -1.24 76.71
N ASN J 85 24.39 -0.87 77.75
CA ASN J 85 23.83 -0.34 79.00
C ASN J 85 22.77 -1.31 79.57
N LEU J 86 23.29 -2.41 80.11
CA LEU J 86 22.44 -3.47 80.63
C LEU J 86 21.68 -2.99 81.86
N LYS J 87 20.38 -3.28 81.89
CA LYS J 87 19.52 -2.94 83.01
C LYS J 87 19.08 -4.21 83.74
N ASN J 88 18.47 -4.02 84.91
CA ASN J 88 17.99 -5.16 85.68
C ASN J 88 16.92 -5.94 84.92
N GLU J 89 16.15 -5.26 84.07
CA GLU J 89 15.14 -5.93 83.26
C GLU J 89 15.74 -6.73 82.12
N ASP J 90 17.04 -6.58 81.84
CA ASP J 90 17.69 -7.34 80.77
C ASP J 90 18.09 -8.73 81.20
N THR J 91 17.97 -9.06 82.49
CA THR J 91 18.30 -10.40 82.98
C THR J 91 17.25 -11.37 82.45
N ALA J 92 17.63 -12.17 81.46
CA ALA J 92 16.73 -13.12 80.82
C ALA J 92 17.56 -14.10 80.01
N THR J 93 16.89 -15.01 79.33
CA THR J 93 17.52 -15.99 78.46
C THR J 93 17.29 -15.57 77.00
N TYR J 94 18.38 -15.43 76.25
CA TYR J 94 18.34 -14.96 74.87
C TYR J 94 18.57 -16.15 73.94
N PHE J 95 17.61 -16.39 73.04
CA PHE J 95 17.65 -17.52 72.13
C PHE J 95 17.92 -17.02 70.71
N CYS J 96 18.75 -17.76 69.98
CA CYS J 96 18.94 -17.53 68.56
C CYS J 96 18.19 -18.61 67.77
N ALA J 97 17.39 -18.17 66.81
CA ALA J 97 16.56 -19.07 66.02
C ALA J 97 16.91 -18.93 64.55
N SER J 98 16.87 -20.05 63.83
CA SER J 98 17.23 -20.05 62.42
C SER J 98 16.05 -19.66 61.55
N GLY J 99 15.89 -20.34 60.42
CA GLY J 99 14.85 -19.97 59.48
C GLY J 99 15.04 -20.61 58.12
N ILE J 100 15.30 -21.92 58.10
CA ILE J 100 15.56 -22.64 56.85
C ILE J 100 14.27 -22.73 56.06
N ARG J 101 13.34 -23.56 56.53
CA ARG J 101 12.07 -23.75 55.83
C ARG J 101 11.00 -22.75 56.28
N HIS J 102 10.92 -22.47 57.58
CA HIS J 102 9.96 -21.53 58.11
C HIS J 102 10.63 -20.61 59.12
N ALA J 103 9.88 -19.60 59.55
CA ALA J 103 10.39 -18.61 60.49
C ALA J 103 10.64 -19.26 61.85
N MET J 104 11.87 -19.14 62.34
CA MET J 104 12.26 -19.62 63.68
C MET J 104 12.08 -21.14 63.80
N ASP J 105 12.67 -21.87 62.86
CA ASP J 105 12.78 -23.31 62.97
C ASP J 105 14.21 -23.67 63.33
N TYR J 106 14.38 -24.79 64.03
CA TYR J 106 15.66 -25.21 64.56
C TYR J 106 16.28 -24.13 65.44
N TRP J 107 15.90 -24.10 66.72
CA TRP J 107 16.48 -23.15 67.66
C TRP J 107 17.85 -23.66 68.11
N GLY J 108 18.38 -23.12 69.20
CA GLY J 108 19.69 -23.56 69.66
C GLY J 108 20.09 -23.11 71.04
N GLN J 109 20.22 -24.08 71.95
CA GLN J 109 20.74 -23.85 73.30
C GLN J 109 20.00 -22.73 74.01
N GLY J 110 20.57 -21.53 74.01
CA GLY J 110 19.99 -20.40 74.70
C GLY J 110 20.92 -19.85 75.77
N THR J 111 21.41 -18.64 75.56
CA THR J 111 22.30 -17.99 76.51
C THR J 111 21.51 -17.11 77.46
N SER J 112 21.67 -17.35 78.76
CA SER J 112 20.99 -16.59 79.80
C SER J 112 22.01 -15.72 80.52
N VAL J 113 21.79 -14.40 80.47
CA VAL J 113 22.66 -13.44 81.15
C VAL J 113 21.95 -12.92 82.38
N THR J 114 22.74 -12.56 83.39
CA THR J 114 22.25 -12.00 84.64
C THR J 114 22.89 -10.64 84.85
N VAL J 115 22.05 -9.60 84.90
CA VAL J 115 22.52 -8.23 85.09
C VAL J 115 22.26 -7.86 86.54
N SER J 116 23.32 -7.82 87.33
CA SER J 116 23.20 -7.55 88.76
C SER J 116 24.55 -7.08 89.28
N ALA J 117 24.53 -6.55 90.51
CA ALA J 117 25.76 -6.12 91.18
C ALA J 117 26.67 -7.32 91.39
N ALA J 118 27.53 -7.60 90.41
CA ALA J 118 28.36 -8.79 90.43
C ALA J 118 29.31 -8.78 91.62
N LYS J 119 29.20 -9.81 92.47
CA LYS J 119 30.09 -9.96 93.62
C LYS J 119 30.08 -11.43 93.98
N THR J 120 31.13 -12.15 93.58
CA THR J 120 31.20 -13.59 93.83
C THR J 120 31.28 -13.85 95.33
N THR J 121 30.13 -13.90 95.98
CA THR J 121 30.02 -14.11 97.42
C THR J 121 29.67 -15.56 97.74
N PRO J 122 30.30 -16.13 98.77
CA PRO J 122 29.96 -17.49 99.18
C PRO J 122 28.57 -17.54 99.79
N PRO J 123 27.94 -18.71 99.81
CA PRO J 123 26.59 -18.81 100.37
C PRO J 123 26.61 -18.91 101.89
N SER J 124 25.62 -18.26 102.51
CA SER J 124 25.40 -18.36 103.94
C SER J 124 24.38 -19.44 104.22
N VAL J 125 24.79 -20.48 104.96
CA VAL J 125 23.96 -21.65 105.21
C VAL J 125 23.54 -21.64 106.67
N TYR J 126 22.24 -21.75 106.91
CA TYR J 126 21.69 -21.77 108.26
C TYR J 126 20.83 -23.02 108.43
N PRO J 127 21.06 -23.81 109.47
CA PRO J 127 20.25 -25.02 109.66
C PRO J 127 18.85 -24.69 110.11
N LEU J 128 17.90 -25.50 109.65
CA LEU J 128 16.49 -25.34 110.00
C LEU J 128 16.00 -26.59 110.71
N ALA J 129 15.64 -26.43 111.99
CA ALA J 129 15.14 -27.51 112.82
C ALA J 129 13.89 -27.04 113.54
N PRO J 130 13.00 -27.97 113.91
CA PRO J 130 11.79 -27.57 114.65
C PRO J 130 12.14 -26.94 115.99
N GLY J 131 11.17 -26.21 116.54
CA GLY J 131 11.39 -25.51 117.79
C GLY J 131 11.64 -26.46 118.95
N SER J 132 12.17 -25.89 120.03
CA SER J 132 12.49 -26.69 121.21
C SER J 132 11.25 -27.29 121.85
N ALA J 133 10.08 -26.69 121.64
CA ALA J 133 8.82 -27.22 122.14
C ALA J 133 7.84 -27.49 121.01
N ALA J 134 8.35 -27.84 119.83
CA ALA J 134 7.49 -28.16 118.70
C ALA J 134 6.95 -29.57 118.84
N GLN J 135 5.76 -29.78 118.28
CA GLN J 135 5.12 -31.08 118.38
C GLN J 135 5.86 -32.10 117.53
N THR J 136 5.97 -33.32 118.07
CA THR J 136 6.66 -34.42 117.39
C THR J 136 5.62 -35.39 116.84
N ASN J 137 5.65 -35.60 115.53
CA ASN J 137 4.74 -36.49 114.84
C ASN J 137 5.49 -37.74 114.38
N SER J 138 4.89 -38.48 113.45
CA SER J 138 5.55 -39.67 112.92
C SER J 138 6.73 -39.29 112.03
N MET J 139 6.56 -38.26 111.20
CA MET J 139 7.60 -37.78 110.32
C MET J 139 8.01 -36.37 110.74
N VAL J 140 9.30 -36.17 110.97
CA VAL J 140 9.85 -34.86 111.35
C VAL J 140 10.49 -34.25 110.11
N THR J 141 10.21 -32.97 109.88
CA THR J 141 10.71 -32.26 108.71
C THR J 141 11.89 -31.37 109.11
N LEU J 142 12.99 -31.51 108.38
CA LEU J 142 14.18 -30.68 108.58
C LEU J 142 14.44 -29.86 107.33
N GLY J 143 15.12 -28.72 107.51
CA GLY J 143 15.40 -27.81 106.42
C GLY J 143 16.86 -27.37 106.43
N CYS J 144 17.18 -26.52 105.45
CA CYS J 144 18.54 -26.00 105.29
C CYS J 144 18.45 -24.77 104.39
N LEU J 145 18.60 -23.59 104.97
CA LEU J 145 18.44 -22.34 104.24
C LEU J 145 19.78 -21.88 103.67
N VAL J 146 19.78 -21.51 102.40
CA VAL J 146 20.95 -20.98 101.72
C VAL J 146 20.60 -19.57 101.25
N LYS J 147 21.24 -18.58 101.86
CA LYS J 147 20.90 -17.18 101.63
C LYS J 147 22.15 -16.38 101.28
N GLY J 148 21.98 -15.42 100.37
CA GLY J 148 23.02 -14.48 100.05
C GLY J 148 24.21 -15.04 99.31
N TYR J 149 23.98 -15.58 98.11
CA TYR J 149 25.05 -16.08 97.27
C TYR J 149 24.87 -15.57 95.84
N PHE J 150 25.98 -15.49 95.12
CA PHE J 150 25.99 -15.01 93.74
C PHE J 150 27.28 -15.46 93.09
N PRO J 151 27.22 -15.99 91.86
CA PRO J 151 26.04 -16.21 91.02
C PRO J 151 25.52 -17.63 91.13
N GLU J 152 24.54 -17.99 90.28
CA GLU J 152 24.01 -19.34 90.27
C GLU J 152 25.06 -20.32 89.74
N PRO J 153 24.94 -21.61 90.09
CA PRO J 153 23.96 -22.23 90.97
C PRO J 153 24.57 -22.75 92.27
N VAL J 154 23.82 -23.56 93.01
CA VAL J 154 24.32 -24.23 94.21
C VAL J 154 23.76 -25.65 94.22
N THR J 155 24.61 -26.61 94.59
CA THR J 155 24.23 -28.01 94.66
C THR J 155 24.04 -28.41 96.11
N VAL J 156 22.83 -28.86 96.44
CA VAL J 156 22.46 -29.20 97.82
C VAL J 156 22.22 -30.71 97.88
N THR J 157 23.04 -31.39 98.69
CA THR J 157 22.88 -32.81 98.95
C THR J 157 22.71 -33.03 100.45
N TRP J 158 21.95 -34.07 100.80
CA TRP J 158 21.67 -34.40 102.19
C TRP J 158 22.35 -35.72 102.54
N ASN J 159 23.15 -35.70 103.61
CA ASN J 159 23.87 -36.89 104.07
C ASN J 159 24.74 -37.46 102.95
N SER J 160 25.42 -36.59 102.22
CA SER J 160 26.31 -36.97 101.12
C SER J 160 25.56 -37.75 100.04
N GLY J 161 24.30 -37.39 99.81
CA GLY J 161 23.50 -37.99 98.77
C GLY J 161 22.75 -39.24 99.18
N SER J 162 23.03 -39.80 100.36
CA SER J 162 22.33 -41.00 100.79
C SER J 162 20.87 -40.74 101.11
N LEU J 163 20.53 -39.50 101.48
CA LEU J 163 19.15 -39.10 101.71
C LEU J 163 18.60 -38.50 100.43
N SER J 164 17.89 -39.32 99.65
CA SER J 164 17.37 -38.91 98.35
C SER J 164 15.87 -38.65 98.39
N SER J 165 15.10 -39.54 98.99
CA SER J 165 13.66 -39.36 99.05
C SER J 165 13.28 -38.27 100.07
N GLY J 166 12.08 -37.75 99.90
CA GLY J 166 11.58 -36.72 100.80
C GLY J 166 12.31 -35.39 100.72
N VAL J 167 13.13 -35.19 99.69
CA VAL J 167 13.89 -33.96 99.51
C VAL J 167 13.15 -33.05 98.53
N HIS J 168 13.04 -31.77 98.87
CA HIS J 168 12.36 -30.79 98.04
C HIS J 168 13.22 -29.53 98.00
N THR J 169 14.09 -29.44 97.00
CA THR J 169 14.96 -28.29 96.80
C THR J 169 14.25 -27.30 95.89
N PHE J 170 13.90 -26.13 96.44
CA PHE J 170 13.15 -25.14 95.70
C PHE J 170 14.09 -24.29 94.85
N PRO J 171 13.61 -23.78 93.71
CA PRO J 171 14.46 -22.94 92.87
C PRO J 171 14.85 -21.64 93.56
N ALA J 172 15.99 -21.09 93.16
CA ALA J 172 16.49 -19.88 93.77
C ALA J 172 15.67 -18.67 93.34
N VAL J 173 15.68 -17.64 94.17
CA VAL J 173 14.99 -16.38 93.89
C VAL J 173 16.00 -15.25 94.06
N LEU J 174 16.14 -14.43 93.03
CA LEU J 174 17.10 -13.32 93.04
C LEU J 174 16.42 -12.08 93.60
N GLN J 175 16.94 -11.57 94.72
CA GLN J 175 16.45 -10.35 95.33
C GLN J 175 17.61 -9.59 95.94
N SER J 176 17.64 -8.28 95.71
CA SER J 176 18.69 -7.40 96.21
C SER J 176 20.07 -7.87 95.74
N ASP J 177 20.15 -8.22 94.45
CA ASP J 177 21.39 -8.66 93.80
C ASP J 177 21.97 -9.92 94.42
N LEU J 178 21.15 -10.72 95.11
CA LEU J 178 21.62 -11.95 95.74
C LEU J 178 20.58 -13.03 95.54
N TYR J 179 21.05 -14.27 95.44
CA TYR J 179 20.19 -15.43 95.29
C TYR J 179 19.89 -16.04 96.65
N THR J 180 18.72 -16.67 96.76
CA THR J 180 18.31 -17.34 97.98
C THR J 180 17.60 -18.64 97.64
N LEU J 181 18.06 -19.74 98.23
CA LEU J 181 17.54 -21.07 97.94
C LEU J 181 17.31 -21.81 99.25
N SER J 182 16.24 -22.61 99.30
CA SER J 182 15.91 -23.40 100.47
C SER J 182 15.65 -24.85 100.07
N SER J 183 15.87 -25.75 101.02
CA SER J 183 15.68 -27.18 100.79
C SER J 183 15.15 -27.83 102.06
N SER J 184 14.23 -28.77 101.91
CA SER J 184 13.60 -29.45 103.03
C SER J 184 13.76 -30.95 102.88
N VAL J 185 13.73 -31.64 104.03
CA VAL J 185 13.79 -33.10 104.07
C VAL J 185 12.83 -33.60 105.13
N THR J 186 12.15 -34.70 104.84
CA THR J 186 11.20 -35.32 105.76
C THR J 186 11.74 -36.69 106.14
N VAL J 187 12.02 -36.88 107.43
CA VAL J 187 12.56 -38.14 107.93
C VAL J 187 11.69 -38.61 109.08
N PRO J 188 11.69 -39.92 109.36
CA PRO J 188 10.92 -40.42 110.50
C PRO J 188 11.47 -39.87 111.82
N SER J 189 10.58 -39.84 112.82
CA SER J 189 10.98 -39.34 114.13
C SER J 189 12.00 -40.25 114.80
N SER J 190 11.99 -41.54 114.47
CA SER J 190 12.92 -42.49 115.05
C SER J 190 14.32 -42.38 114.48
N THR J 191 14.53 -41.54 113.47
CA THR J 191 15.84 -41.37 112.86
C THR J 191 16.54 -40.08 113.24
N TRP J 192 15.81 -39.09 113.76
CA TRP J 192 16.38 -37.81 114.14
C TRP J 192 15.80 -37.39 115.48
N PRO J 193 16.63 -36.86 116.39
CA PRO J 193 18.07 -36.62 116.27
C PRO J 193 18.91 -37.83 116.66
N SER J 194 18.38 -39.05 116.56
CA SER J 194 19.16 -40.23 116.91
C SER J 194 20.30 -40.44 115.92
N GLU J 195 20.11 -40.10 114.65
CA GLU J 195 21.14 -40.19 113.63
C GLU J 195 21.43 -38.79 113.10
N THR J 196 22.70 -38.53 112.81
CA THR J 196 23.09 -37.21 112.34
C THR J 196 22.57 -36.96 110.94
N VAL J 197 22.04 -35.76 110.72
CA VAL J 197 21.51 -35.33 109.43
C VAL J 197 22.21 -34.04 109.05
N THR J 198 22.88 -34.05 107.89
CA THR J 198 23.65 -32.90 107.43
C THR J 198 23.24 -32.53 106.01
N CYS J 199 23.17 -31.22 105.75
CA CYS J 199 22.89 -30.70 104.42
C CYS J 199 24.19 -30.13 103.86
N ASN J 200 24.64 -30.69 102.73
CA ASN J 200 25.90 -30.28 102.10
C ASN J 200 25.59 -29.36 100.94
N VAL J 201 25.95 -28.09 101.06
CA VAL J 201 25.76 -27.11 100.01
C VAL J 201 27.13 -26.82 99.39
N ALA J 202 27.11 -26.53 98.09
CA ALA J 202 28.34 -26.25 97.35
C ALA J 202 28.08 -25.12 96.36
N HIS J 203 29.00 -24.17 96.30
CA HIS J 203 28.94 -23.05 95.36
C HIS J 203 30.27 -23.01 94.60
N PRO J 204 30.34 -23.70 93.45
CA PRO J 204 31.62 -23.77 92.74
C PRO J 204 32.12 -22.43 92.23
N ALA J 205 31.24 -21.44 92.08
CA ALA J 205 31.68 -20.12 91.64
C ALA J 205 32.59 -19.47 92.68
N SER J 206 32.32 -19.69 93.96
CA SER J 206 33.15 -19.20 95.05
C SER J 206 33.96 -20.29 95.70
N SER J 207 33.97 -21.49 95.12
CA SER J 207 34.71 -22.65 95.63
C SER J 207 34.30 -23.02 97.05
N THR J 208 33.09 -22.64 97.46
CA THR J 208 32.62 -22.88 98.81
C THR J 208 31.89 -24.22 98.89
N LYS J 209 32.24 -25.02 99.90
CA LYS J 209 31.60 -26.33 100.11
C LYS J 209 31.48 -26.51 101.62
N VAL J 210 30.26 -26.42 102.13
CA VAL J 210 30.01 -26.47 103.57
C VAL J 210 29.21 -27.73 103.90
N ASP J 211 29.28 -28.11 105.18
CA ASP J 211 28.54 -29.25 105.71
C ASP J 211 27.90 -28.80 107.02
N LYS J 212 26.60 -28.52 106.98
CA LYS J 212 25.87 -28.03 108.15
C LYS J 212 25.09 -29.17 108.78
N LYS J 213 25.30 -29.39 110.07
CA LYS J 213 24.64 -30.45 110.80
C LYS J 213 23.36 -29.92 111.45
N ILE J 214 22.28 -30.67 111.30
CA ILE J 214 20.99 -30.28 111.86
C ILE J 214 20.93 -30.78 113.29
N VAL J 215 21.06 -29.86 114.24
CA VAL J 215 21.03 -30.18 115.67
C VAL J 215 19.68 -29.73 116.22
N PRO J 216 19.00 -30.53 117.05
CA PRO J 216 17.68 -30.14 117.56
C PRO J 216 17.71 -28.88 118.41
N ARG J 217 16.53 -28.44 118.84
CA ARG J 217 16.34 -27.21 119.62
C ARG J 217 16.67 -25.97 118.79
N GLN K 1 -6.38 26.03 -61.46
CA GLN K 1 -5.96 27.43 -61.52
C GLN K 1 -4.51 27.53 -61.97
N ILE K 2 -3.71 26.52 -61.65
CA ILE K 2 -2.31 26.51 -62.08
C ILE K 2 -2.26 26.26 -63.58
N VAL K 3 -1.46 27.06 -64.28
CA VAL K 3 -1.37 26.99 -65.73
C VAL K 3 -0.23 26.07 -66.11
N LEU K 4 -0.53 25.08 -66.95
CA LEU K 4 0.44 24.10 -67.41
C LEU K 4 0.98 24.55 -68.77
N THR K 5 2.24 24.96 -68.79
CA THR K 5 2.89 25.47 -70.00
C THR K 5 3.76 24.36 -70.59
N GLN K 6 3.29 23.76 -71.69
CA GLN K 6 4.04 22.72 -72.38
C GLN K 6 4.99 23.33 -73.39
N SER K 7 6.20 22.77 -73.45
CA SER K 7 7.21 23.26 -74.37
C SER K 7 8.05 22.10 -74.88
N PRO K 8 8.25 21.98 -76.19
CA PRO K 8 7.75 22.86 -77.26
C PRO K 8 6.32 22.49 -77.65
N ALA K 9 5.57 23.43 -78.24
CA ALA K 9 4.22 23.11 -78.70
C ALA K 9 4.25 22.16 -79.89
N ILE K 10 5.23 22.35 -80.78
CA ILE K 10 5.42 21.49 -81.94
C ILE K 10 6.87 21.08 -81.98
N MET K 11 7.13 19.82 -82.31
CA MET K 11 8.50 19.32 -82.41
C MET K 11 8.53 18.13 -83.36
N SER K 12 9.67 17.97 -84.04
CA SER K 12 9.86 16.89 -84.99
C SER K 12 11.03 16.01 -84.55
N ALA K 13 10.98 14.75 -84.95
CA ALA K 13 12.02 13.79 -84.58
C ALA K 13 11.92 12.59 -85.51
N SER K 14 13.08 12.06 -85.89
CA SER K 14 13.13 10.90 -86.77
C SER K 14 12.98 9.60 -85.96
N LEU K 15 12.85 8.50 -86.67
CA LEU K 15 12.70 7.20 -86.04
C LEU K 15 14.00 6.78 -85.36
N GLY K 16 13.91 6.47 -84.07
CA GLY K 16 15.06 6.05 -83.30
C GLY K 16 15.64 7.11 -82.38
N GLU K 17 15.17 8.36 -82.48
CA GLU K 17 15.70 9.42 -81.65
C GLU K 17 15.09 9.36 -80.25
N ARG K 18 15.59 10.24 -79.38
CA ARG K 18 15.14 10.33 -77.99
C ARG K 18 14.33 11.62 -77.84
N VAL K 19 13.00 11.49 -77.94
CA VAL K 19 12.11 12.64 -77.81
C VAL K 19 11.92 12.98 -76.34
N THR K 20 11.98 14.27 -76.01
CA THR K 20 11.80 14.73 -74.65
C THR K 20 11.01 16.03 -74.65
N MET K 21 9.82 16.01 -74.08
CA MET K 21 8.98 17.19 -73.93
C MET K 21 8.89 17.58 -72.46
N THR K 22 8.42 18.81 -72.22
CA THR K 22 8.37 19.36 -70.88
C THR K 22 7.05 20.08 -70.66
N CYS K 23 6.51 19.96 -69.45
CA CYS K 23 5.30 20.66 -69.04
C CYS K 23 5.58 21.29 -67.67
N THR K 24 5.69 22.61 -67.64
CA THR K 24 6.03 23.35 -66.43
C THR K 24 4.78 23.94 -65.81
N ALA K 25 4.64 23.78 -64.50
CA ALA K 25 3.52 24.30 -63.74
C ALA K 25 3.92 25.61 -63.05
N THR K 26 2.95 26.21 -62.37
CA THR K 26 3.17 27.45 -61.63
C THR K 26 3.41 27.21 -60.14
N SER K 27 2.55 26.42 -59.50
CA SER K 27 2.69 26.11 -58.09
C SER K 27 3.22 24.69 -57.92
N SER K 28 3.36 24.27 -56.66
CA SER K 28 3.87 22.94 -56.37
C SER K 28 2.83 21.87 -56.70
N VAL K 29 3.28 20.81 -57.35
CA VAL K 29 2.41 19.72 -57.77
C VAL K 29 2.99 18.41 -57.23
N SER K 30 2.15 17.62 -56.57
CA SER K 30 2.58 16.32 -56.09
C SER K 30 2.73 15.34 -57.25
N SER K 31 3.64 14.38 -57.09
CA SER K 31 3.93 13.42 -58.14
C SER K 31 2.85 12.38 -58.33
N SER K 32 1.76 12.43 -57.56
CA SER K 32 0.68 11.46 -57.67
C SER K 32 -0.52 12.00 -58.47
N TYR K 33 -0.40 13.20 -59.04
CA TYR K 33 -1.47 13.78 -59.83
C TYR K 33 -1.05 14.20 -61.24
N PHE K 34 0.23 14.10 -61.59
CA PHE K 34 0.68 14.47 -62.92
C PHE K 34 0.44 13.30 -63.87
N HIS K 35 -0.39 13.52 -64.88
CA HIS K 35 -0.74 12.48 -65.85
C HIS K 35 -0.42 12.96 -67.26
N TRP K 36 -0.35 12.00 -68.18
CA TRP K 36 -0.09 12.26 -69.58
C TRP K 36 -1.16 11.61 -70.44
N PHE K 37 -1.62 12.32 -71.46
CA PHE K 37 -2.63 11.83 -72.38
C PHE K 37 -2.12 11.97 -73.81
N GLN K 38 -2.36 10.94 -74.62
CA GLN K 38 -1.99 10.94 -76.03
C GLN K 38 -3.27 10.98 -76.85
N GLN K 39 -3.41 12.01 -77.68
CA GLN K 39 -4.60 12.20 -78.50
C GLN K 39 -4.20 12.32 -79.97
N LYS K 40 -4.84 11.52 -80.82
CA LYS K 40 -4.68 11.55 -82.26
C LYS K 40 -5.88 12.22 -82.91
N PRO K 41 -5.70 12.84 -84.08
CA PRO K 41 -6.83 13.50 -84.75
C PRO K 41 -7.93 12.50 -85.09
N GLY K 42 -9.13 12.77 -84.57
CA GLY K 42 -10.26 11.90 -84.78
C GLY K 42 -10.45 10.81 -83.75
N SER K 43 -9.78 10.89 -82.61
CA SER K 43 -9.89 9.88 -81.57
C SER K 43 -9.88 10.57 -80.21
N SER K 44 -10.52 9.92 -79.22
CA SER K 44 -10.55 10.46 -77.89
C SER K 44 -9.18 10.29 -77.21
N PRO K 45 -8.84 11.17 -76.28
CA PRO K 45 -7.56 11.02 -75.56
C PRO K 45 -7.55 9.75 -74.73
N LYS K 46 -6.39 9.12 -74.66
CA LYS K 46 -6.21 7.88 -73.91
C LYS K 46 -5.22 8.11 -72.77
N LEU K 47 -5.45 7.43 -71.65
CA LEU K 47 -4.56 7.52 -70.50
C LEU K 47 -3.23 6.87 -70.83
N TRP K 48 -2.18 7.69 -70.96
CA TRP K 48 -0.86 7.18 -71.30
C TRP K 48 -0.06 6.90 -70.04
N ILE K 49 0.52 7.95 -69.44
CA ILE K 49 1.31 7.83 -68.22
C ILE K 49 0.52 8.48 -67.10
N TYR K 50 0.26 7.72 -66.05
CA TYR K 50 -0.41 8.22 -64.86
C TYR K 50 0.55 8.19 -63.67
N SER K 51 0.28 9.05 -62.69
CA SER K 51 1.10 9.19 -61.50
C SER K 51 2.55 9.47 -61.87
N THR K 52 2.75 10.48 -62.72
CA THR K 52 4.06 10.98 -63.13
C THR K 52 4.86 9.95 -63.92
N SER K 53 5.04 8.74 -63.38
CA SER K 53 5.97 7.78 -63.96
C SER K 53 5.40 6.39 -64.14
N ASN K 54 4.14 6.14 -63.80
CA ASN K 54 3.57 4.81 -63.92
C ASN K 54 2.92 4.65 -65.29
N LEU K 55 3.33 3.62 -66.03
CA LEU K 55 2.80 3.35 -67.35
C LEU K 55 1.47 2.61 -67.25
N ALA K 56 0.61 2.83 -68.25
CA ALA K 56 -0.70 2.20 -68.27
C ALA K 56 -0.59 0.77 -68.79
N SER K 57 -1.74 0.11 -68.93
CA SER K 57 -1.80 -1.27 -69.43
C SER K 57 -2.00 -1.33 -70.94
N GLY K 58 -1.36 -0.42 -71.67
CA GLY K 58 -1.46 -0.38 -73.12
C GLY K 58 -0.29 0.33 -73.74
N VAL K 59 0.36 1.19 -72.95
CA VAL K 59 1.49 1.97 -73.44
C VAL K 59 2.71 1.07 -73.59
N PRO K 60 3.49 1.18 -74.67
CA PRO K 60 4.71 0.37 -74.78
C PRO K 60 5.75 0.80 -73.76
N THR K 61 6.75 -0.07 -73.60
CA THR K 61 7.82 0.16 -72.62
C THR K 61 8.75 1.29 -73.00
N ARG K 62 8.69 1.78 -74.25
CA ARG K 62 9.58 2.84 -74.68
C ARG K 62 9.25 4.19 -74.06
N PHE K 63 8.04 4.34 -73.51
CA PHE K 63 7.64 5.58 -72.85
C PHE K 63 8.08 5.58 -71.39
N SER K 64 8.43 6.78 -70.91
CA SER K 64 8.88 6.95 -69.54
C SER K 64 8.58 8.37 -69.09
N GLY K 65 8.02 8.50 -67.89
CA GLY K 65 7.71 9.80 -67.31
C GLY K 65 8.58 10.07 -66.10
N SER K 66 8.85 11.35 -65.85
CA SER K 66 9.69 11.75 -64.75
C SER K 66 9.33 13.18 -64.34
N GLY K 67 9.96 13.66 -63.29
CA GLY K 67 9.72 15.01 -62.81
C GLY K 67 9.16 15.05 -61.40
N SER K 68 9.26 16.21 -60.75
CA SER K 68 8.74 16.37 -59.40
C SER K 68 8.56 17.86 -59.11
N GLY K 69 7.63 18.17 -58.22
CA GLY K 69 7.38 19.54 -57.82
C GLY K 69 6.69 20.36 -58.88
N THR K 70 7.45 21.18 -59.60
CA THR K 70 6.91 22.06 -60.62
C THR K 70 7.41 21.74 -62.03
N SER K 71 8.39 20.85 -62.18
CA SER K 71 8.96 20.51 -63.47
C SER K 71 8.82 19.01 -63.70
N TYR K 72 8.13 18.63 -64.77
CA TYR K 72 7.97 17.24 -65.17
C TYR K 72 8.35 17.10 -66.64
N SER K 73 8.46 15.85 -67.08
CA SER K 73 8.90 15.60 -68.45
C SER K 73 8.46 14.20 -68.88
N LEU K 74 8.20 14.06 -70.18
CA LEU K 74 7.92 12.78 -70.79
C LEU K 74 9.01 12.50 -71.83
N THR K 75 9.61 11.31 -71.76
CA THR K 75 10.73 10.95 -72.60
C THR K 75 10.43 9.64 -73.33
N ILE K 76 10.71 9.61 -74.62
CA ILE K 76 10.58 8.41 -75.44
C ILE K 76 11.99 7.95 -75.80
N SER K 77 12.32 6.70 -75.45
CA SER K 77 13.65 6.18 -75.74
C SER K 77 13.87 6.07 -77.25
N GLY K 78 12.99 5.36 -77.95
CA GLY K 78 13.08 5.25 -79.39
C GLY K 78 11.80 5.70 -80.07
N MET K 79 11.90 6.75 -80.88
CA MET K 79 10.73 7.29 -81.55
C MET K 79 10.21 6.32 -82.59
N GLU K 80 8.90 6.08 -82.59
CA GLU K 80 8.25 5.19 -83.52
C GLU K 80 7.21 5.95 -84.33
N ALA K 81 6.74 5.31 -85.40
CA ALA K 81 5.79 5.97 -86.30
C ALA K 81 4.44 6.18 -85.62
N GLU K 82 4.02 5.24 -84.77
CA GLU K 82 2.73 5.33 -84.12
C GLU K 82 2.71 6.31 -82.95
N ASP K 83 3.86 6.84 -82.54
CA ASP K 83 3.93 7.77 -81.43
C ASP K 83 3.72 9.21 -81.85
N ALA K 84 3.35 9.45 -83.11
CA ALA K 84 3.11 10.81 -83.60
C ALA K 84 1.68 11.21 -83.25
N ALA K 85 1.53 12.10 -82.29
CA ALA K 85 0.22 12.58 -81.84
C ALA K 85 0.44 13.84 -81.02
N THR K 86 -0.60 14.27 -80.32
CA THR K 86 -0.53 15.42 -79.42
C THR K 86 -0.59 14.93 -77.98
N TYR K 87 0.31 15.44 -77.15
CA TYR K 87 0.47 14.99 -75.78
C TYR K 87 0.16 16.13 -74.82
N TYR K 88 -0.77 15.88 -73.89
CA TYR K 88 -1.16 16.86 -72.89
C TYR K 88 -0.69 16.42 -71.52
N CYS K 89 -0.50 17.40 -70.63
CA CYS K 89 -0.15 17.14 -69.24
C CYS K 89 -1.33 17.50 -68.34
N HIS K 90 -1.42 16.81 -67.22
CA HIS K 90 -2.59 16.88 -66.35
C HIS K 90 -2.16 17.17 -64.92
N GLN K 91 -3.08 17.75 -64.15
CA GLN K 91 -2.84 18.05 -62.75
C GLN K 91 -4.15 17.90 -61.98
N TYR K 92 -4.02 17.90 -60.66
CA TYR K 92 -5.18 17.82 -59.76
C TYR K 92 -4.76 18.24 -58.35
N HIS K 93 -5.08 19.48 -57.95
CA HIS K 93 -4.62 19.98 -56.67
C HIS K 93 -5.53 21.06 -56.09
N ARG K 94 -5.01 22.28 -55.96
CA ARG K 94 -5.70 23.34 -55.24
C ARG K 94 -7.01 23.74 -55.90
N SER K 95 -7.17 23.51 -57.19
CA SER K 95 -8.31 24.01 -57.94
C SER K 95 -8.84 22.92 -58.87
N PRO K 96 -10.02 23.09 -59.44
CA PRO K 96 -10.46 22.19 -60.52
C PRO K 96 -9.36 21.91 -61.52
N PRO K 97 -9.32 20.72 -62.09
CA PRO K 97 -8.16 20.30 -62.87
C PRO K 97 -7.93 21.18 -64.10
N THR K 98 -6.65 21.37 -64.42
CA THR K 98 -6.22 22.15 -65.57
C THR K 98 -5.38 21.28 -66.49
N PHE K 99 -5.43 21.57 -67.78
CA PHE K 99 -4.67 20.85 -68.79
C PHE K 99 -3.61 21.75 -69.40
N GLY K 100 -2.67 21.12 -70.11
CA GLY K 100 -1.60 21.86 -70.76
C GLY K 100 -2.00 22.33 -72.16
N ALA K 101 -1.10 23.14 -72.74
CA ALA K 101 -1.35 23.63 -74.10
C ALA K 101 -1.27 22.51 -75.13
N GLY K 102 -0.50 21.46 -74.84
CA GLY K 102 -0.36 20.35 -75.76
C GLY K 102 0.93 20.39 -76.56
N THR K 103 1.52 19.22 -76.79
CA THR K 103 2.75 19.08 -77.57
C THR K 103 2.46 18.17 -78.74
N LYS K 104 2.45 18.73 -79.95
CA LYS K 104 2.18 17.97 -81.17
C LYS K 104 3.48 17.36 -81.66
N LEU K 105 3.57 16.04 -81.62
CA LEU K 105 4.76 15.31 -82.04
C LEU K 105 4.59 14.88 -83.50
N GLU K 106 5.47 15.37 -84.36
CA GLU K 106 5.46 15.04 -85.78
C GLU K 106 6.71 14.25 -86.15
N LEU K 107 6.58 13.44 -87.20
CA LEU K 107 7.71 12.64 -87.68
C LEU K 107 8.58 13.43 -88.64
N LYS K 108 9.90 13.25 -88.50
CA LYS K 108 10.86 13.96 -89.32
C LYS K 108 11.18 13.15 -90.57
N ARG K 109 11.38 13.85 -91.69
CA ARG K 109 11.73 13.20 -92.95
C ARG K 109 12.56 14.17 -93.77
N ALA K 110 12.99 13.71 -94.94
CA ALA K 110 13.77 14.56 -95.84
C ALA K 110 12.91 15.67 -96.41
N ASP K 111 13.54 16.80 -96.70
CA ASP K 111 12.81 17.93 -97.26
C ASP K 111 12.39 17.63 -98.69
N ALA K 112 11.20 18.12 -99.06
CA ALA K 112 10.65 17.90 -100.38
C ALA K 112 10.05 19.20 -100.91
N ALA K 113 10.17 19.39 -102.22
CA ALA K 113 9.62 20.60 -102.82
C ALA K 113 8.14 20.43 -103.14
N PRO K 114 7.33 21.46 -102.88
CA PRO K 114 5.90 21.34 -103.14
C PRO K 114 5.60 21.37 -104.63
N THR K 115 4.64 20.55 -105.05
CA THR K 115 4.20 20.50 -106.44
C THR K 115 3.14 21.57 -106.63
N VAL K 116 3.53 22.72 -107.16
CA VAL K 116 2.63 23.85 -107.31
C VAL K 116 1.76 23.65 -108.54
N SER K 117 0.47 23.88 -108.39
CA SER K 117 -0.48 23.75 -109.49
C SER K 117 -1.60 24.76 -109.28
N ILE K 118 -1.69 25.75 -110.16
CA ILE K 118 -2.73 26.77 -110.09
C ILE K 118 -3.86 26.38 -111.02
N PHE K 119 -5.08 26.74 -110.62
CA PHE K 119 -6.28 26.39 -111.38
C PHE K 119 -7.15 27.63 -111.55
N PRO K 120 -7.52 27.97 -112.78
CA PRO K 120 -8.44 29.09 -112.99
C PRO K 120 -9.84 28.74 -112.52
N PRO K 121 -10.66 29.73 -112.15
CA PRO K 121 -12.02 29.43 -111.74
C PRO K 121 -12.84 28.86 -112.89
N SER K 122 -13.67 27.87 -112.57
CA SER K 122 -14.44 27.18 -113.60
C SER K 122 -15.51 28.09 -114.19
N SER K 123 -15.89 27.80 -115.42
CA SER K 123 -16.95 28.56 -116.08
C SER K 123 -18.29 28.37 -115.40
N GLU K 124 -18.49 27.22 -114.74
CA GLU K 124 -19.72 26.99 -114.00
C GLU K 124 -19.83 27.91 -112.80
N GLN K 125 -18.69 28.32 -112.23
CA GLN K 125 -18.71 29.23 -111.09
C GLN K 125 -18.83 30.68 -111.55
N LEU K 126 -18.25 31.04 -112.70
CA LEU K 126 -18.34 32.40 -113.18
C LEU K 126 -19.78 32.77 -113.51
N THR K 127 -20.53 31.85 -114.12
CA THR K 127 -21.93 32.13 -114.43
C THR K 127 -22.78 32.26 -113.18
N SER K 128 -22.36 31.62 -112.08
CA SER K 128 -23.10 31.71 -110.83
C SER K 128 -22.89 33.03 -110.11
N GLY K 129 -21.82 33.75 -110.41
CA GLY K 129 -21.54 35.02 -109.79
C GLY K 129 -20.29 35.08 -108.93
N GLY K 130 -19.38 34.10 -109.02
CA GLY K 130 -18.18 34.10 -108.23
C GLY K 130 -17.01 33.58 -109.04
N ALA K 131 -15.82 33.73 -108.45
CA ALA K 131 -14.59 33.29 -109.11
C ALA K 131 -13.53 33.04 -108.03
N SER K 132 -13.20 31.78 -107.80
CA SER K 132 -12.19 31.40 -106.82
C SER K 132 -11.01 30.77 -107.53
N VAL K 133 -9.81 31.23 -107.21
CA VAL K 133 -8.57 30.73 -107.78
C VAL K 133 -7.91 29.81 -106.77
N VAL K 134 -7.74 28.54 -107.14
CA VAL K 134 -7.19 27.52 -106.26
C VAL K 134 -5.77 27.21 -106.72
N CYS K 135 -4.84 27.15 -105.75
CA CYS K 135 -3.44 26.80 -106.01
C CYS K 135 -3.04 25.72 -105.03
N PHE K 136 -2.69 24.54 -105.55
CA PHE K 136 -2.34 23.41 -104.72
C PHE K 136 -0.84 23.35 -104.46
N LEU K 137 -0.48 22.89 -103.27
CA LEU K 137 0.92 22.67 -102.86
C LEU K 137 0.94 21.30 -102.16
N ASN K 138 1.16 20.25 -102.94
CA ASN K 138 1.04 18.88 -102.46
C ASN K 138 2.41 18.29 -102.17
N ASN K 139 2.50 17.54 -101.07
CA ASN K 139 3.67 16.76 -100.71
C ASN K 139 4.92 17.64 -100.56
N PHE K 140 5.10 18.24 -99.39
CA PHE K 140 6.30 19.01 -99.10
C PHE K 140 6.65 18.86 -97.64
N TYR K 141 7.89 19.25 -97.30
CA TYR K 141 8.38 19.17 -95.94
C TYR K 141 9.51 20.18 -95.77
N PRO K 142 9.57 20.91 -94.65
CA PRO K 142 8.67 20.86 -93.49
C PRO K 142 7.35 21.61 -93.70
N LYS K 143 6.57 21.77 -92.63
CA LYS K 143 5.29 22.46 -92.74
C LYS K 143 5.45 23.95 -92.97
N ASP K 144 6.59 24.52 -92.59
CA ASP K 144 6.82 25.95 -92.78
C ASP K 144 6.91 26.27 -94.26
N ILE K 145 6.02 27.15 -94.73
CA ILE K 145 5.96 27.52 -96.13
C ILE K 145 5.33 28.90 -96.23
N ASN K 146 5.55 29.58 -97.36
CA ASN K 146 5.02 30.91 -97.59
C ASN K 146 4.35 30.94 -98.96
N VAL K 147 3.19 31.59 -99.03
CA VAL K 147 2.42 31.71 -100.26
C VAL K 147 2.09 33.18 -100.48
N LYS K 148 2.37 33.68 -101.68
CA LYS K 148 2.08 35.05 -102.04
C LYS K 148 1.22 35.06 -103.31
N TRP K 149 0.08 35.73 -103.23
CA TRP K 149 -0.83 35.86 -104.37
C TRP K 149 -0.59 37.22 -105.03
N LYS K 150 -0.14 37.19 -106.28
CA LYS K 150 0.14 38.41 -107.03
C LYS K 150 -0.84 38.51 -108.19
N ILE K 151 -1.62 39.59 -108.20
CA ILE K 151 -2.62 39.84 -109.24
C ILE K 151 -2.08 40.97 -110.11
N ASP K 152 -1.76 40.66 -111.36
CA ASP K 152 -1.20 41.64 -112.31
C ASP K 152 0.09 42.27 -111.76
N GLY K 153 0.90 41.45 -111.09
CA GLY K 153 2.14 41.91 -110.51
C GLY K 153 2.03 42.44 -109.10
N SER K 154 0.86 42.90 -108.69
CA SER K 154 0.66 43.42 -107.34
C SER K 154 0.16 42.32 -106.42
N GLU K 155 0.72 42.26 -105.22
CA GLU K 155 0.34 41.25 -104.25
C GLU K 155 -0.95 41.63 -103.55
N ARG K 156 -1.77 40.63 -103.26
CA ARG K 156 -3.04 40.83 -102.58
C ARG K 156 -3.15 39.85 -101.41
N GLN K 157 -3.73 40.33 -100.31
CA GLN K 157 -3.88 39.52 -99.10
C GLN K 157 -5.32 39.27 -98.71
N ASN K 158 -6.24 40.14 -99.07
CA ASN K 158 -7.65 39.97 -98.70
C ASN K 158 -8.30 38.93 -99.60
N GLY K 159 -9.03 37.99 -98.98
CA GLY K 159 -9.73 36.96 -99.71
C GLY K 159 -8.97 35.66 -99.88
N VAL K 160 -7.78 35.54 -99.31
CA VAL K 160 -6.98 34.33 -99.43
C VAL K 160 -7.30 33.40 -98.26
N LEU K 161 -7.62 32.16 -98.58
CA LEU K 161 -7.95 31.15 -97.57
C LEU K 161 -6.97 29.99 -97.69
N ASN K 162 -6.31 29.66 -96.60
CA ASN K 162 -5.34 28.58 -96.55
C ASN K 162 -5.84 27.46 -95.66
N SER K 163 -5.50 26.22 -96.02
CA SER K 163 -5.93 25.05 -95.28
C SER K 163 -4.83 24.00 -95.35
N TRP K 164 -4.21 23.72 -94.22
CA TRP K 164 -3.15 22.72 -94.14
C TRP K 164 -3.73 21.37 -93.76
N THR K 165 -3.10 20.31 -94.28
CA THR K 165 -3.45 18.95 -93.92
C THR K 165 -2.50 18.43 -92.85
N ASP K 166 -2.97 17.42 -92.12
CA ASP K 166 -2.12 16.76 -91.14
C ASP K 166 -1.02 15.96 -91.85
N GLN K 167 -0.01 15.59 -91.09
CA GLN K 167 1.09 14.81 -91.65
C GLN K 167 0.58 13.47 -92.17
N ASP K 168 0.94 13.15 -93.40
CA ASP K 168 0.46 11.93 -94.04
C ASP K 168 0.98 10.69 -93.31
N SER K 169 0.19 9.62 -93.36
CA SER K 169 0.56 8.38 -92.69
C SER K 169 1.51 7.52 -93.52
N LYS K 170 1.74 7.86 -94.79
CA LYS K 170 2.61 7.08 -95.66
C LYS K 170 3.93 7.81 -95.87
N ASP K 171 3.94 8.89 -96.66
CA ASP K 171 5.15 9.64 -96.96
C ASP K 171 5.47 10.72 -95.93
N SER K 172 4.57 10.95 -94.97
CA SER K 172 4.78 11.93 -93.90
C SER K 172 5.00 13.33 -94.46
N THR K 173 4.30 13.66 -95.55
CA THR K 173 4.40 14.95 -96.20
C THR K 173 3.15 15.78 -95.92
N TYR K 174 3.32 17.10 -96.02
CA TYR K 174 2.24 18.05 -95.80
C TYR K 174 1.69 18.56 -97.12
N SER K 175 0.46 19.03 -97.08
CA SER K 175 -0.20 19.58 -98.25
C SER K 175 -1.11 20.73 -97.81
N MET K 176 -1.14 21.80 -98.61
CA MET K 176 -1.95 22.96 -98.31
C MET K 176 -2.54 23.52 -99.59
N SER K 177 -3.77 24.03 -99.51
CA SER K 177 -4.47 24.61 -100.64
C SER K 177 -4.80 26.06 -100.34
N SER K 178 -4.41 26.96 -101.25
CA SER K 178 -4.68 28.38 -101.11
C SER K 178 -5.78 28.78 -102.09
N THR K 179 -6.87 29.32 -101.57
CA THR K 179 -8.04 29.70 -102.37
C THR K 179 -8.24 31.21 -102.27
N LEU K 180 -8.21 31.88 -103.42
CA LEU K 180 -8.44 33.31 -103.50
C LEU K 180 -9.85 33.54 -104.01
N THR K 181 -10.73 34.01 -103.14
CA THR K 181 -12.14 34.19 -103.46
C THR K 181 -12.40 35.64 -103.87
N LEU K 182 -12.79 35.82 -105.14
CA LEU K 182 -13.16 37.13 -105.66
C LEU K 182 -14.53 37.04 -106.31
N THR K 183 -15.13 38.19 -106.57
CA THR K 183 -16.40 38.25 -107.27
C THR K 183 -16.16 38.26 -108.78
N LYS K 184 -17.25 38.10 -109.54
CA LYS K 184 -17.14 38.09 -110.99
C LYS K 184 -16.64 39.42 -111.52
N ASP K 185 -17.04 40.52 -110.88
CA ASP K 185 -16.61 41.84 -111.34
C ASP K 185 -15.13 42.06 -111.06
N GLU K 186 -14.66 41.70 -109.87
CA GLU K 186 -13.25 41.88 -109.54
C GLU K 186 -12.36 40.96 -110.35
N TYR K 187 -12.85 39.78 -110.74
CA TYR K 187 -12.04 38.85 -111.50
C TYR K 187 -11.81 39.33 -112.93
N GLU K 188 -12.79 40.02 -113.51
CA GLU K 188 -12.67 40.53 -114.87
C GLU K 188 -11.87 41.82 -114.97
N ARG K 189 -11.45 42.39 -113.84
CA ARG K 189 -10.65 43.60 -113.85
C ARG K 189 -9.16 43.35 -114.06
N HIS K 190 -8.74 42.08 -114.09
CA HIS K 190 -7.33 41.74 -114.22
C HIS K 190 -7.18 40.59 -115.21
N ASN K 191 -5.93 40.27 -115.54
CA ASN K 191 -5.63 39.24 -116.52
C ASN K 191 -4.71 38.16 -115.95
N SER K 192 -3.54 38.52 -115.45
CA SER K 192 -2.56 37.55 -114.98
C SER K 192 -2.75 37.31 -113.48
N TYR K 193 -2.81 36.03 -113.11
CA TYR K 193 -2.92 35.62 -111.71
C TYR K 193 -1.81 34.63 -111.42
N THR K 194 -0.91 35.00 -110.51
CA THR K 194 0.27 34.20 -110.20
C THR K 194 0.21 33.71 -108.76
N CYS K 195 0.56 32.45 -108.55
CA CYS K 195 0.61 31.84 -107.23
C CYS K 195 2.07 31.54 -106.92
N GLU K 196 2.68 32.38 -106.08
CA GLU K 196 4.07 32.21 -105.68
C GLU K 196 4.15 31.40 -104.40
N ALA K 197 5.10 30.46 -104.37
CA ALA K 197 5.30 29.56 -103.23
C ALA K 197 6.76 29.62 -102.80
N THR K 198 7.01 30.13 -101.61
CA THR K 198 8.36 30.22 -101.05
C THR K 198 8.55 29.06 -100.09
N HIS K 199 9.60 28.27 -100.31
CA HIS K 199 9.85 27.09 -99.50
C HIS K 199 11.33 27.02 -99.15
N LYS K 200 11.65 26.17 -98.17
CA LYS K 200 13.03 25.98 -97.74
C LYS K 200 13.82 25.13 -98.73
N THR K 201 13.14 24.32 -99.55
CA THR K 201 13.83 23.43 -100.48
C THR K 201 14.51 24.17 -101.63
N SER K 202 14.20 25.45 -101.84
CA SER K 202 14.80 26.20 -102.93
C SER K 202 14.76 27.68 -102.59
N THR K 203 15.88 28.36 -102.85
CA THR K 203 15.94 29.80 -102.60
C THR K 203 15.09 30.61 -103.58
N SER K 204 14.79 30.04 -104.75
CA SER K 204 13.94 30.71 -105.72
C SER K 204 12.51 30.20 -105.56
N PRO K 205 11.54 31.09 -105.34
CA PRO K 205 10.16 30.61 -105.15
C PRO K 205 9.56 30.10 -106.44
N ILE K 206 8.89 28.95 -106.35
CA ILE K 206 8.20 28.37 -107.51
C ILE K 206 6.95 29.19 -107.81
N VAL K 207 6.82 29.62 -109.05
CA VAL K 207 5.74 30.50 -109.48
C VAL K 207 4.93 29.77 -110.55
N LYS K 208 3.60 29.80 -110.42
CA LYS K 208 2.69 29.24 -111.40
C LYS K 208 1.59 30.26 -111.68
N SER K 209 1.44 30.63 -112.94
CA SER K 209 0.51 31.70 -113.33
C SER K 209 -0.38 31.24 -114.47
N PHE K 210 -1.38 32.05 -114.77
CA PHE K 210 -2.31 31.82 -115.87
C PHE K 210 -2.92 33.16 -116.26
N ASN K 211 -3.36 33.23 -117.52
CA ASN K 211 -3.93 34.45 -118.08
C ASN K 211 -5.39 34.21 -118.43
N ARG K 212 -6.23 35.22 -118.14
CA ARG K 212 -7.66 35.11 -118.37
C ARG K 212 -8.02 35.32 -119.85
N ASN K 213 -7.38 36.27 -120.52
CA ASN K 213 -7.69 36.54 -121.92
C ASN K 213 -6.75 35.78 -122.87
N GLU K 214 -6.57 34.49 -122.60
CA GLU K 214 -5.77 33.62 -123.45
C GLU K 214 -6.43 32.26 -123.62
N GLN L 1 -16.03 -5.27 -70.34
CA GLN L 1 -14.91 -4.35 -70.17
C GLN L 1 -15.40 -2.93 -69.95
N ILE L 2 -14.52 -2.07 -69.41
CA ILE L 2 -14.87 -0.68 -69.16
C ILE L 2 -15.00 0.04 -70.50
N GLN L 3 -16.19 0.60 -70.76
CA GLN L 3 -16.45 1.28 -72.01
C GLN L 3 -17.49 2.37 -71.78
N LEU L 4 -17.20 3.56 -72.29
CA LEU L 4 -18.09 4.71 -72.16
C LEU L 4 -18.54 5.13 -73.56
N VAL L 5 -19.85 5.05 -73.81
CA VAL L 5 -20.41 5.36 -75.11
C VAL L 5 -21.26 6.62 -74.98
N GLN L 6 -20.98 7.62 -75.82
CA GLN L 6 -21.71 8.87 -75.82
C GLN L 6 -22.72 8.90 -76.97
N SER L 7 -23.63 9.86 -76.90
CA SER L 7 -24.64 10.01 -77.94
C SER L 7 -24.02 10.57 -79.22
N GLY L 8 -24.78 10.51 -80.30
CA GLY L 8 -24.33 10.96 -81.59
C GLY L 8 -24.14 12.47 -81.64
N PRO L 9 -23.59 12.96 -82.75
CA PRO L 9 -23.38 14.41 -82.89
C PRO L 9 -24.72 15.15 -83.00
N GLU L 10 -24.74 16.35 -82.46
CA GLU L 10 -25.96 17.14 -82.37
C GLU L 10 -25.83 18.42 -83.20
N LEU L 11 -26.97 18.87 -83.73
CA LEU L 11 -27.05 20.08 -84.54
C LEU L 11 -28.09 20.99 -83.88
N LYS L 12 -27.63 22.10 -83.32
CA LYS L 12 -28.50 23.02 -82.60
C LYS L 12 -28.22 24.45 -83.04
N LYS L 13 -29.22 25.31 -82.86
CA LYS L 13 -29.17 26.74 -83.14
C LYS L 13 -28.79 27.52 -81.88
N PRO L 14 -28.19 28.69 -82.03
CA PRO L 14 -27.83 29.50 -80.85
C PRO L 14 -29.06 29.84 -80.02
N GLY L 15 -28.95 29.60 -78.71
CA GLY L 15 -30.02 29.83 -77.78
C GLY L 15 -30.79 28.58 -77.40
N GLU L 16 -30.65 27.49 -78.15
CA GLU L 16 -31.35 26.25 -77.88
C GLU L 16 -30.69 25.52 -76.71
N THR L 17 -31.17 24.32 -76.41
CA THR L 17 -30.66 23.50 -75.32
C THR L 17 -30.40 22.09 -75.84
N VAL L 18 -29.21 21.56 -75.56
CA VAL L 18 -28.83 20.22 -75.96
C VAL L 18 -28.52 19.41 -74.72
N LYS L 19 -28.86 18.12 -74.76
CA LYS L 19 -28.61 17.20 -73.64
C LYS L 19 -28.05 15.90 -74.20
N ILE L 20 -26.77 15.67 -73.97
CA ILE L 20 -26.09 14.47 -74.46
C ILE L 20 -25.97 13.47 -73.33
N SER L 21 -25.77 12.21 -73.70
CA SER L 21 -25.68 11.11 -72.73
C SER L 21 -24.31 10.46 -72.80
N CYS L 22 -24.04 9.62 -71.80
CA CYS L 22 -22.78 8.88 -71.72
C CYS L 22 -23.05 7.62 -70.89
N LYS L 23 -23.23 6.49 -71.57
CA LYS L 23 -23.57 5.24 -70.91
C LYS L 23 -22.30 4.51 -70.48
N ALA L 24 -22.30 4.04 -69.23
CA ALA L 24 -21.18 3.32 -68.66
C ALA L 24 -21.49 1.83 -68.57
N SER L 25 -20.45 1.02 -68.70
CA SER L 25 -20.60 -0.44 -68.64
C SER L 25 -19.26 -1.05 -68.23
N GLY L 26 -19.34 -2.21 -67.58
CA GLY L 26 -18.16 -2.91 -67.15
C GLY L 26 -17.70 -2.61 -65.73
N TYR L 27 -18.44 -1.79 -64.99
CA TYR L 27 -18.07 -1.46 -63.62
C TYR L 27 -19.29 -0.91 -62.90
N THR L 28 -19.17 -0.77 -61.58
CA THR L 28 -20.25 -0.22 -60.77
C THR L 28 -20.33 1.29 -60.97
N PHE L 29 -21.40 1.73 -61.62
CA PHE L 29 -21.53 3.16 -61.95
C PHE L 29 -21.63 4.02 -60.70
N THR L 30 -22.31 3.53 -59.67
CA THR L 30 -22.48 4.32 -58.45
C THR L 30 -21.23 4.38 -57.59
N ASP L 31 -20.28 3.46 -57.81
CA ASP L 31 -19.07 3.44 -56.99
C ASP L 31 -18.00 4.40 -57.48
N TYR L 32 -18.02 4.78 -58.75
CA TYR L 32 -17.01 5.64 -59.33
C TYR L 32 -17.67 6.82 -60.04
N SER L 33 -16.99 7.97 -60.01
CA SER L 33 -17.55 9.21 -60.49
C SER L 33 -17.51 9.29 -62.01
N MET L 34 -18.10 10.36 -62.55
CA MET L 34 -18.15 10.63 -63.98
C MET L 34 -17.73 12.08 -64.20
N HIS L 35 -16.87 12.30 -65.19
CA HIS L 35 -16.35 13.62 -65.50
C HIS L 35 -16.74 14.01 -66.92
N TRP L 36 -16.55 15.30 -67.22
CA TRP L 36 -16.87 15.86 -68.53
C TRP L 36 -15.80 16.86 -68.92
N VAL L 37 -15.25 16.71 -70.13
CA VAL L 37 -14.18 17.56 -70.63
C VAL L 37 -14.55 18.02 -72.04
N LYS L 38 -14.37 19.32 -72.29
CA LYS L 38 -14.61 19.90 -73.60
C LYS L 38 -13.29 20.18 -74.31
N GLN L 39 -13.30 20.07 -75.64
CA GLN L 39 -12.13 20.31 -76.46
C GLN L 39 -12.54 21.23 -77.61
N ALA L 40 -12.04 22.47 -77.58
CA ALA L 40 -12.31 23.43 -78.63
C ALA L 40 -11.74 22.92 -79.96
N PRO L 41 -12.29 23.40 -81.10
CA PRO L 41 -11.80 22.93 -82.40
C PRO L 41 -10.31 23.08 -82.59
N GLY L 42 -9.59 21.96 -82.59
CA GLY L 42 -8.15 21.98 -82.78
C GLY L 42 -7.40 22.69 -81.68
N LYS L 43 -7.92 22.69 -80.46
CA LYS L 43 -7.30 23.37 -79.33
C LYS L 43 -7.10 22.38 -78.19
N GLY L 44 -6.82 22.92 -77.01
CA GLY L 44 -6.53 22.11 -75.84
C GLY L 44 -7.79 21.57 -75.18
N LEU L 45 -7.58 20.92 -74.04
CA LEU L 45 -8.65 20.31 -73.26
C LEU L 45 -9.02 21.20 -72.09
N LYS L 46 -10.33 21.35 -71.87
CA LYS L 46 -10.84 22.22 -70.80
C LYS L 46 -11.83 21.43 -69.96
N TRP L 47 -11.65 21.49 -68.64
CA TRP L 47 -12.50 20.75 -67.72
C TRP L 47 -13.80 21.49 -67.47
N ILE L 48 -14.89 20.73 -67.39
CA ILE L 48 -16.21 21.30 -67.15
C ILE L 48 -16.63 21.03 -65.70
N GLY L 49 -16.97 19.78 -65.40
CA GLY L 49 -17.39 19.44 -64.06
C GLY L 49 -17.45 17.93 -63.89
N TRP L 50 -17.91 17.52 -62.71
CA TRP L 50 -18.04 16.11 -62.39
C TRP L 50 -19.22 15.92 -61.43
N ILE L 51 -19.75 14.70 -61.41
CA ILE L 51 -20.95 14.37 -60.65
C ILE L 51 -20.59 13.30 -59.63
N ASN L 52 -21.11 13.45 -58.41
CA ASN L 52 -20.98 12.44 -57.37
C ASN L 52 -21.99 11.33 -57.64
N THR L 53 -21.52 10.22 -58.19
CA THR L 53 -22.42 9.13 -58.54
C THR L 53 -23.06 8.50 -57.32
N GLU L 54 -22.38 8.54 -56.16
CA GLU L 54 -22.99 8.02 -54.94
C GLU L 54 -24.21 8.83 -54.52
N THR L 55 -24.20 10.14 -54.77
CA THR L 55 -25.29 11.02 -54.38
C THR L 55 -26.04 11.59 -55.58
N GLY L 56 -25.34 12.32 -56.44
CA GLY L 56 -25.96 13.03 -57.55
C GLY L 56 -25.71 14.52 -57.57
N ALA L 57 -25.05 15.05 -56.54
CA ALA L 57 -24.77 16.49 -56.48
C ALA L 57 -23.66 16.85 -57.45
N PRO L 58 -23.90 17.71 -58.43
CA PRO L 58 -22.84 18.08 -59.38
C PRO L 58 -22.17 19.39 -59.02
N THR L 59 -20.98 19.61 -59.57
CA THR L 59 -20.29 20.89 -59.45
C THR L 59 -19.66 21.24 -60.80
N TYR L 60 -19.34 22.51 -60.97
CA TYR L 60 -18.80 23.01 -62.23
C TYR L 60 -17.71 24.03 -61.95
N ALA L 61 -16.87 24.25 -62.95
CA ALA L 61 -15.82 25.25 -62.83
C ALA L 61 -16.42 26.65 -62.91
N ASP L 62 -15.56 27.65 -62.69
CA ASP L 62 -16.03 29.04 -62.71
C ASP L 62 -16.52 29.44 -64.08
N ASP L 63 -15.89 28.94 -65.14
CA ASP L 63 -16.26 29.28 -66.51
C ASP L 63 -17.49 28.51 -66.99
N PHE L 64 -18.05 27.62 -66.18
CA PHE L 64 -19.19 26.82 -66.59
C PHE L 64 -20.36 26.91 -65.62
N LYS L 65 -20.32 27.83 -64.67
CA LYS L 65 -21.40 27.97 -63.70
C LYS L 65 -22.59 28.68 -64.35
N GLY L 66 -23.78 28.07 -64.20
CA GLY L 66 -24.99 28.68 -64.70
C GLY L 66 -25.66 27.92 -65.83
N ARG L 67 -25.11 28.03 -67.03
CA ARG L 67 -25.72 27.44 -68.22
C ARG L 67 -25.44 25.95 -68.37
N PHE L 68 -24.72 25.33 -67.42
CA PHE L 68 -24.34 23.93 -67.51
C PHE L 68 -24.90 23.17 -66.33
N ALA L 69 -25.64 22.09 -66.61
CA ALA L 69 -26.22 21.23 -65.60
C ALA L 69 -25.77 19.80 -65.81
N LEU L 70 -25.76 19.02 -64.73
CA LEU L 70 -25.29 17.64 -64.77
C LEU L 70 -26.26 16.77 -63.98
N SER L 71 -26.78 15.73 -64.62
CA SER L 71 -27.73 14.82 -64.01
C SER L 71 -27.22 13.39 -64.16
N LEU L 72 -27.99 12.43 -63.66
CA LEU L 72 -27.62 11.02 -63.70
C LEU L 72 -28.86 10.18 -63.95
N GLU L 73 -28.65 8.87 -64.12
CA GLU L 73 -29.74 7.91 -64.23
C GLU L 73 -29.20 6.56 -63.78
N THR L 74 -29.48 6.20 -62.52
CA THR L 74 -28.93 4.97 -61.96
C THR L 74 -29.50 3.74 -62.65
N SER L 75 -30.74 3.80 -63.13
CA SER L 75 -31.34 2.65 -63.79
C SER L 75 -30.62 2.32 -65.10
N ALA L 76 -30.30 3.34 -65.89
CA ALA L 76 -29.60 3.13 -67.15
C ALA L 76 -28.08 3.22 -67.02
N SER L 77 -27.57 3.60 -65.85
CA SER L 77 -26.13 3.70 -65.59
C SER L 77 -25.46 4.64 -66.60
N SER L 78 -25.97 5.87 -66.64
CA SER L 78 -25.48 6.86 -67.59
C SER L 78 -25.51 8.24 -66.95
N ALA L 79 -24.73 9.15 -67.53
CA ALA L 79 -24.67 10.54 -67.10
C ALA L 79 -25.14 11.44 -68.24
N PHE L 80 -25.49 12.68 -67.89
CA PHE L 80 -26.04 13.62 -68.84
C PHE L 80 -25.43 15.00 -68.66
N LEU L 81 -25.15 15.68 -69.77
CA LEU L 81 -24.69 17.05 -69.78
C LEU L 81 -25.70 17.91 -70.51
N GLN L 82 -26.18 18.96 -69.85
CA GLN L 82 -27.16 19.87 -70.41
C GLN L 82 -26.59 21.28 -70.46
N ILE L 83 -26.63 21.88 -71.65
CA ILE L 83 -26.14 23.24 -71.86
C ILE L 83 -27.33 24.13 -72.21
N ASN L 84 -27.48 25.22 -71.46
CA ASN L 84 -28.57 26.16 -71.68
C ASN L 84 -28.05 27.40 -72.41
N ASN L 85 -28.86 27.89 -73.34
CA ASN L 85 -28.50 29.05 -74.16
C ASN L 85 -27.15 28.85 -74.85
N LEU L 86 -27.18 27.98 -75.87
CA LEU L 86 -25.96 27.63 -76.59
C LEU L 86 -25.42 28.83 -77.35
N LYS L 87 -24.12 29.06 -77.25
CA LYS L 87 -23.45 30.15 -77.94
C LYS L 87 -22.52 29.59 -79.02
N ASN L 88 -22.04 30.49 -79.88
CA ASN L 88 -21.14 30.09 -80.94
C ASN L 88 -19.84 29.52 -80.40
N GLU L 89 -19.41 29.96 -79.21
CA GLU L 89 -18.20 29.44 -78.59
C GLU L 89 -18.39 28.05 -78.01
N ASP L 90 -19.64 27.56 -77.93
CA ASP L 90 -19.89 26.22 -77.41
C ASP L 90 -19.67 25.12 -78.45
N THR L 91 -19.42 25.49 -79.71
CA THR L 91 -19.15 24.49 -80.75
C THR L 91 -17.81 23.83 -80.47
N ALA L 92 -17.85 22.60 -79.99
CA ALA L 92 -16.65 21.87 -79.62
C ALA L 92 -17.01 20.39 -79.46
N THR L 93 -16.02 19.58 -79.09
CA THR L 93 -16.22 18.17 -78.83
C THR L 93 -16.24 17.94 -77.32
N TYR L 94 -17.31 17.31 -76.83
CA TYR L 94 -17.52 17.10 -75.41
C TYR L 94 -17.25 15.64 -75.08
N PHE L 95 -16.32 15.41 -74.16
CA PHE L 95 -15.90 14.08 -73.76
C PHE L 95 -16.43 13.76 -72.36
N CYS L 96 -16.87 12.53 -72.17
CA CYS L 96 -17.23 12.04 -70.85
C CYS L 96 -16.13 11.10 -70.35
N ALA L 97 -15.65 11.35 -69.14
CA ALA L 97 -14.56 10.59 -68.55
C ALA L 97 -15.01 9.95 -67.25
N SER L 98 -14.48 8.76 -66.97
CA SER L 98 -14.86 8.02 -65.79
C SER L 98 -14.05 8.48 -64.58
N GLY L 99 -13.08 7.67 -64.16
CA GLY L 99 -12.29 7.98 -62.98
C GLY L 99 -12.28 6.87 -61.96
N ILE L 100 -12.07 5.63 -62.43
CA ILE L 100 -12.07 4.46 -61.57
C ILE L 100 -10.83 4.43 -60.69
N ARG L 101 -9.66 4.21 -61.30
CA ARG L 101 -8.41 4.12 -60.56
C ARG L 101 -7.76 5.48 -60.35
N HIS L 102 -7.76 6.34 -61.38
CA HIS L 102 -7.18 7.66 -61.30
C HIS L 102 -8.16 8.66 -61.91
N ALA L 103 -7.84 9.95 -61.75
CA ALA L 103 -8.71 11.00 -62.25
C ALA L 103 -8.76 10.97 -63.77
N MET L 104 -9.97 10.82 -64.32
CA MET L 104 -10.20 10.88 -65.76
C MET L 104 -9.42 9.80 -66.52
N ASP L 105 -9.61 8.56 -66.10
CA ASP L 105 -9.10 7.42 -66.86
C ASP L 105 -10.23 6.75 -67.62
N TYR L 106 -9.88 6.11 -68.74
CA TYR L 106 -10.86 5.49 -69.63
C TYR L 106 -11.89 6.50 -70.11
N TRP L 107 -11.57 7.23 -71.17
CA TRP L 107 -12.52 8.19 -71.75
C TRP L 107 -13.55 7.46 -72.60
N GLY L 108 -14.26 8.19 -73.46
CA GLY L 108 -15.28 7.54 -74.26
C GLY L 108 -15.85 8.35 -75.40
N GLN L 109 -15.58 7.90 -76.64
CA GLN L 109 -16.17 8.47 -77.84
C GLN L 109 -15.94 9.98 -77.95
N GLY L 110 -16.95 10.77 -77.56
CA GLY L 110 -16.87 12.21 -77.67
C GLY L 110 -17.95 12.78 -78.57
N THR L 111 -18.86 13.54 -77.99
CA THR L 111 -19.96 14.15 -78.74
C THR L 111 -19.57 15.56 -79.16
N SER L 112 -19.65 15.83 -80.46
CA SER L 112 -19.32 17.14 -81.01
C SER L 112 -20.59 17.81 -81.48
N VAL L 113 -20.90 18.96 -80.89
CA VAL L 113 -22.07 19.75 -81.27
C VAL L 113 -21.60 20.97 -82.04
N THR L 114 -22.46 21.45 -82.94
CA THR L 114 -22.17 22.63 -83.76
C THR L 114 -23.27 23.66 -83.52
N VAL L 115 -22.88 24.81 -82.95
CA VAL L 115 -23.79 25.90 -82.68
C VAL L 115 -23.54 26.99 -83.71
N SER L 116 -24.45 27.12 -84.67
CA SER L 116 -24.30 28.08 -85.76
C SER L 116 -25.66 28.32 -86.38
N ALA L 117 -25.72 29.35 -87.22
CA ALA L 117 -26.94 29.65 -87.97
C ALA L 117 -27.29 28.46 -88.85
N ALA L 118 -28.14 27.57 -88.34
CA ALA L 118 -28.44 26.31 -89.03
C ALA L 118 -29.10 26.58 -90.37
N LYS L 119 -28.49 26.06 -91.44
CA LYS L 119 -29.06 26.17 -92.77
C LYS L 119 -28.48 25.03 -93.60
N THR L 120 -29.26 23.95 -93.74
CA THR L 120 -28.82 22.75 -94.46
C THR L 120 -28.68 23.08 -95.93
N THR L 121 -27.52 23.62 -96.30
CA THR L 121 -27.37 23.98 -97.71
C THR L 121 -26.54 22.92 -98.44
N PRO L 122 -26.94 22.56 -99.65
CA PRO L 122 -26.16 21.60 -100.43
C PRO L 122 -24.85 22.21 -100.89
N PRO L 123 -23.84 21.39 -101.18
CA PRO L 123 -22.55 21.93 -101.61
C PRO L 123 -22.55 22.30 -103.08
N SER L 124 -21.85 23.40 -103.39
CA SER L 124 -21.64 23.84 -104.76
C SER L 124 -20.29 23.30 -105.23
N VAL L 125 -20.30 22.49 -106.28
CA VAL L 125 -19.11 21.81 -106.77
C VAL L 125 -18.72 22.40 -108.12
N TYR L 126 -17.46 22.80 -108.24
CA TYR L 126 -16.92 23.38 -109.46
C TYR L 126 -15.67 22.61 -109.87
N PRO L 127 -15.58 22.15 -111.12
CA PRO L 127 -14.41 21.40 -111.54
C PRO L 127 -13.19 22.29 -111.68
N LEU L 128 -12.02 21.72 -111.38
CA LEU L 128 -10.74 22.42 -111.47
C LEU L 128 -9.85 21.71 -112.47
N ALA L 129 -9.54 22.40 -113.57
CA ALA L 129 -8.69 21.89 -114.62
C ALA L 129 -7.64 22.93 -114.99
N PRO L 130 -6.49 22.50 -115.52
CA PRO L 130 -5.47 23.47 -115.92
C PRO L 130 -5.97 24.38 -117.04
N GLY L 131 -5.30 25.51 -117.20
CA GLY L 131 -5.70 26.49 -118.20
C GLY L 131 -5.59 25.96 -119.61
N SER L 132 -6.25 26.67 -120.54
CA SER L 132 -6.23 26.28 -121.93
C SER L 132 -4.84 26.37 -122.55
N ALA L 133 -3.96 27.20 -121.98
CA ALA L 133 -2.58 27.32 -122.45
C ALA L 133 -1.60 26.97 -121.35
N ALA L 134 -1.99 26.06 -120.45
CA ALA L 134 -1.11 25.64 -119.37
C ALA L 134 -0.13 24.58 -119.86
N GLN L 135 1.05 24.56 -119.23
CA GLN L 135 2.09 23.62 -119.61
C GLN L 135 1.72 22.20 -119.19
N THR L 136 2.05 21.24 -120.05
CA THR L 136 1.77 19.82 -119.79
C THR L 136 3.06 19.13 -119.39
N ASN L 137 3.05 18.52 -118.20
CA ASN L 137 4.22 17.84 -117.68
C ASN L 137 3.98 16.32 -117.69
N SER L 138 4.80 15.59 -116.92
CA SER L 138 4.64 14.14 -116.84
C SER L 138 3.39 13.76 -116.05
N MET L 139 3.15 14.44 -114.94
CA MET L 139 1.99 14.20 -114.09
C MET L 139 1.08 15.42 -114.14
N VAL L 140 -0.19 15.20 -114.46
CA VAL L 140 -1.18 16.26 -114.53
C VAL L 140 -2.01 16.23 -113.25
N THR L 141 -2.22 17.39 -112.65
CA THR L 141 -2.96 17.52 -111.41
C THR L 141 -4.37 18.03 -111.71
N LEU L 142 -5.37 17.34 -111.18
CA LEU L 142 -6.75 17.75 -111.30
C LEU L 142 -7.33 18.05 -109.92
N GLY L 143 -8.35 18.90 -109.89
CA GLY L 143 -8.95 19.34 -108.64
C GLY L 143 -10.47 19.26 -108.69
N CYS L 144 -11.07 19.64 -107.57
CA CYS L 144 -12.52 19.62 -107.42
C CYS L 144 -12.88 20.51 -106.24
N LEU L 145 -13.42 21.69 -106.51
CA LEU L 145 -13.71 22.68 -105.48
C LEU L 145 -15.11 22.49 -104.94
N VAL L 146 -15.23 22.46 -103.62
CA VAL L 146 -16.52 22.35 -102.93
C VAL L 146 -16.67 23.59 -102.06
N LYS L 147 -17.63 24.44 -102.41
CA LYS L 147 -17.80 25.73 -101.76
C LYS L 147 -19.24 25.90 -101.31
N GLY L 148 -19.42 26.53 -100.14
CA GLY L 148 -20.73 26.92 -99.66
C GLY L 148 -21.62 25.76 -99.24
N TYR L 149 -21.19 25.00 -98.23
CA TYR L 149 -22.00 23.93 -97.68
C TYR L 149 -21.97 24.00 -96.15
N PHE L 150 -23.03 23.45 -95.54
CA PHE L 150 -23.16 23.46 -94.09
C PHE L 150 -24.16 22.39 -93.69
N PRO L 151 -23.87 21.59 -92.65
CA PRO L 151 -22.66 21.59 -91.83
C PRO L 151 -21.64 20.55 -92.27
N GLU L 152 -20.58 20.36 -91.49
CA GLU L 152 -19.57 19.35 -91.78
C GLU L 152 -20.16 17.95 -91.59
N PRO L 153 -19.55 16.94 -92.23
CA PRO L 153 -18.42 16.99 -93.17
C PRO L 153 -18.81 16.65 -94.59
N VAL L 154 -17.82 16.43 -95.46
CA VAL L 154 -18.06 15.98 -96.83
C VAL L 154 -17.01 14.94 -97.19
N THR L 155 -17.45 13.88 -97.86
CA THR L 155 -16.57 12.80 -98.29
C THR L 155 -16.32 12.93 -99.79
N VAL L 156 -15.04 13.04 -100.16
CA VAL L 156 -14.64 13.23 -101.56
C VAL L 156 -13.91 11.99 -102.03
N THR L 157 -14.47 11.32 -103.02
CA THR L 157 -13.86 10.16 -103.65
C THR L 157 -13.68 10.43 -105.14
N TRP L 158 -12.63 9.84 -105.71
CA TRP L 158 -12.29 10.02 -107.11
C TRP L 158 -12.49 8.72 -107.88
N ASN L 159 -13.26 8.79 -108.96
CA ASN L 159 -13.55 7.63 -109.81
C ASN L 159 -14.17 6.49 -109.01
N SER L 160 -15.12 6.83 -108.14
CA SER L 160 -15.84 5.86 -107.32
C SER L 160 -14.89 5.04 -106.44
N GLY L 161 -13.83 5.68 -105.95
CA GLY L 161 -12.90 5.04 -105.06
C GLY L 161 -11.76 4.30 -105.72
N SER L 162 -11.79 4.11 -107.03
CA SER L 162 -10.70 3.40 -107.70
C SER L 162 -9.41 4.22 -107.70
N LEU L 163 -9.54 5.54 -107.64
CA LEU L 163 -8.38 6.43 -107.55
C LEU L 163 -8.12 6.74 -106.08
N SER L 164 -7.20 5.99 -105.47
CA SER L 164 -6.90 6.13 -104.05
C SER L 164 -5.60 6.88 -103.80
N SER L 165 -4.53 6.53 -104.51
CA SER L 165 -3.25 7.19 -104.32
C SER L 165 -3.27 8.59 -104.95
N GLY L 166 -2.35 9.42 -104.50
CA GLY L 166 -2.23 10.77 -105.02
C GLY L 166 -3.39 11.69 -104.72
N VAL L 167 -4.28 11.31 -103.80
CA VAL L 167 -5.44 12.12 -103.44
C VAL L 167 -5.10 12.89 -102.17
N HIS L 168 -5.41 14.19 -102.15
CA HIS L 168 -5.12 15.06 -101.01
C HIS L 168 -6.35 15.94 -100.76
N THR L 169 -7.23 15.50 -99.88
CA THR L 169 -8.43 16.25 -99.51
C THR L 169 -8.09 17.16 -98.34
N PHE L 170 -8.12 18.47 -98.57
CA PHE L 170 -7.74 19.45 -97.57
C PHE L 170 -8.90 19.74 -96.62
N PRO L 171 -8.61 20.09 -95.37
CA PRO L 171 -9.69 20.38 -94.41
C PRO L 171 -10.49 21.61 -94.83
N ALA L 172 -11.74 21.64 -94.36
CA ALA L 172 -12.64 22.74 -94.71
C ALA L 172 -12.27 24.00 -93.95
N VAL L 173 -12.68 25.14 -94.53
CA VAL L 173 -12.48 26.45 -93.92
C VAL L 173 -13.83 27.15 -93.85
N LEU L 174 -14.19 27.60 -92.65
CA LEU L 174 -15.50 28.22 -92.42
C LEU L 174 -15.42 29.71 -92.70
N GLN L 175 -16.19 30.18 -93.67
CA GLN L 175 -16.30 31.60 -93.98
C GLN L 175 -17.73 31.91 -94.39
N SER L 176 -18.26 33.01 -93.86
CA SER L 176 -19.63 33.43 -94.13
C SER L 176 -20.63 32.33 -93.77
N ASP L 177 -20.43 31.71 -92.61
CA ASP L 177 -21.28 30.65 -92.08
C ASP L 177 -21.36 29.44 -93.02
N LEU L 178 -20.36 29.27 -93.88
CA LEU L 178 -20.33 28.17 -94.83
C LEU L 178 -18.93 27.60 -94.89
N TYR L 179 -18.85 26.29 -95.15
CA TYR L 179 -17.57 25.60 -95.27
C TYR L 179 -17.15 25.53 -96.74
N THR L 180 -15.84 25.46 -96.94
CA THR L 180 -15.26 25.36 -98.28
C THR L 180 -14.11 24.37 -98.24
N LEU L 181 -14.15 23.39 -99.15
CA LEU L 181 -13.17 22.31 -99.16
C LEU L 181 -12.69 22.09 -100.60
N SER L 182 -11.41 21.74 -100.73
CA SER L 182 -10.81 21.46 -102.02
C SER L 182 -10.07 20.12 -101.95
N SER L 183 -9.94 19.47 -103.10
CA SER L 183 -9.28 18.18 -103.18
C SER L 183 -8.53 18.07 -104.50
N SER L 184 -7.36 17.45 -104.46
CA SER L 184 -6.50 17.31 -105.62
C SER L 184 -6.18 15.84 -105.87
N VAL L 185 -5.89 15.53 -107.12
CA VAL L 185 -5.51 14.18 -107.54
C VAL L 185 -4.38 14.29 -108.55
N THR L 186 -3.41 13.38 -108.47
CA THR L 186 -2.27 13.35 -109.38
C THR L 186 -2.34 12.08 -110.21
N VAL L 187 -2.46 12.26 -111.53
CA VAL L 187 -2.56 11.15 -112.47
C VAL L 187 -1.52 11.33 -113.57
N PRO L 188 -1.07 10.27 -114.23
CA PRO L 188 -0.13 10.42 -115.34
C PRO L 188 -0.76 11.17 -116.51
N SER L 189 0.11 11.77 -117.32
CA SER L 189 -0.36 12.50 -118.49
C SER L 189 -0.97 11.58 -119.54
N SER L 190 -0.55 10.32 -119.58
CA SER L 190 -1.07 9.36 -120.53
C SER L 190 -2.46 8.85 -120.16
N THR L 191 -3.00 9.24 -119.00
CA THR L 191 -4.32 8.82 -118.57
C THR L 191 -5.39 9.90 -118.69
N TRP L 192 -5.00 11.16 -118.82
CA TRP L 192 -5.95 12.26 -118.93
C TRP L 192 -5.49 13.20 -120.05
N PRO L 193 -6.43 13.69 -120.88
CA PRO L 193 -7.88 13.44 -120.86
C PRO L 193 -8.28 12.20 -121.65
N SER L 194 -7.38 11.21 -121.80
CA SER L 194 -7.74 10.00 -122.53
C SER L 194 -8.77 9.17 -121.76
N GLU L 195 -8.70 9.17 -120.43
CA GLU L 195 -9.66 8.47 -119.59
C GLU L 195 -10.41 9.46 -118.73
N THR L 196 -11.70 9.20 -118.51
CA THR L 196 -12.54 10.11 -117.74
C THR L 196 -12.15 10.10 -116.27
N VAL L 197 -12.11 11.29 -115.67
CA VAL L 197 -11.78 11.46 -114.25
C VAL L 197 -12.90 12.25 -113.61
N THR L 198 -13.53 11.69 -112.58
CA THR L 198 -14.66 12.31 -111.91
C THR L 198 -14.40 12.37 -110.41
N CYS L 199 -14.81 13.47 -109.78
CA CYS L 199 -14.72 13.64 -108.34
C CYS L 199 -16.10 13.49 -107.73
N ASN L 200 -16.25 12.50 -106.84
CA ASN L 200 -17.53 12.20 -106.21
C ASN L 200 -17.53 12.78 -104.80
N VAL L 201 -18.34 13.82 -104.58
CA VAL L 201 -18.49 14.43 -103.27
C VAL L 201 -19.86 14.03 -102.71
N ALA L 202 -19.94 13.98 -101.38
CA ALA L 202 -21.16 13.60 -100.71
C ALA L 202 -21.37 14.47 -99.49
N HIS L 203 -22.60 14.94 -99.30
CA HIS L 203 -22.99 15.75 -98.14
C HIS L 203 -24.19 15.06 -97.49
N PRO L 204 -23.94 14.16 -96.53
CA PRO L 204 -25.05 13.40 -95.94
C PRO L 204 -26.03 14.25 -95.16
N ALA L 205 -25.64 15.44 -94.70
CA ALA L 205 -26.57 16.29 -93.96
C ALA L 205 -27.73 16.74 -94.84
N SER L 206 -27.46 17.02 -96.11
CA SER L 206 -28.49 17.39 -97.07
C SER L 206 -28.78 16.28 -98.07
N SER L 207 -28.20 15.10 -97.86
CA SER L 207 -28.37 13.94 -98.73
C SER L 207 -27.96 14.21 -100.17
N THR L 208 -27.10 15.21 -100.40
CA THR L 208 -26.70 15.60 -101.73
C THR L 208 -25.42 14.85 -102.12
N LYS L 209 -25.44 14.25 -103.32
CA LYS L 209 -24.28 13.52 -103.82
C LYS L 209 -24.18 13.77 -105.32
N VAL L 210 -23.17 14.53 -105.74
CA VAL L 210 -23.00 14.92 -107.13
C VAL L 210 -21.77 14.25 -107.70
N ASP L 211 -21.70 14.19 -109.03
CA ASP L 211 -20.58 13.61 -109.76
C ASP L 211 -20.18 14.57 -110.87
N LYS L 212 -19.08 15.30 -110.65
CA LYS L 212 -18.59 16.29 -111.61
C LYS L 212 -17.42 15.70 -112.39
N LYS L 213 -17.51 15.76 -113.72
CA LYS L 213 -16.47 15.26 -114.60
C LYS L 213 -15.51 16.38 -114.96
N ILE L 214 -14.21 16.11 -114.87
CA ILE L 214 -13.17 17.10 -115.17
C ILE L 214 -12.93 17.08 -116.67
N VAL L 215 -13.46 18.09 -117.36
CA VAL L 215 -13.28 18.24 -118.80
C VAL L 215 -12.29 19.38 -119.04
N PRO L 216 -11.31 19.22 -119.95
CA PRO L 216 -10.34 20.29 -120.20
C PRO L 216 -10.98 21.55 -120.75
N ARG L 217 -10.18 22.60 -120.93
CA ARG L 217 -10.68 23.87 -121.41
C ARG L 217 -10.28 24.13 -122.86
#